data_7KH0
#
_entry.id   7KH0
#
_cell.length_a   1.00
_cell.length_b   1.00
_cell.length_c   1.00
_cell.angle_alpha   90.00
_cell.angle_beta   90.00
_cell.angle_gamma   90.00
#
_symmetry.space_group_name_H-M   'P 1'
#
loop_
_entity.id
_entity.type
_entity.pdbx_description
1 polymer 'Vasopressin V2 receptor'
2 polymer 'Guanine nucleotide-binding protein G(I)/G(S)/G(T) subunit beta-1'
3 polymer 'Guanine nucleotide-binding protein G(i) subunit alpha-3, Isoform Gnas-2 of Guanine nucleotide-binding protein G(s) subunit alpha isoforms short fusion'
4 polymer Arg-vasopressin
5 polymer 'Guanine nucleotide-binding protein G(I)/G(S)/G(O) subunit gamma-2'
6 polymer 'Single Fab chain (scFv16)'
7 polymer 'Nanobody 35'
#
loop_
_entity_poly.entity_id
_entity_poly.type
_entity_poly.pdbx_seq_one_letter_code
_entity_poly.pdbx_strand_id
1 'polypeptide(L)'
;DYKDDDDVDMLMASTTSAVPGHPSLPSLPSNSSQERPLDTRDPLLARAELALLSIVFVAVALSNGLVLAALARRGRRGHW
APIHVFIGHLCLADLAVALFQVLPQLAWKATDRFRGPDALCRAVKYLQMVGMYASSYMILAMTLDRHRAICRPMLAYRHG
SGAHWNRPVLVAWAFSLLLSLPQLFIFAQRNVEGGSGVTDCWACFAEPWGRRTYVTWIALMVFVAPTLGIAACQVLIFRE
IHASLVPGPSERPGGRRRGRRTGSPGEGAHVSAAVAKTVRMTLVIVVVYVLCWAPFFLVQLWAAWDPEAPLEGAPFVLLM
LLASLNSCTNPWIYASFSSSVSSELRSLLCCARGRTPPSLGPQDESCTTASSSLAKDTSSAAALEVLFQ
;
R
2 'polypeptide(L)'
;HHHHHHGSLLQSELDQLRQEAEQLKNQIRDARKACADATLSQITNNIDPVGRIQMRTRRTLRGHLAKIYAMHWGTDSRLL
VSASQDGKLIIWDSYTTNKVHAIPLRSSWVMTCAYAPSGNYVACGGLDNICSIYNLKTREGNVRVSRELAGHTGYLSCCR
FLDDNQIVTSSGDTTCALWDIETGQQTTTFTGHTGDVMSLSLAPDTRLFVSGACDASAKLWDVREGMCRQTFTGHESDIN
AICFFPNGNAFATGSDDATCRLFDLRADQELMTYSHDNIICGITSVSFSKSGRLLLAGYDDFNCNVWDALKADRAGVLAG
HDNRVSCLGVTDDGMAVATGSWDSFLKIWN
;
B
3 'polypeptide(L)'
;GCTLSAEDKAAVERSKMIEKQLQKDKQVYRATHRLLLLGAGESGKSTIVKQMRILHVNGFNGDSEKATKVQDIKNNLKEA
IETIVAAMSNLVPPVELANPENQFRVDYILSVMNVPDFDFPPEFYEHAKALWEDEGVRACYERSNEYQLIDCAQYFLDKI
DVIKQDDYVPSDQDLLRCRVLTSGIFETKFQVDKVNFHMFDVGGQRDERRKWIQCFNDVTAIIFVVASSSYNMVIREDNQ
TNRLQEALNLFKSIWNNRWLRTISVILFLNKQDLLAEKVLAGKSKIEDYFPEFARYTTPEDATPEPGEDPRVTRAKYFIR
DEFLRISTASGDGRHYCYPHFTCAVDTENIRRVFNDCRDIIQRMHLRQYELL
;
A
4 'polypeptide(L)' CYFQNCPRG(NH2) L
5 'polypeptide(L)' ASNNTASIAQARKLVEQLKMEANIDRIKVSKAAADLMAYCEAHAKEDPLLTPVPASENPFREKKFFC G
6 'polypeptide(L)'
;DVQLVESGGGLVQPGGSRKLSCSASGFAFSSFGMHWVRQAPEKGLEWVAYISSGSGTIYYADTVKGRFTISRDDPKNTLF
LQMTSLRSEDTAMYYCVRSIYYYGSSPFDFWGQGTTLTVSSGGGGSGGGGSGGGGSDIVMTQATSSVPVTPGLSVSISCR
SSKSLLHSNGNTYLYWFLQRPGQSPQLLIYRMSNLASGVPDRFSGSGSGTAFTLTISRLEAEDVGVYYCMQHLEYPLTFG
AGTKLELK
;
S
7 'polypeptide(L)'
;QVQLQESGGGLVQPGGSLRLSCAASGFTFSNYKMNWVRQAPGKGLEWVSDISQSGASISYTGSVKGRFTISRDNAKNTLY
LQMNSLKPEDTAVYYCARCPAPFTRDCFDVTSTTYAYRGQGTQVTVSSHHHHHH
;
N
#
# COMPACT_ATOMS: atom_id res chain seq x y z
N ARG A 41 32.53 56.16 -6.61
CA ARG A 41 31.72 56.97 -5.67
C ARG A 41 30.50 57.51 -6.40
N ASP A 42 30.48 57.42 -7.73
CA ASP A 42 29.36 57.95 -8.55
C ASP A 42 28.01 57.59 -7.89
N PRO A 43 27.20 58.56 -7.37
CA PRO A 43 25.89 58.22 -6.78
C PRO A 43 24.90 57.63 -7.78
N LEU A 44 24.91 58.12 -9.02
CA LEU A 44 23.95 57.61 -10.00
C LEU A 44 24.25 56.16 -10.37
N LEU A 45 25.53 55.82 -10.55
CA LEU A 45 25.91 54.45 -10.83
C LEU A 45 25.59 53.53 -9.66
N ALA A 46 25.84 54.00 -8.43
CA ALA A 46 25.50 53.21 -7.26
C ALA A 46 24.00 52.97 -7.17
N ARG A 47 23.19 53.99 -7.44
CA ARG A 47 21.75 53.82 -7.41
C ARG A 47 21.30 52.81 -8.48
N ALA A 48 21.85 52.92 -9.69
CA ALA A 48 21.47 52.00 -10.75
C ALA A 48 21.84 50.55 -10.41
N GLU A 49 23.05 50.35 -9.88
CA GLU A 49 23.47 48.99 -9.56
C GLU A 49 22.70 48.43 -8.37
N LEU A 50 22.35 49.27 -7.39
CA LEU A 50 21.49 48.83 -6.31
C LEU A 50 20.13 48.39 -6.85
N ALA A 51 19.57 49.15 -7.79
CA ALA A 51 18.30 48.77 -8.40
C ALA A 51 18.42 47.44 -9.13
N LEU A 52 19.51 47.25 -9.87
CA LEU A 52 19.72 45.99 -10.59
C LEU A 52 19.81 44.82 -9.63
N LEU A 53 20.58 44.97 -8.55
CA LEU A 53 20.73 43.90 -7.58
C LEU A 53 19.38 43.57 -6.93
N SER A 54 18.61 44.60 -6.58
CA SER A 54 17.31 44.36 -5.98
C SER A 54 16.38 43.62 -6.95
N ILE A 55 16.40 44.01 -8.23
CA ILE A 55 15.55 43.35 -9.21
C ILE A 55 15.89 41.88 -9.32
N VAL A 56 17.19 41.57 -9.46
CA VAL A 56 17.55 40.17 -9.63
C VAL A 56 17.23 39.37 -8.36
N PHE A 57 17.43 40.00 -7.19
CA PHE A 57 17.13 39.29 -5.93
C PHE A 57 15.66 38.95 -5.83
N VAL A 58 14.79 39.93 -6.06
CA VAL A 58 13.35 39.68 -5.93
C VAL A 58 12.90 38.65 -6.98
N ALA A 59 13.43 38.74 -8.20
CA ALA A 59 13.03 37.81 -9.24
C ALA A 59 13.38 36.38 -8.87
N VAL A 60 14.64 36.13 -8.50
CA VAL A 60 15.06 34.77 -8.18
C VAL A 60 14.30 34.26 -6.96
N ALA A 61 14.12 35.11 -5.94
CA ALA A 61 13.44 34.68 -4.73
C ALA A 61 12.00 34.27 -5.03
N LEU A 62 11.25 35.11 -5.74
CA LEU A 62 9.86 34.78 -6.01
C LEU A 62 9.74 33.54 -6.88
N SER A 63 10.58 33.42 -7.91
CA SER A 63 10.49 32.27 -8.80
C SER A 63 10.75 30.98 -8.05
N ASN A 64 11.85 30.92 -7.30
CA ASN A 64 12.17 29.70 -6.57
C ASN A 64 11.14 29.40 -5.49
N GLY A 65 10.63 30.43 -4.81
CA GLY A 65 9.62 30.19 -3.80
C GLY A 65 8.35 29.58 -4.36
N LEU A 66 7.85 30.14 -5.47
CA LEU A 66 6.62 29.61 -6.04
C LEU A 66 6.82 28.20 -6.57
N VAL A 67 7.97 27.94 -7.21
CA VAL A 67 8.22 26.60 -7.73
C VAL A 67 8.31 25.60 -6.59
N LEU A 68 9.01 25.95 -5.51
CA LEU A 68 9.14 25.04 -4.38
C LEU A 68 7.80 24.79 -3.70
N ALA A 69 6.95 25.82 -3.63
CA ALA A 69 5.63 25.63 -3.05
C ALA A 69 4.79 24.67 -3.88
N ALA A 70 4.82 24.83 -5.22
CA ALA A 70 4.08 23.89 -6.08
C ALA A 70 4.63 22.48 -5.93
N LEU A 71 5.95 22.35 -5.82
CA LEU A 71 6.55 21.03 -5.63
C LEU A 71 6.10 20.40 -4.33
N ALA A 72 6.04 21.19 -3.24
CA ALA A 72 5.59 20.66 -1.97
C ALA A 72 4.14 20.22 -2.03
N ARG A 73 3.29 21.01 -2.69
CA ARG A 73 1.89 20.63 -2.84
C ARG A 73 1.76 19.32 -3.61
N ARG A 74 2.52 19.16 -4.69
CA ARG A 74 2.49 17.90 -5.43
C ARG A 74 2.99 16.75 -4.57
N GLY A 75 4.06 16.97 -3.81
CA GLY A 75 4.64 15.90 -3.02
C GLY A 75 3.75 15.41 -1.90
N ARG A 76 3.03 16.34 -1.24
CA ARG A 76 2.18 15.92 -0.13
C ARG A 76 0.92 15.20 -0.60
N ARG A 77 0.58 15.30 -1.87
CA ARG A 77 -0.64 14.70 -2.40
C ARG A 77 -0.41 13.34 -3.03
N GLY A 78 0.75 12.73 -2.80
CA GLY A 78 1.04 11.43 -3.36
C GLY A 78 2.52 11.08 -3.26
N HIS A 79 3.04 10.44 -4.29
CA HIS A 79 4.45 10.10 -4.37
C HIS A 79 5.19 11.14 -5.20
N TRP A 80 6.43 11.43 -4.79
CA TRP A 80 7.27 12.36 -5.53
C TRP A 80 8.30 11.57 -6.34
N ALA A 81 8.32 11.83 -7.64
CA ALA A 81 9.23 11.17 -8.56
C ALA A 81 10.65 11.67 -8.34
N PRO A 82 11.65 10.87 -8.74
CA PRO A 82 13.05 11.32 -8.58
C PRO A 82 13.37 12.61 -9.31
N ILE A 83 12.63 12.96 -10.36
CA ILE A 83 12.83 14.25 -11.01
C ILE A 83 12.44 15.38 -10.07
N HIS A 84 11.37 15.17 -9.28
CA HIS A 84 10.91 16.20 -8.36
C HIS A 84 11.93 16.48 -7.28
N VAL A 85 12.58 15.43 -6.75
CA VAL A 85 13.61 15.61 -5.74
C VAL A 85 14.69 16.55 -6.25
N PHE A 86 15.19 16.29 -7.46
CA PHE A 86 16.30 17.08 -7.97
C PHE A 86 15.87 18.49 -8.34
N ILE A 87 14.68 18.68 -8.92
CA ILE A 87 14.29 20.04 -9.26
C ILE A 87 14.05 20.84 -7.99
N GLY A 88 13.49 20.22 -6.94
CA GLY A 88 13.33 20.91 -5.68
C GLY A 88 14.66 21.25 -5.03
N HIS A 89 15.62 20.32 -5.06
CA HIS A 89 16.93 20.61 -4.50
C HIS A 89 17.63 21.72 -5.26
N LEU A 90 17.50 21.74 -6.59
CA LEU A 90 18.06 22.84 -7.37
C LEU A 90 17.41 24.16 -6.98
N CYS A 91 16.09 24.18 -6.81
CA CYS A 91 15.43 25.41 -6.40
C CYS A 91 15.89 25.87 -5.02
N LEU A 92 16.07 24.93 -4.10
CA LEU A 92 16.56 25.27 -2.77
C LEU A 92 17.97 25.85 -2.83
N ALA A 93 18.86 25.23 -3.60
CA ALA A 93 20.21 25.76 -3.76
C ALA A 93 20.17 27.13 -4.40
N ASP A 94 19.27 27.34 -5.36
CA ASP A 94 19.15 28.64 -6.01
C ASP A 94 18.68 29.71 -5.03
N LEU A 95 17.72 29.36 -4.16
CA LEU A 95 17.28 30.31 -3.14
C LEU A 95 18.42 30.63 -2.18
N ALA A 96 19.23 29.64 -1.84
CA ALA A 96 20.42 29.89 -1.04
C ALA A 96 21.37 30.85 -1.75
N VAL A 97 21.56 30.64 -3.05
CA VAL A 97 22.37 31.57 -3.85
C VAL A 97 21.85 32.97 -3.69
N ALA A 98 20.54 33.14 -3.87
CA ALA A 98 19.93 34.46 -3.76
C ALA A 98 20.24 35.08 -2.40
N LEU A 99 19.81 34.43 -1.34
CA LEU A 99 19.88 35.02 0.00
C LEU A 99 21.32 35.31 0.39
N PHE A 100 22.23 34.36 0.16
CA PHE A 100 23.59 34.47 0.67
C PHE A 100 24.55 35.12 -0.31
N GLN A 101 24.10 35.52 -1.49
CA GLN A 101 24.98 36.19 -2.44
C GLN A 101 24.51 37.59 -2.81
N VAL A 102 23.24 37.74 -3.20
CA VAL A 102 22.81 39.05 -3.70
C VAL A 102 22.63 40.03 -2.56
N LEU A 103 22.07 39.59 -1.43
CA LEU A 103 21.77 40.47 -0.30
C LEU A 103 23.02 41.11 0.30
N PRO A 104 24.07 40.35 0.64
CA PRO A 104 25.28 41.02 1.18
C PRO A 104 25.88 42.01 0.22
N GLN A 105 25.93 41.69 -1.07
CA GLN A 105 26.40 42.65 -2.06
C GLN A 105 25.48 43.86 -2.12
N LEU A 106 24.17 43.62 -2.05
CA LEU A 106 23.19 44.71 -2.06
C LEU A 106 23.49 45.69 -0.93
N ALA A 107 23.60 45.19 0.29
CA ALA A 107 23.85 46.07 1.44
C ALA A 107 25.21 46.75 1.34
N TRP A 108 26.24 46.00 0.94
CA TRP A 108 27.58 46.58 0.85
C TRP A 108 27.62 47.73 -0.15
N LYS A 109 27.04 47.54 -1.34
CA LYS A 109 27.08 48.60 -2.33
C LYS A 109 26.12 49.73 -1.97
N ALA A 110 25.14 49.45 -1.11
CA ALA A 110 24.28 50.55 -0.63
C ALA A 110 25.07 51.44 0.33
N THR A 111 25.66 50.84 1.37
CA THR A 111 26.43 51.61 2.38
C THR A 111 27.66 52.26 1.74
N ASP A 112 28.19 51.69 0.65
CA ASP A 112 29.41 52.20 -0.05
C ASP A 112 30.65 51.86 0.77
N ARG A 113 30.48 51.14 1.89
CA ARG A 113 31.63 50.70 2.73
C ARG A 113 31.13 49.57 3.64
N PHE A 114 32.02 48.85 4.30
CA PHE A 114 31.56 47.82 5.28
C PHE A 114 31.81 48.33 6.69
N ARG A 115 30.80 48.27 7.56
CA ARG A 115 30.95 48.75 8.97
C ARG A 115 31.14 47.57 9.92
N GLY A 116 31.20 46.34 9.42
CA GLY A 116 31.28 45.13 10.28
C GLY A 116 32.69 44.77 10.71
N PRO A 117 32.89 43.75 11.57
CA PRO A 117 34.22 43.25 11.92
C PRO A 117 34.91 42.45 10.80
N ASP A 118 36.21 42.20 10.92
CA ASP A 118 36.98 41.51 9.84
C ASP A 118 36.50 40.08 9.58
N ALA A 119 36.20 39.28 10.62
CA ALA A 119 35.81 37.87 10.38
C ALA A 119 34.61 37.83 9.44
N LEU A 120 33.62 38.69 9.67
CA LEU A 120 32.44 38.81 8.82
C LEU A 120 32.82 38.94 7.35
N CYS A 121 33.92 39.61 7.03
CA CYS A 121 34.37 39.64 5.64
C CYS A 121 34.58 38.23 5.11
N ARG A 122 35.35 37.42 5.83
CA ARG A 122 35.64 36.07 5.38
C ARG A 122 34.37 35.24 5.27
N ALA A 123 33.50 35.34 6.28
CA ALA A 123 32.27 34.54 6.28
C ALA A 123 31.35 34.93 5.13
N VAL A 124 31.19 36.24 4.88
CA VAL A 124 30.31 36.68 3.81
C VAL A 124 30.85 36.27 2.45
N LYS A 125 32.15 36.52 2.26
CA LYS A 125 32.77 36.10 1.00
C LYS A 125 32.57 34.59 0.82
N TYR A 126 32.77 33.82 1.89
CA TYR A 126 32.55 32.36 1.80
C TYR A 126 31.10 32.06 1.49
N LEU A 127 30.16 32.78 2.12
CA LEU A 127 28.73 32.39 1.94
C LEU A 127 28.17 32.88 0.61
N GLN A 128 28.85 33.79 -0.09
CA GLN A 128 28.41 34.17 -1.43
C GLN A 128 29.17 33.45 -2.53
N MET A 129 30.23 32.71 -2.20
CA MET A 129 30.83 31.80 -3.17
C MET A 129 30.15 30.44 -3.19
N VAL A 130 29.68 29.97 -2.02
CA VAL A 130 29.15 28.63 -1.93
C VAL A 130 27.93 28.46 -2.83
N GLY A 131 27.09 29.49 -2.91
CA GLY A 131 25.91 29.40 -3.78
C GLY A 131 26.29 29.38 -5.25
N MET A 132 27.25 30.22 -5.64
CA MET A 132 27.74 30.22 -7.02
C MET A 132 28.18 28.83 -7.43
N TYR A 133 28.81 28.09 -6.51
CA TYR A 133 29.16 26.71 -6.84
C TYR A 133 27.93 25.80 -6.84
N ALA A 134 27.05 25.97 -5.85
CA ALA A 134 25.98 25.01 -5.62
C ALA A 134 24.99 24.98 -6.77
N SER A 135 24.67 26.13 -7.35
CA SER A 135 23.69 26.14 -8.43
C SER A 135 24.17 25.31 -9.62
N SER A 136 25.40 25.57 -10.08
CA SER A 136 25.95 24.83 -11.20
C SER A 136 26.04 23.34 -10.89
N TYR A 137 26.44 23.01 -9.65
CA TYR A 137 26.60 21.59 -9.37
C TYR A 137 25.26 20.87 -9.20
N MET A 138 24.21 21.56 -8.77
CA MET A 138 22.88 20.97 -8.83
C MET A 138 22.47 20.68 -10.26
N ILE A 139 22.74 21.62 -11.18
CA ILE A 139 22.41 21.37 -12.58
C ILE A 139 23.14 20.12 -13.08
N LEU A 140 24.43 20.03 -12.76
CA LEU A 140 25.21 18.87 -13.19
C LEU A 140 24.67 17.57 -12.59
N ALA A 141 24.29 17.60 -11.32
CA ALA A 141 23.76 16.40 -10.68
C ALA A 141 22.45 15.96 -11.35
N MET A 142 21.58 16.90 -11.67
CA MET A 142 20.35 16.57 -12.36
C MET A 142 20.64 15.90 -13.70
N THR A 143 21.55 16.48 -14.47
CA THR A 143 21.86 15.90 -15.78
C THR A 143 22.45 14.50 -15.65
N LEU A 144 23.34 14.31 -14.66
CA LEU A 144 23.93 12.99 -14.46
C LEU A 144 22.86 11.97 -14.05
N ASP A 145 21.89 12.39 -13.23
CA ASP A 145 20.81 11.48 -12.87
C ASP A 145 20.02 11.06 -14.10
N ARG A 146 19.70 12.02 -14.97
CA ARG A 146 18.95 11.67 -16.17
C ARG A 146 19.74 10.70 -17.05
N HIS A 147 21.04 10.96 -17.21
CA HIS A 147 21.85 10.06 -18.03
C HIS A 147 21.90 8.66 -17.44
N ARG A 148 22.05 8.55 -16.12
CA ARG A 148 22.06 7.23 -15.50
C ARG A 148 20.73 6.53 -15.69
N ALA A 149 19.62 7.27 -15.55
CA ALA A 149 18.32 6.64 -15.65
C ALA A 149 18.03 6.15 -17.06
N ILE A 150 18.59 6.81 -18.06
CA ILE A 150 18.28 6.41 -19.43
C ILE A 150 19.29 5.41 -19.98
N CYS A 151 20.59 5.68 -19.90
CA CYS A 151 21.56 4.83 -20.56
C CYS A 151 21.90 3.56 -19.79
N ARG A 152 21.65 3.52 -18.48
CA ARG A 152 21.89 2.33 -17.67
C ARG A 152 20.69 2.12 -16.76
N PRO A 153 19.64 1.50 -17.27
CA PRO A 153 18.40 1.37 -16.50
C PRO A 153 18.50 0.33 -15.40
N MET A 154 19.23 -0.75 -15.67
CA MET A 154 19.39 -1.82 -14.70
C MET A 154 20.45 -1.52 -13.65
N LEU A 155 21.28 -0.49 -13.87
CA LEU A 155 22.28 -0.14 -12.86
C LEU A 155 21.64 0.38 -11.59
N ALA A 156 20.49 1.04 -11.71
CA ALA A 156 19.74 1.46 -10.54
C ALA A 156 19.15 0.28 -9.76
N TYR A 157 19.15 -0.91 -10.34
CA TYR A 157 18.60 -2.09 -9.69
C TYR A 157 19.66 -3.12 -9.32
N ARG A 158 20.87 -3.00 -9.86
CA ARG A 158 21.95 -3.88 -9.43
C ARG A 158 22.19 -3.75 -7.93
N ASN A 166 20.06 9.93 -2.79
CA ASN A 166 20.38 11.31 -2.46
C ASN A 166 21.89 11.53 -2.33
N ARG A 167 22.69 10.55 -2.73
CA ARG A 167 24.14 10.71 -2.66
C ARG A 167 24.67 11.81 -3.58
N PRO A 168 24.32 11.88 -4.87
CA PRO A 168 24.94 12.91 -5.72
C PRO A 168 24.67 14.33 -5.27
N VAL A 169 23.47 14.63 -4.80
CA VAL A 169 23.17 16.00 -4.39
C VAL A 169 23.98 16.38 -3.15
N LEU A 170 24.08 15.48 -2.18
CA LEU A 170 24.87 15.76 -0.99
C LEU A 170 26.36 15.87 -1.34
N VAL A 171 26.82 15.06 -2.28
CA VAL A 171 28.21 15.16 -2.73
C VAL A 171 28.45 16.51 -3.37
N ALA A 172 27.52 16.98 -4.19
CA ALA A 172 27.68 18.29 -4.82
C ALA A 172 27.67 19.41 -3.78
N TRP A 173 26.74 19.41 -2.82
CA TRP A 173 26.79 20.47 -1.77
C TRP A 173 28.16 20.45 -1.07
N ALA A 174 28.68 19.25 -0.83
CA ALA A 174 29.97 19.13 -0.14
C ALA A 174 31.10 19.72 -0.97
N PHE A 175 31.09 19.45 -2.28
CA PHE A 175 32.17 19.96 -3.14
C PHE A 175 32.12 21.49 -3.16
N SER A 176 30.91 22.04 -3.14
CA SER A 176 30.76 23.50 -3.12
C SER A 176 31.38 24.09 -1.85
N LEU A 177 31.11 23.46 -0.71
CA LEU A 177 31.63 24.02 0.56
C LEU A 177 33.15 23.90 0.59
N LEU A 178 33.69 22.75 0.17
CA LEU A 178 35.16 22.53 0.18
C LEU A 178 35.86 23.46 -0.82
N LEU A 179 35.29 23.64 -2.00
CA LEU A 179 35.95 24.47 -3.05
C LEU A 179 35.99 25.95 -2.65
N SER A 180 35.05 26.40 -1.82
CA SER A 180 34.98 27.84 -1.45
C SER A 180 35.99 28.19 -0.35
N LEU A 181 36.72 27.21 0.19
CA LEU A 181 37.64 27.47 1.33
C LEU A 181 38.75 28.48 1.00
N PRO A 182 39.39 28.51 -0.18
CA PRO A 182 40.50 29.44 -0.40
C PRO A 182 40.06 30.90 -0.22
N GLN A 183 38.76 31.16 -0.29
CA GLN A 183 38.23 32.54 -0.11
C GLN A 183 38.71 33.14 1.23
N LEU A 184 38.74 32.35 2.31
CA LEU A 184 39.03 32.98 3.62
C LEU A 184 40.45 33.56 3.60
N PHE A 185 41.43 32.80 3.12
CA PHE A 185 42.84 33.27 3.08
C PHE A 185 42.94 34.49 2.17
N ILE A 186 42.26 34.45 1.02
CA ILE A 186 42.39 35.55 0.03
C ILE A 186 41.88 36.87 0.60
N PHE A 187 40.79 36.85 1.36
CA PHE A 187 40.25 38.16 1.82
C PHE A 187 41.07 38.59 3.04
N ALA A 188 42.15 39.33 2.81
CA ALA A 188 43.03 39.81 3.90
C ALA A 188 42.35 40.92 4.71
N GLN A 189 43.09 41.53 5.63
CA GLN A 189 42.49 42.56 6.53
C GLN A 189 42.05 43.78 5.74
N ARG A 190 40.91 44.36 6.12
CA ARG A 190 40.45 45.61 5.47
C ARG A 190 41.47 46.70 5.82
N ASN A 191 41.89 47.51 4.85
CA ASN A 191 42.93 48.54 5.10
C ASN A 191 42.44 49.90 4.60
N VAL A 198 39.51 49.84 6.11
CA VAL A 198 38.39 50.79 5.87
C VAL A 198 37.23 50.03 5.22
N THR A 199 37.23 49.91 3.89
CA THR A 199 36.18 49.12 3.18
C THR A 199 36.48 47.64 3.43
N ASP A 200 35.55 46.73 3.15
CA ASP A 200 35.77 45.31 3.54
C ASP A 200 36.76 44.58 2.63
N CYS A 201 37.96 44.31 3.13
CA CYS A 201 38.95 43.48 2.38
C CYS A 201 39.18 44.05 0.98
N TRP A 202 39.15 45.37 0.84
CA TRP A 202 39.46 46.00 -0.47
C TRP A 202 40.95 45.81 -0.73
N ALA A 203 41.35 45.70 -1.99
CA ALA A 203 42.77 45.49 -2.33
C ALA A 203 43.32 44.28 -1.56
N CYS A 204 42.59 43.16 -1.53
CA CYS A 204 43.02 41.95 -0.77
C CYS A 204 43.70 40.93 -1.69
N PHE A 205 44.85 40.37 -1.29
CA PHE A 205 45.41 39.29 -2.10
C PHE A 205 46.45 38.54 -1.28
N ALA A 206 47.05 37.54 -1.90
CA ALA A 206 48.07 36.73 -1.25
C ALA A 206 49.41 36.72 -1.98
N GLU A 207 49.39 36.60 -3.30
CA GLU A 207 50.62 36.44 -4.07
C GLU A 207 50.46 37.17 -5.40
N PRO A 208 51.55 37.47 -6.10
CA PRO A 208 51.43 38.15 -7.41
C PRO A 208 50.56 37.39 -8.41
N TRP A 209 50.58 36.06 -8.37
CA TRP A 209 49.74 35.27 -9.25
C TRP A 209 48.33 35.05 -8.69
N GLY A 210 48.05 35.57 -7.50
CA GLY A 210 46.74 35.37 -6.90
C GLY A 210 45.62 35.99 -7.71
N ARG A 211 45.93 37.10 -8.37
CA ARG A 211 44.90 37.84 -9.16
C ARG A 211 45.00 37.47 -10.65
N ARG A 212 45.81 36.47 -11.00
CA ARG A 212 45.89 36.03 -12.38
C ARG A 212 45.59 34.56 -12.59
N THR A 213 45.68 33.77 -11.51
CA THR A 213 45.44 32.30 -11.62
C THR A 213 44.21 31.86 -10.84
N TYR A 214 43.92 32.49 -9.69
CA TYR A 214 42.71 32.14 -8.91
C TYR A 214 41.48 32.44 -9.77
N VAL A 215 41.48 33.58 -10.45
CA VAL A 215 40.28 33.97 -11.25
C VAL A 215 40.08 32.91 -12.34
N THR A 216 41.11 32.59 -13.12
CA THR A 216 40.96 31.67 -14.24
C THR A 216 40.59 30.28 -13.77
N TRP A 217 41.11 29.85 -12.61
CA TRP A 217 40.73 28.55 -12.08
C TRP A 217 39.27 28.51 -11.70
N ILE A 218 38.78 29.59 -11.08
CA ILE A 218 37.34 29.69 -10.81
C ILE A 218 36.55 29.62 -12.11
N ALA A 219 36.98 30.39 -13.11
CA ALA A 219 36.27 30.41 -14.39
C ALA A 219 36.18 29.00 -14.96
N LEU A 220 37.30 28.29 -15.01
CA LEU A 220 37.28 26.91 -15.48
C LEU A 220 36.28 26.08 -14.69
N MET A 221 36.52 25.96 -13.38
CA MET A 221 35.79 24.99 -12.55
C MET A 221 34.30 25.30 -12.42
N VAL A 222 33.83 26.50 -12.76
CA VAL A 222 32.40 26.71 -12.62
C VAL A 222 31.79 27.13 -13.96
N PHE A 223 32.59 27.14 -15.01
CA PHE A 223 31.97 27.49 -16.28
C PHE A 223 32.24 26.49 -17.39
N VAL A 224 33.43 25.92 -17.46
CA VAL A 224 33.83 25.11 -18.60
C VAL A 224 33.51 23.64 -18.39
N ALA A 225 33.91 23.09 -17.24
CA ALA A 225 33.61 21.69 -16.96
C ALA A 225 32.12 21.39 -16.91
N PRO A 226 31.28 22.18 -16.20
CA PRO A 226 29.85 21.83 -16.17
C PRO A 226 29.18 21.83 -17.53
N THR A 227 29.49 22.81 -18.39
CA THR A 227 28.82 22.84 -19.69
C THR A 227 29.27 21.68 -20.57
N LEU A 228 30.55 21.31 -20.50
CA LEU A 228 31.02 20.15 -21.25
C LEU A 228 30.36 18.87 -20.75
N GLY A 229 30.24 18.72 -19.44
CA GLY A 229 29.57 17.55 -18.90
C GLY A 229 28.12 17.48 -19.32
N ILE A 230 27.42 18.61 -19.27
CA ILE A 230 26.01 18.63 -19.67
C ILE A 230 25.87 18.25 -21.14
N ALA A 231 26.71 18.84 -21.99
CA ALA A 231 26.64 18.54 -23.42
C ALA A 231 26.92 17.06 -23.67
N ALA A 232 27.94 16.51 -23.02
CA ALA A 232 28.28 15.10 -23.24
C ALA A 232 27.15 14.19 -22.82
N CYS A 233 26.59 14.42 -21.63
CA CYS A 233 25.52 13.57 -21.16
C CYS A 233 24.29 13.69 -22.05
N GLN A 234 23.97 14.91 -22.50
CA GLN A 234 22.80 15.08 -23.34
C GLN A 234 22.97 14.39 -24.69
N VAL A 235 24.14 14.51 -25.31
CA VAL A 235 24.32 13.86 -26.60
C VAL A 235 24.35 12.35 -26.44
N LEU A 236 24.87 11.84 -25.31
CA LEU A 236 24.81 10.40 -25.08
C LEU A 236 23.37 9.92 -24.94
N ILE A 237 22.54 10.69 -24.22
CA ILE A 237 21.13 10.33 -24.09
C ILE A 237 20.46 10.32 -25.45
N PHE A 238 20.72 11.34 -26.26
CA PHE A 238 20.11 11.40 -27.58
C PHE A 238 20.56 10.22 -28.45
N ARG A 239 21.84 9.88 -28.39
CA ARG A 239 22.34 8.77 -29.20
C ARG A 239 21.70 7.46 -28.77
N GLU A 240 21.49 7.24 -27.46
CA GLU A 240 20.86 5.98 -26.94
C GLU A 240 19.39 5.92 -27.29
N ILE A 241 18.74 7.06 -27.31
CA ILE A 241 17.33 7.07 -27.73
C ILE A 241 17.22 6.78 -29.21
N HIS A 242 18.09 7.38 -30.02
CA HIS A 242 18.06 7.12 -31.46
C HIS A 242 18.36 5.66 -31.76
N ALA A 243 19.35 5.08 -31.07
CA ALA A 243 19.70 3.69 -31.30
C ALA A 243 18.55 2.76 -30.94
N SER A 244 17.85 3.06 -29.84
CA SER A 244 16.77 2.18 -29.39
C SER A 244 15.45 2.43 -30.11
N LEU A 245 15.30 3.56 -30.80
CA LEU A 245 14.02 3.88 -31.42
C LEU A 245 13.74 3.05 -32.67
N VAL A 246 14.75 2.88 -33.53
CA VAL A 246 14.52 2.21 -34.82
C VAL A 246 14.10 0.76 -34.69
N PRO A 247 14.69 -0.08 -33.82
CA PRO A 247 14.29 -1.49 -33.84
C PRO A 247 12.82 -1.72 -33.50
N GLY A 248 12.24 -0.88 -32.64
CA GLY A 248 10.86 -1.05 -32.24
C GLY A 248 10.69 -2.18 -31.25
N PRO A 249 9.44 -2.61 -31.03
CA PRO A 249 9.20 -3.68 -30.06
C PRO A 249 9.60 -5.06 -30.55
N SER A 250 9.29 -5.39 -31.80
CA SER A 250 9.63 -6.71 -32.34
C SER A 250 11.12 -6.82 -32.63
N ALA A 273 10.10 10.91 -32.39
CA ALA A 273 9.10 11.38 -31.44
C ALA A 273 9.75 12.12 -30.27
N ALA A 274 10.28 11.36 -29.31
CA ALA A 274 10.95 11.96 -28.17
C ALA A 274 12.27 12.63 -28.58
N VAL A 275 12.77 12.32 -29.77
CA VAL A 275 13.99 12.94 -30.26
C VAL A 275 13.83 14.45 -30.33
N ALA A 276 12.65 14.91 -30.77
CA ALA A 276 12.40 16.34 -30.87
C ALA A 276 12.50 17.02 -29.51
N LYS A 277 11.87 16.44 -28.49
CA LYS A 277 11.95 17.01 -27.16
C LYS A 277 13.37 16.98 -26.62
N THR A 278 14.09 15.88 -26.85
CA THR A 278 15.47 15.82 -26.38
C THR A 278 16.32 16.90 -27.02
N VAL A 279 16.18 17.10 -28.33
CA VAL A 279 16.97 18.12 -29.02
C VAL A 279 16.61 19.51 -28.52
N ARG A 280 15.32 19.80 -28.41
CA ARG A 280 14.91 21.11 -27.95
C ARG A 280 15.22 21.33 -26.47
N MET A 281 15.52 20.27 -25.73
CA MET A 281 15.99 20.45 -24.36
C MET A 281 17.48 20.74 -24.34
N THR A 282 18.26 19.97 -25.10
CA THR A 282 19.71 20.18 -25.12
C THR A 282 20.06 21.58 -25.61
N LEU A 283 19.43 22.01 -26.72
CA LEU A 283 19.75 23.31 -27.27
C LEU A 283 19.44 24.41 -26.26
N VAL A 284 18.23 24.41 -25.71
CA VAL A 284 17.83 25.43 -24.75
C VAL A 284 18.79 25.46 -23.57
N ILE A 285 19.06 24.29 -22.98
CA ILE A 285 19.89 24.24 -21.78
C ILE A 285 21.27 24.80 -22.08
N VAL A 286 21.91 24.32 -23.14
CA VAL A 286 23.29 24.71 -23.40
C VAL A 286 23.39 26.19 -23.75
N VAL A 287 22.52 26.68 -24.64
CA VAL A 287 22.64 28.07 -25.05
C VAL A 287 22.31 29.00 -23.89
N VAL A 288 21.31 28.66 -23.07
CA VAL A 288 20.97 29.52 -21.95
C VAL A 288 22.12 29.56 -20.95
N TYR A 289 22.70 28.41 -20.63
CA TYR A 289 23.82 28.38 -19.69
C TYR A 289 24.98 29.22 -20.20
N VAL A 290 25.38 29.01 -21.45
CA VAL A 290 26.53 29.74 -21.99
C VAL A 290 26.25 31.23 -22.07
N LEU A 291 25.06 31.60 -22.54
CA LEU A 291 24.73 33.02 -22.68
C LEU A 291 24.69 33.72 -21.33
N CYS A 292 24.11 33.07 -20.32
CA CYS A 292 24.06 33.68 -19.00
C CYS A 292 25.44 33.81 -18.37
N TRP A 293 26.31 32.80 -18.53
CA TRP A 293 27.61 32.84 -17.89
C TRP A 293 28.68 33.59 -18.67
N ALA A 294 28.41 33.94 -19.93
CA ALA A 294 29.49 34.49 -20.76
C ALA A 294 29.96 35.89 -20.35
N PRO A 295 29.10 36.90 -20.32
CA PRO A 295 29.61 38.27 -20.10
C PRO A 295 30.29 38.46 -18.76
N PHE A 296 29.75 37.85 -17.71
CA PHE A 296 30.32 38.03 -16.38
C PHE A 296 31.75 37.54 -16.33
N PHE A 297 31.99 36.30 -16.77
CA PHE A 297 33.34 35.77 -16.71
C PHE A 297 34.24 36.41 -17.75
N LEU A 298 33.68 36.86 -18.88
CA LEU A 298 34.49 37.60 -19.84
C LEU A 298 35.08 38.85 -19.21
N VAL A 299 34.24 39.67 -18.57
CA VAL A 299 34.76 40.89 -17.96
C VAL A 299 35.64 40.57 -16.77
N GLN A 300 35.34 39.50 -16.02
CA GLN A 300 36.19 39.11 -14.90
C GLN A 300 37.59 38.79 -15.39
N LEU A 301 37.68 38.10 -16.52
CA LEU A 301 39.01 37.81 -17.08
C LEU A 301 39.64 39.12 -17.57
N TRP A 302 38.89 39.99 -18.28
CA TRP A 302 39.52 41.22 -18.83
C TRP A 302 40.04 42.06 -17.69
N ALA A 303 39.24 42.21 -16.65
CA ALA A 303 39.62 43.02 -15.49
C ALA A 303 40.85 42.44 -14.80
N ALA A 304 40.93 41.12 -14.66
CA ALA A 304 42.04 40.58 -13.84
C ALA A 304 43.22 40.11 -14.69
N TRP A 305 42.96 39.29 -15.70
CA TRP A 305 44.06 38.74 -16.53
C TRP A 305 44.69 39.93 -17.25
N ASP A 306 43.87 40.87 -17.70
CA ASP A 306 44.44 41.98 -18.49
C ASP A 306 44.74 43.17 -17.57
N PRO A 307 46.00 43.65 -17.51
CA PRO A 307 46.36 44.82 -16.71
C PRO A 307 45.86 46.04 -17.48
N GLU A 308 45.93 47.23 -16.87
CA GLU A 308 45.35 48.42 -17.55
C GLU A 308 43.90 48.05 -17.86
N ALA A 309 43.16 47.60 -16.85
CA ALA A 309 41.79 47.13 -17.08
C ALA A 309 41.06 48.22 -17.86
N PRO A 310 40.39 47.89 -18.97
CA PRO A 310 39.84 48.91 -19.84
C PRO A 310 38.80 49.81 -19.19
N LEU A 311 37.90 49.25 -18.40
CA LEU A 311 36.84 50.15 -17.90
C LEU A 311 36.60 50.06 -16.40
N GLU A 312 36.64 51.18 -15.72
CA GLU A 312 36.21 51.22 -14.31
C GLU A 312 34.96 52.09 -14.44
N GLY A 313 34.54 52.31 -15.70
CA GLY A 313 33.40 53.20 -15.98
C GLY A 313 32.04 52.56 -15.88
N ALA A 314 30.99 53.26 -16.33
CA ALA A 314 29.60 52.77 -16.16
C ALA A 314 29.36 51.40 -16.79
N PRO A 315 29.81 51.05 -18.01
CA PRO A 315 29.57 49.71 -18.55
C PRO A 315 29.97 48.57 -17.61
N PHE A 316 31.19 48.60 -17.06
CA PHE A 316 31.59 47.41 -16.31
C PHE A 316 30.89 47.29 -14.97
N VAL A 317 30.39 48.39 -14.41
CA VAL A 317 29.81 48.33 -13.07
C VAL A 317 28.60 47.41 -13.06
N LEU A 318 27.83 47.41 -14.14
CA LEU A 318 26.66 46.53 -14.22
C LEU A 318 27.08 45.09 -14.46
N LEU A 319 28.05 44.88 -15.37
CA LEU A 319 28.43 43.53 -15.75
C LEU A 319 29.20 42.77 -14.66
N MET A 320 29.96 43.48 -13.83
CA MET A 320 30.66 42.80 -12.75
C MET A 320 29.71 42.29 -11.67
N LEU A 321 28.43 42.65 -11.78
CA LEU A 321 27.50 42.27 -10.69
C LEU A 321 26.32 41.47 -11.20
N LEU A 322 26.43 40.80 -12.36
CA LEU A 322 25.31 39.93 -12.79
C LEU A 322 25.74 38.46 -12.79
N ALA A 323 26.47 38.03 -11.75
CA ALA A 323 26.95 36.65 -11.74
C ALA A 323 25.81 35.65 -11.64
N SER A 324 24.73 36.00 -10.94
CA SER A 324 23.63 35.09 -10.68
C SER A 324 22.49 35.29 -11.67
N LEU A 325 22.81 35.62 -12.93
CA LEU A 325 21.77 35.87 -13.92
C LEU A 325 20.96 34.61 -14.19
N ASN A 326 21.62 33.48 -14.44
CA ASN A 326 20.91 32.24 -14.74
C ASN A 326 20.17 31.68 -13.54
N SER A 327 20.41 32.21 -12.35
CA SER A 327 19.67 31.80 -11.16
C SER A 327 18.18 32.02 -11.30
N CYS A 328 17.74 32.89 -12.19
CA CYS A 328 16.33 33.17 -12.40
C CYS A 328 15.75 32.50 -13.64
N THR A 329 16.57 31.81 -14.43
CA THR A 329 16.12 31.25 -15.70
C THR A 329 15.97 29.74 -15.68
N ASN A 330 16.80 29.03 -14.92
CA ASN A 330 16.71 27.57 -14.96
C ASN A 330 15.47 27.00 -14.28
N PRO A 331 14.90 27.60 -13.22
CA PRO A 331 13.66 27.01 -12.68
C PRO A 331 12.52 27.08 -13.68
N TRP A 332 12.43 28.16 -14.46
CA TRP A 332 11.41 28.24 -15.49
C TRP A 332 11.64 27.17 -16.56
N ILE A 333 12.90 26.93 -16.92
CA ILE A 333 13.20 25.93 -17.94
C ILE A 333 12.77 24.55 -17.46
N TYR A 334 13.18 24.17 -16.26
CA TYR A 334 12.88 22.83 -15.76
C TYR A 334 11.46 22.68 -15.25
N ALA A 335 10.70 23.78 -15.16
CA ALA A 335 9.27 23.65 -14.94
C ALA A 335 8.49 23.61 -16.23
N SER A 336 8.98 24.28 -17.28
CA SER A 336 8.29 24.26 -18.56
C SER A 336 8.48 22.94 -19.28
N PHE A 337 9.71 22.39 -19.27
CA PHE A 337 9.93 21.12 -19.95
C PHE A 337 9.17 19.99 -19.26
N SER A 338 9.18 19.96 -17.93
CA SER A 338 8.37 19.00 -17.21
C SER A 338 6.90 19.32 -17.38
N SER A 339 6.05 18.29 -17.29
CA SER A 339 4.61 18.49 -17.41
C SER A 339 3.88 18.43 -16.09
N SER A 340 4.31 17.57 -15.16
CA SER A 340 3.66 17.50 -13.86
C SER A 340 3.79 18.81 -13.10
N VAL A 341 5.01 19.36 -13.03
CA VAL A 341 5.23 20.61 -12.30
C VAL A 341 4.55 21.77 -13.01
N SER A 342 4.58 21.77 -14.34
CA SER A 342 3.90 22.83 -15.08
C SER A 342 2.40 22.82 -14.82
N SER A 343 1.80 21.62 -14.82
CA SER A 343 0.37 21.52 -14.53
C SER A 343 0.07 21.94 -13.09
N GLU A 344 0.91 21.54 -12.15
CA GLU A 344 0.70 21.92 -10.76
C GLU A 344 0.78 23.43 -10.59
N LEU A 345 1.73 24.08 -11.25
CA LEU A 345 1.86 25.52 -11.14
C LEU A 345 0.70 26.24 -11.82
N ARG A 346 0.30 25.78 -13.01
CA ARG A 346 -0.82 26.41 -13.70
C ARG A 346 -2.14 26.19 -12.97
N SER A 347 -2.23 25.13 -12.15
CA SER A 347 -3.41 24.95 -11.31
C SER A 347 -3.54 26.06 -10.28
N LEU A 348 -2.41 26.58 -9.81
CA LEU A 348 -2.39 27.66 -8.83
C LEU A 348 -2.32 29.04 -9.48
N LEU A 349 -2.43 29.11 -10.82
CA LEU A 349 -2.44 30.40 -11.49
C LEU A 349 -3.66 31.21 -11.07
N CYS A 350 -4.83 30.56 -10.97
CA CYS A 350 -6.06 31.22 -10.56
C CYS A 350 -6.32 30.89 -9.10
N CYS A 351 -5.67 31.65 -8.22
CA CYS A 351 -5.82 31.47 -6.78
C CYS A 351 -5.39 32.72 -6.03
N SER B 12 -34.26 -39.63 -18.07
CA SER B 12 -35.09 -38.50 -18.45
C SER B 12 -35.59 -37.74 -17.22
N GLU B 13 -35.15 -38.20 -16.04
CA GLU B 13 -35.54 -37.53 -14.80
C GLU B 13 -34.98 -36.12 -14.71
N LEU B 14 -33.96 -35.81 -15.52
CA LEU B 14 -33.44 -34.45 -15.55
C LEU B 14 -34.54 -33.46 -15.94
N ASP B 15 -35.36 -33.82 -16.94
CA ASP B 15 -36.41 -32.92 -17.39
C ASP B 15 -37.44 -32.68 -16.29
N GLN B 16 -37.85 -33.73 -15.58
CA GLN B 16 -38.87 -33.54 -14.56
C GLN B 16 -38.32 -32.78 -13.35
N LEU B 17 -37.07 -33.02 -12.97
CA LEU B 17 -36.46 -32.22 -11.92
C LEU B 17 -36.34 -30.76 -12.37
N ARG B 18 -36.05 -30.54 -13.65
CA ARG B 18 -35.92 -29.19 -14.19
C ARG B 18 -37.27 -28.47 -14.12
N GLN B 19 -38.34 -29.18 -14.47
CA GLN B 19 -39.69 -28.61 -14.34
C GLN B 19 -40.05 -28.31 -12.90
N GLU B 20 -39.70 -29.21 -11.97
CA GLU B 20 -39.92 -28.93 -10.56
C GLU B 20 -39.20 -27.65 -10.13
N ALA B 21 -37.94 -27.51 -10.56
CA ALA B 21 -37.17 -26.32 -10.20
C ALA B 21 -37.82 -25.05 -10.75
N GLU B 22 -38.24 -25.08 -12.02
CA GLU B 22 -38.80 -23.86 -12.59
C GLU B 22 -40.15 -23.52 -11.97
N GLN B 23 -40.99 -24.51 -11.65
CA GLN B 23 -42.27 -24.20 -11.04
C GLN B 23 -42.08 -23.71 -9.61
N LEU B 24 -41.07 -24.23 -8.90
CA LEU B 24 -40.74 -23.72 -7.58
C LEU B 24 -40.27 -22.26 -7.65
N LYS B 25 -39.43 -21.96 -8.65
CA LYS B 25 -39.02 -20.57 -8.85
C LYS B 25 -40.22 -19.67 -9.12
N ASN B 26 -41.15 -20.15 -9.95
CA ASN B 26 -42.33 -19.37 -10.26
C ASN B 26 -43.16 -19.10 -9.00
N GLN B 27 -43.36 -20.12 -8.16
CA GLN B 27 -44.20 -19.91 -6.98
C GLN B 27 -43.50 -19.02 -5.96
N ILE B 28 -42.17 -19.13 -5.85
CA ILE B 28 -41.44 -18.23 -4.95
C ILE B 28 -41.54 -16.79 -5.43
N ARG B 29 -41.41 -16.58 -6.74
CA ARG B 29 -41.59 -15.23 -7.28
C ARG B 29 -42.99 -14.71 -7.03
N ASP B 30 -44.00 -15.58 -7.16
CA ASP B 30 -45.37 -15.17 -6.90
C ASP B 30 -45.56 -14.76 -5.44
N ALA B 31 -45.00 -15.54 -4.51
CA ALA B 31 -45.11 -15.20 -3.10
C ALA B 31 -44.42 -13.86 -2.81
N ARG B 32 -43.22 -13.67 -3.38
CA ARG B 32 -42.51 -12.41 -3.15
C ARG B 32 -43.26 -11.20 -3.67
N LYS B 33 -43.86 -11.32 -4.86
CA LYS B 33 -44.65 -10.22 -5.40
C LYS B 33 -45.91 -9.98 -4.57
N ALA B 34 -46.51 -11.05 -4.05
CA ALA B 34 -47.71 -10.90 -3.23
C ALA B 34 -47.36 -10.15 -1.95
N CYS B 35 -46.17 -10.40 -1.40
CA CYS B 35 -45.79 -9.76 -0.15
C CYS B 35 -45.43 -8.28 -0.30
N ALA B 36 -45.35 -7.76 -1.51
CA ALA B 36 -44.91 -6.39 -1.75
C ALA B 36 -46.04 -5.58 -2.37
N ASP B 37 -46.35 -4.43 -1.79
CA ASP B 37 -47.31 -3.50 -2.36
C ASP B 37 -46.77 -2.08 -2.47
N ALA B 38 -45.95 -1.64 -1.50
CA ALA B 38 -45.47 -0.27 -1.45
C ALA B 38 -43.94 -0.28 -1.40
N THR B 39 -43.33 0.64 -2.14
CA THR B 39 -41.88 0.74 -2.16
C THR B 39 -41.37 1.50 -0.95
N LEU B 40 -40.11 1.25 -0.61
CA LEU B 40 -39.49 1.94 0.52
C LEU B 40 -39.43 3.45 0.28
N SER B 41 -39.09 3.85 -0.94
CA SER B 41 -39.02 5.27 -1.25
C SER B 41 -40.38 5.95 -1.10
N GLN B 42 -41.45 5.25 -1.49
CA GLN B 42 -42.78 5.81 -1.36
C GLN B 42 -43.13 6.08 0.10
N ILE B 43 -42.74 5.17 0.99
CA ILE B 43 -42.98 5.37 2.41
C ILE B 43 -42.13 6.52 2.95
N THR B 44 -40.83 6.52 2.61
CA THR B 44 -39.91 7.53 3.11
C THR B 44 -39.93 8.82 2.30
N ASN B 45 -40.98 9.03 1.49
CA ASN B 45 -41.08 10.25 0.70
C ASN B 45 -41.26 11.50 1.55
N ASN B 46 -41.57 11.35 2.84
CA ASN B 46 -41.91 12.50 3.66
C ASN B 46 -40.82 12.92 4.63
N ILE B 47 -39.89 12.03 4.98
CA ILE B 47 -38.85 12.39 5.93
C ILE B 47 -37.91 13.41 5.32
N ASP B 48 -37.32 14.25 6.18
CA ASP B 48 -36.43 15.29 5.71
C ASP B 48 -35.12 14.68 5.22
N PRO B 49 -34.48 15.29 4.23
CA PRO B 49 -33.17 14.80 3.79
C PRO B 49 -32.08 15.06 4.82
N VAL B 50 -30.85 14.64 4.52
CA VAL B 50 -29.73 14.81 5.44
C VAL B 50 -28.86 15.99 5.06
N GLY B 51 -29.20 16.72 4.01
CA GLY B 51 -28.37 17.84 3.59
C GLY B 51 -27.05 17.37 3.00
N ARG B 52 -26.14 18.31 2.87
CA ARG B 52 -24.81 18.01 2.37
C ARG B 52 -23.94 17.43 3.48
N ILE B 53 -23.16 16.42 3.16
CA ILE B 53 -22.25 15.78 4.10
C ILE B 53 -20.84 16.06 3.62
N GLN B 54 -20.15 16.95 4.31
CA GLN B 54 -18.80 17.37 3.93
C GLN B 54 -17.83 16.80 4.96
N MET B 55 -17.13 15.74 4.58
CA MET B 55 -16.12 15.11 5.41
C MET B 55 -14.75 15.29 4.77
N ARG B 56 -13.75 15.52 5.61
CA ARG B 56 -12.42 15.84 5.12
C ARG B 56 -11.38 15.03 5.87
N THR B 57 -10.24 14.82 5.22
CA THR B 57 -9.18 13.98 5.74
C THR B 57 -8.68 14.54 7.06
N ARG B 58 -8.49 13.67 8.05
CA ARG B 58 -7.93 14.06 9.33
C ARG B 58 -6.56 13.45 9.58
N ARG B 59 -6.32 12.24 9.11
CA ARG B 59 -5.03 11.59 9.24
C ARG B 59 -4.69 10.89 7.93
N THR B 60 -3.41 10.63 7.72
CA THR B 60 -2.95 9.91 6.54
C THR B 60 -1.79 9.01 6.98
N LEU B 61 -2.00 7.70 6.89
CA LEU B 61 -1.05 6.73 7.40
C LEU B 61 -0.19 6.22 6.24
N ARG B 62 1.08 6.61 6.23
CA ARG B 62 2.02 6.20 5.19
C ARG B 62 2.95 5.14 5.74
N GLY B 63 3.49 4.32 4.84
CA GLY B 63 4.45 3.32 5.25
C GLY B 63 4.36 2.02 4.48
N HIS B 64 3.22 1.75 3.85
CA HIS B 64 3.09 0.56 3.02
C HIS B 64 3.84 0.74 1.71
N LEU B 65 4.23 -0.38 1.12
CA LEU B 65 5.04 -0.35 -0.09
C LEU B 65 4.24 -0.57 -1.37
N ALA B 66 3.16 -1.35 -1.31
CA ALA B 66 2.40 -1.70 -2.51
C ALA B 66 0.93 -1.51 -2.21
N LYS B 67 0.08 -1.99 -3.10
CA LYS B 67 -1.35 -1.80 -2.97
C LYS B 67 -1.88 -2.48 -1.71
N ILE B 68 -3.05 -2.04 -1.27
CA ILE B 68 -3.65 -2.47 -0.01
C ILE B 68 -5.00 -3.11 -0.32
N TYR B 69 -5.17 -4.36 0.10
CA TYR B 69 -6.43 -5.07 -0.09
C TYR B 69 -7.38 -4.99 1.09
N ALA B 70 -6.90 -5.11 2.32
CA ALA B 70 -7.78 -5.30 3.45
C ALA B 70 -7.48 -4.31 4.57
N MET B 71 -8.47 -4.10 5.42
CA MET B 71 -8.40 -3.18 6.53
C MET B 71 -9.50 -3.53 7.51
N HIS B 72 -9.20 -3.41 8.80
CA HIS B 72 -10.19 -3.77 9.81
C HIS B 72 -9.93 -2.99 11.09
N TRP B 73 -11.00 -2.48 11.69
CA TRP B 73 -10.93 -1.73 12.93
C TRP B 73 -10.94 -2.66 14.13
N GLY B 74 -10.30 -2.20 15.20
CA GLY B 74 -10.44 -2.87 16.48
C GLY B 74 -11.76 -2.55 17.13
N THR B 75 -12.07 -3.28 18.21
CA THR B 75 -13.31 -3.03 18.90
C THR B 75 -13.24 -1.79 19.79
N ASP B 76 -12.05 -1.30 20.07
CA ASP B 76 -11.89 -0.08 20.86
C ASP B 76 -11.93 1.18 20.02
N SER B 77 -12.10 1.04 18.71
CA SER B 77 -12.21 2.18 17.79
C SER B 77 -10.93 3.02 17.78
N ARG B 78 -9.81 2.43 18.11
CA ARG B 78 -8.56 3.16 18.06
C ARG B 78 -7.47 2.46 17.27
N LEU B 79 -7.39 1.14 17.35
CA LEU B 79 -6.37 0.37 16.65
C LEU B 79 -6.96 -0.27 15.41
N LEU B 80 -6.19 -0.27 14.32
CA LEU B 80 -6.63 -0.91 13.09
C LEU B 80 -5.45 -1.63 12.47
N VAL B 81 -5.75 -2.63 11.65
CA VAL B 81 -4.76 -3.44 10.98
C VAL B 81 -4.98 -3.35 9.48
N SER B 82 -3.89 -3.30 8.72
CA SER B 82 -3.97 -3.20 7.27
C SER B 82 -3.03 -4.21 6.64
N ALA B 83 -3.44 -4.73 5.48
CA ALA B 83 -2.67 -5.72 4.75
C ALA B 83 -2.33 -5.19 3.36
N SER B 84 -1.11 -5.46 2.92
CA SER B 84 -0.66 -5.00 1.62
C SER B 84 0.13 -6.10 0.93
N GLN B 85 0.20 -6.01 -0.39
CA GLN B 85 0.77 -7.06 -1.23
C GLN B 85 2.29 -7.18 -1.11
N ASP B 86 2.96 -6.25 -0.44
CA ASP B 86 4.39 -6.38 -0.25
C ASP B 86 4.76 -7.45 0.76
N GLY B 87 3.78 -7.98 1.49
CA GLY B 87 4.04 -9.00 2.47
C GLY B 87 4.07 -8.53 3.91
N LYS B 88 3.55 -7.35 4.20
CA LYS B 88 3.56 -6.79 5.54
C LYS B 88 2.16 -6.73 6.12
N LEU B 89 2.11 -6.55 7.44
CA LEU B 89 0.85 -6.44 8.17
C LEU B 89 1.10 -5.47 9.32
N ILE B 90 0.61 -4.24 9.18
CA ILE B 90 0.92 -3.15 10.10
C ILE B 90 -0.30 -2.85 10.94
N ILE B 91 -0.08 -2.64 12.24
CA ILE B 91 -1.12 -2.24 13.18
C ILE B 91 -0.87 -0.79 13.57
N TRP B 92 -1.86 0.06 13.35
CA TRP B 92 -1.71 1.49 13.52
C TRP B 92 -2.44 1.96 14.78
N ASP B 93 -1.93 3.03 15.37
CA ASP B 93 -2.64 3.79 16.37
C ASP B 93 -3.23 5.01 15.68
N SER B 94 -4.55 5.00 15.46
CA SER B 94 -5.16 6.02 14.62
C SER B 94 -5.13 7.39 15.25
N TYR B 95 -5.01 7.47 16.58
CA TYR B 95 -5.04 8.78 17.23
C TYR B 95 -3.73 9.53 17.01
N THR B 96 -2.61 8.82 16.94
CA THR B 96 -1.30 9.44 16.83
C THR B 96 -0.51 9.01 15.61
N THR B 97 -1.08 8.17 14.74
CA THR B 97 -0.39 7.67 13.55
C THR B 97 0.92 6.97 13.91
N ASN B 98 0.88 6.18 14.98
CA ASN B 98 2.03 5.41 15.43
C ASN B 98 1.89 3.97 14.96
N LYS B 99 3.01 3.39 14.52
CA LYS B 99 3.03 1.99 14.14
C LYS B 99 3.31 1.15 15.37
N VAL B 100 2.35 0.31 15.75
CA VAL B 100 2.51 -0.50 16.95
C VAL B 100 3.25 -1.80 16.63
N HIS B 101 2.94 -2.41 15.49
CA HIS B 101 3.55 -3.67 15.11
C HIS B 101 3.78 -3.69 13.61
N ALA B 102 4.73 -4.53 13.19
CA ALA B 102 4.97 -4.79 11.78
C ALA B 102 5.27 -6.27 11.63
N ILE B 103 4.41 -6.99 10.92
CA ILE B 103 4.49 -8.44 10.84
C ILE B 103 4.83 -8.87 9.43
N PRO B 104 5.96 -9.53 9.21
CA PRO B 104 6.24 -10.10 7.89
C PRO B 104 5.47 -11.39 7.67
N LEU B 105 5.11 -11.65 6.42
CA LEU B 105 4.33 -12.81 6.05
C LEU B 105 5.15 -13.74 5.16
N ARG B 106 4.80 -15.02 5.18
CA ARG B 106 5.50 -15.99 4.34
C ARG B 106 5.15 -15.78 2.87
N SER B 107 3.87 -15.64 2.56
CA SER B 107 3.41 -15.42 1.20
C SER B 107 2.94 -13.99 1.06
N SER B 108 3.47 -13.29 0.07
CA SER B 108 3.20 -11.87 -0.11
C SER B 108 1.87 -11.60 -0.80
N TRP B 109 1.16 -12.64 -1.25
CA TRP B 109 -0.11 -12.44 -1.95
C TRP B 109 -1.27 -12.59 -0.96
N VAL B 110 -1.34 -11.62 -0.07
CA VAL B 110 -2.40 -11.57 0.94
C VAL B 110 -3.59 -10.84 0.37
N MET B 111 -4.79 -11.33 0.67
CA MET B 111 -6.01 -10.75 0.15
C MET B 111 -7.04 -10.36 1.21
N THR B 112 -6.78 -10.65 2.49
CA THR B 112 -7.73 -10.30 3.53
C THR B 112 -7.00 -10.24 4.87
N CYS B 113 -7.63 -9.58 5.83
CA CYS B 113 -7.13 -9.55 7.20
C CYS B 113 -8.29 -9.25 8.13
N ALA B 114 -8.18 -9.76 9.36
CA ALA B 114 -9.19 -9.54 10.38
C ALA B 114 -8.51 -9.35 11.72
N TYR B 115 -9.20 -8.66 12.63
CA TYR B 115 -8.64 -8.31 13.93
C TYR B 115 -9.64 -8.78 14.98
N ALA B 116 -9.17 -9.62 15.91
CA ALA B 116 -10.07 -10.32 16.81
C ALA B 116 -10.80 -9.33 17.72
N PRO B 117 -12.05 -9.61 18.06
CA PRO B 117 -12.78 -8.70 18.97
C PRO B 117 -12.13 -8.58 20.34
N SER B 118 -11.51 -9.63 20.85
CA SER B 118 -10.82 -9.54 22.12
C SER B 118 -9.58 -8.66 22.02
N GLY B 119 -8.94 -8.65 20.85
CA GLY B 119 -7.74 -7.89 20.65
C GLY B 119 -6.45 -8.65 20.76
N ASN B 120 -6.50 -9.97 20.87
CA ASN B 120 -5.31 -10.78 21.08
C ASN B 120 -4.73 -11.37 19.80
N TYR B 121 -5.54 -11.55 18.77
CA TYR B 121 -5.08 -12.23 17.55
C TYR B 121 -5.45 -11.42 16.32
N VAL B 122 -4.71 -11.67 15.24
CA VAL B 122 -5.08 -11.22 13.90
C VAL B 122 -4.98 -12.42 12.98
N ALA B 123 -5.65 -12.30 11.83
CA ALA B 123 -5.65 -13.35 10.83
C ALA B 123 -5.47 -12.75 9.45
N CYS B 124 -4.87 -13.52 8.55
CA CYS B 124 -4.67 -13.08 7.19
C CYS B 124 -4.57 -14.30 6.28
N GLY B 125 -4.87 -14.09 5.01
CA GLY B 125 -4.79 -15.17 4.03
C GLY B 125 -4.84 -14.60 2.64
N GLY B 126 -4.70 -15.50 1.66
CA GLY B 126 -4.69 -15.09 0.28
C GLY B 126 -4.51 -16.21 -0.72
N LEU B 127 -3.65 -16.00 -1.71
CA LEU B 127 -3.49 -16.95 -2.79
C LEU B 127 -2.86 -18.26 -2.36
N ASP B 128 -2.33 -18.33 -1.14
CA ASP B 128 -1.70 -19.57 -0.67
C ASP B 128 -2.71 -20.56 -0.10
N ASN B 129 -3.99 -20.21 -0.06
CA ASN B 129 -5.06 -21.08 0.43
C ASN B 129 -4.93 -21.40 1.91
N ILE B 130 -4.20 -20.59 2.67
CA ILE B 130 -3.96 -20.83 4.09
C ILE B 130 -4.39 -19.60 4.87
N CYS B 131 -5.09 -19.82 5.98
CA CYS B 131 -5.44 -18.77 6.91
C CYS B 131 -4.53 -18.89 8.13
N SER B 132 -3.76 -17.84 8.39
CA SER B 132 -2.76 -17.84 9.45
C SER B 132 -3.23 -16.99 10.61
N ILE B 133 -3.07 -17.51 11.83
CA ILE B 133 -3.47 -16.82 13.04
C ILE B 133 -2.20 -16.36 13.76
N TYR B 134 -2.15 -15.09 14.13
CA TYR B 134 -0.99 -14.48 14.76
C TYR B 134 -1.33 -14.09 16.19
N ASN B 135 -0.41 -14.37 17.11
CA ASN B 135 -0.60 -14.04 18.52
C ASN B 135 0.09 -12.72 18.83
N LEU B 136 -0.65 -11.81 19.47
CA LEU B 136 -0.16 -10.48 19.76
C LEU B 136 0.24 -10.26 21.22
N LYS B 137 -0.02 -11.22 22.10
CA LYS B 137 0.23 -11.01 23.52
C LYS B 137 1.11 -12.10 24.11
N THR B 138 2.18 -12.46 23.40
CA THR B 138 3.10 -13.46 23.90
C THR B 138 4.02 -12.86 24.97
N ARG B 139 4.56 -13.74 25.82
CA ARG B 139 5.52 -13.32 26.83
C ARG B 139 6.90 -13.08 26.27
N GLU B 140 7.22 -13.61 25.09
CA GLU B 140 8.52 -13.39 24.47
C GLU B 140 8.67 -11.99 23.90
N GLY B 141 7.57 -11.26 23.72
CA GLY B 141 7.63 -9.88 23.26
C GLY B 141 7.44 -9.69 21.79
N ASN B 142 7.59 -10.73 20.97
CA ASN B 142 7.41 -10.63 19.53
C ASN B 142 6.04 -11.17 19.15
N VAL B 143 5.79 -11.24 17.85
CA VAL B 143 4.54 -11.76 17.30
C VAL B 143 4.85 -13.03 16.54
N ARG B 144 4.18 -14.12 16.91
CA ARG B 144 4.43 -15.43 16.35
C ARG B 144 3.18 -15.95 15.65
N VAL B 145 3.37 -17.03 14.90
CA VAL B 145 2.25 -17.73 14.26
C VAL B 145 1.76 -18.80 15.20
N SER B 146 0.46 -18.79 15.50
CA SER B 146 -0.09 -19.78 16.41
C SER B 146 -0.62 -21.00 15.67
N ARG B 147 -1.50 -20.80 14.70
CA ARG B 147 -2.05 -21.90 13.92
C ARG B 147 -2.11 -21.51 12.45
N GLU B 148 -1.96 -22.50 11.58
CA GLU B 148 -2.19 -22.36 10.15
C GLU B 148 -3.32 -23.31 9.76
N LEU B 149 -4.36 -22.76 9.14
CA LEU B 149 -5.56 -23.51 8.81
C LEU B 149 -5.53 -23.89 7.33
N ALA B 150 -5.50 -25.18 7.06
CA ALA B 150 -5.45 -25.70 5.71
C ALA B 150 -6.66 -26.57 5.44
N GLY B 151 -7.04 -26.66 4.16
CA GLY B 151 -8.18 -27.46 3.77
C GLY B 151 -8.98 -26.86 2.63
N HIS B 152 -8.85 -25.55 2.43
CA HIS B 152 -9.46 -24.92 1.28
C HIS B 152 -8.66 -25.22 0.03
N THR B 153 -9.36 -25.25 -1.11
CA THR B 153 -8.73 -25.50 -2.40
C THR B 153 -8.75 -24.28 -3.30
N GLY B 154 -8.92 -23.09 -2.73
CA GLY B 154 -8.90 -21.86 -3.49
C GLY B 154 -8.44 -20.73 -2.60
N TYR B 155 -8.22 -19.57 -3.22
CA TYR B 155 -7.72 -18.43 -2.48
C TYR B 155 -8.73 -17.97 -1.43
N LEU B 156 -8.22 -17.56 -0.28
CA LEU B 156 -9.06 -16.99 0.77
C LEU B 156 -9.44 -15.57 0.40
N SER B 157 -10.72 -15.24 0.54
CA SER B 157 -11.21 -13.92 0.19
C SER B 157 -11.68 -13.11 1.39
N CYS B 158 -12.09 -13.74 2.47
CA CYS B 158 -12.50 -13.03 3.67
C CYS B 158 -12.42 -13.96 4.86
N CYS B 159 -12.30 -13.37 6.05
CA CYS B 159 -12.29 -14.12 7.29
C CYS B 159 -12.76 -13.21 8.42
N ARG B 160 -13.52 -13.78 9.35
CA ARG B 160 -14.07 -13.01 10.46
C ARG B 160 -14.04 -13.86 11.72
N PHE B 161 -13.70 -13.23 12.84
CA PHE B 161 -13.69 -13.92 14.12
C PHE B 161 -15.07 -13.91 14.75
N LEU B 162 -15.39 -15.00 15.45
CA LEU B 162 -16.54 -15.05 16.34
C LEU B 162 -16.15 -14.88 17.80
N ASP B 163 -15.03 -15.49 18.19
CA ASP B 163 -14.43 -15.32 19.50
C ASP B 163 -12.95 -15.70 19.35
N ASP B 164 -12.28 -15.92 20.47
CA ASP B 164 -10.87 -16.28 20.40
C ASP B 164 -10.63 -17.68 19.85
N ASN B 165 -11.67 -18.48 19.65
CA ASN B 165 -11.49 -19.87 19.24
C ASN B 165 -12.21 -20.24 17.94
N GLN B 166 -13.06 -19.39 17.40
CA GLN B 166 -13.82 -19.73 16.20
C GLN B 166 -13.64 -18.65 15.15
N ILE B 167 -13.50 -19.07 13.90
CA ILE B 167 -13.33 -18.16 12.77
C ILE B 167 -14.07 -18.73 11.57
N VAL B 168 -14.63 -17.84 10.75
CA VAL B 168 -15.34 -18.22 9.54
C VAL B 168 -14.58 -17.64 8.35
N THR B 169 -14.35 -18.48 7.34
CA THR B 169 -13.60 -18.08 6.16
C THR B 169 -14.40 -18.41 4.91
N SER B 170 -14.21 -17.59 3.87
CA SER B 170 -14.79 -17.82 2.56
C SER B 170 -13.67 -17.87 1.53
N SER B 171 -13.69 -18.88 0.68
CA SER B 171 -12.61 -19.12 -0.25
C SER B 171 -13.12 -19.10 -1.68
N GLY B 172 -12.19 -19.22 -2.61
CA GLY B 172 -12.49 -19.27 -4.02
C GLY B 172 -12.93 -20.61 -4.55
N ASP B 173 -13.04 -21.60 -3.69
CA ASP B 173 -13.55 -22.91 -4.07
C ASP B 173 -15.06 -23.02 -3.88
N THR B 174 -15.77 -21.89 -3.87
CA THR B 174 -17.22 -21.82 -3.78
C THR B 174 -17.77 -22.39 -2.48
N THR B 175 -16.99 -22.36 -1.40
CA THR B 175 -17.43 -22.88 -0.12
C THR B 175 -17.03 -21.93 1.00
N CYS B 176 -17.80 -21.96 2.08
CA CYS B 176 -17.48 -21.29 3.32
C CYS B 176 -17.35 -22.33 4.42
N ALA B 177 -16.43 -22.10 5.35
CA ALA B 177 -16.12 -23.09 6.38
C ALA B 177 -16.04 -22.42 7.74
N LEU B 178 -16.36 -23.19 8.77
CA LEU B 178 -16.25 -22.77 10.15
C LEU B 178 -15.15 -23.59 10.83
N TRP B 179 -14.17 -22.92 11.41
CA TRP B 179 -12.99 -23.57 11.95
C TRP B 179 -13.02 -23.58 13.46
N ASP B 180 -12.23 -24.50 14.02
CA ASP B 180 -11.93 -24.55 15.45
C ASP B 180 -10.43 -24.32 15.60
N ILE B 181 -10.06 -23.13 16.08
CA ILE B 181 -8.66 -22.73 16.06
C ILE B 181 -7.80 -23.65 16.92
N GLU B 182 -8.34 -24.14 18.03
CA GLU B 182 -7.56 -24.98 18.93
C GLU B 182 -7.09 -26.25 18.23
N THR B 183 -8.02 -26.98 17.61
CA THR B 183 -7.67 -28.23 16.95
C THR B 183 -7.34 -28.05 15.47
N GLY B 184 -7.59 -26.87 14.90
CA GLY B 184 -7.28 -26.64 13.50
C GLY B 184 -8.06 -27.52 12.55
N GLN B 185 -9.35 -27.69 12.79
CA GLN B 185 -10.19 -28.55 11.98
C GLN B 185 -11.47 -27.82 11.58
N GLN B 186 -11.98 -28.16 10.41
CA GLN B 186 -13.27 -27.64 9.97
C GLN B 186 -14.39 -28.36 10.70
N THR B 187 -15.22 -27.61 11.41
CA THR B 187 -16.35 -28.21 12.09
C THR B 187 -17.60 -28.21 11.22
N THR B 188 -17.78 -27.18 10.39
CA THR B 188 -18.93 -27.08 9.51
C THR B 188 -18.49 -26.52 8.17
N THR B 189 -19.03 -27.06 7.09
CA THR B 189 -18.77 -26.60 5.74
C THR B 189 -20.07 -26.16 5.10
N PHE B 190 -20.07 -24.97 4.53
CA PHE B 190 -21.25 -24.41 3.88
C PHE B 190 -21.09 -24.49 2.38
N THR B 191 -22.07 -25.10 1.71
CA THR B 191 -22.01 -25.32 0.27
C THR B 191 -23.33 -24.88 -0.36
N GLY B 192 -23.26 -24.49 -1.63
CA GLY B 192 -24.44 -24.08 -2.35
C GLY B 192 -24.19 -22.97 -3.35
N HIS B 193 -23.10 -22.22 -3.17
CA HIS B 193 -22.72 -21.22 -4.15
C HIS B 193 -22.15 -21.90 -5.39
N THR B 194 -22.22 -21.19 -6.52
CA THR B 194 -21.71 -21.71 -7.78
C THR B 194 -20.55 -20.90 -8.34
N GLY B 195 -20.14 -19.83 -7.66
CA GLY B 195 -19.01 -19.04 -8.08
C GLY B 195 -18.10 -18.72 -6.91
N ASP B 196 -17.06 -17.95 -7.21
CA ASP B 196 -16.11 -17.55 -6.18
C ASP B 196 -16.83 -16.74 -5.10
N VAL B 197 -16.66 -17.13 -3.85
CA VAL B 197 -17.23 -16.36 -2.74
C VAL B 197 -16.27 -15.23 -2.42
N MET B 198 -16.77 -14.00 -2.47
CA MET B 198 -15.90 -12.83 -2.43
C MET B 198 -15.88 -12.12 -1.08
N SER B 199 -16.96 -12.18 -0.31
CA SER B 199 -16.98 -11.49 0.97
C SER B 199 -18.09 -12.07 1.84
N LEU B 200 -18.01 -11.79 3.14
CA LEU B 200 -19.02 -12.21 4.08
C LEU B 200 -19.11 -11.18 5.20
N SER B 201 -20.22 -11.21 5.93
CA SER B 201 -20.45 -10.31 7.05
C SER B 201 -21.15 -11.07 8.17
N LEU B 202 -20.74 -10.82 9.40
CA LEU B 202 -21.30 -11.49 10.56
C LEU B 202 -22.43 -10.65 11.16
N ALA B 203 -23.45 -11.34 11.65
CA ALA B 203 -24.59 -10.68 12.27
C ALA B 203 -24.19 -10.09 13.61
N PRO B 204 -24.91 -9.06 14.07
CA PRO B 204 -24.62 -8.51 15.41
C PRO B 204 -24.71 -9.52 16.53
N ASP B 205 -25.68 -10.43 16.48
CA ASP B 205 -25.84 -11.43 17.51
C ASP B 205 -24.96 -12.66 17.29
N THR B 206 -24.24 -12.71 16.17
CA THR B 206 -23.35 -13.82 15.84
C THR B 206 -24.10 -15.15 15.79
N ARG B 207 -25.31 -15.13 15.26
CA ARG B 207 -26.07 -16.34 15.01
C ARG B 207 -26.15 -16.70 13.54
N LEU B 208 -26.08 -15.71 12.65
CA LEU B 208 -26.21 -15.89 11.22
C LEU B 208 -25.11 -15.10 10.51
N PHE B 209 -24.94 -15.36 9.23
CA PHE B 209 -24.06 -14.54 8.41
C PHE B 209 -24.46 -14.69 6.95
N VAL B 210 -24.05 -13.72 6.14
CA VAL B 210 -24.39 -13.69 4.73
C VAL B 210 -23.12 -13.65 3.91
N SER B 211 -23.19 -14.20 2.70
CA SER B 211 -22.05 -14.26 1.81
C SER B 211 -22.47 -13.87 0.40
N GLY B 212 -21.59 -13.14 -0.28
CA GLY B 212 -21.83 -12.77 -1.65
C GLY B 212 -20.82 -13.44 -2.58
N ALA B 213 -21.29 -13.98 -3.69
CA ALA B 213 -20.45 -14.76 -4.59
C ALA B 213 -20.46 -14.15 -5.98
N CYS B 214 -19.76 -14.82 -6.90
CA CYS B 214 -19.65 -14.36 -8.28
C CYS B 214 -20.73 -14.95 -9.17
N ASP B 215 -21.88 -15.31 -8.61
CA ASP B 215 -23.03 -15.75 -9.39
C ASP B 215 -24.22 -14.80 -9.24
N ALA B 216 -23.96 -13.57 -8.80
CA ALA B 216 -24.98 -12.55 -8.63
C ALA B 216 -26.09 -13.01 -7.69
N SER B 217 -25.69 -13.65 -6.58
CA SER B 217 -26.64 -14.10 -5.58
C SER B 217 -25.98 -14.03 -4.20
N ALA B 218 -26.82 -13.81 -3.19
CA ALA B 218 -26.38 -13.78 -1.80
C ALA B 218 -27.18 -14.79 -1.00
N LYS B 219 -26.55 -15.41 -0.02
CA LYS B 219 -27.17 -16.47 0.75
C LYS B 219 -27.05 -16.16 2.23
N LEU B 220 -28.03 -16.63 3.01
CA LEU B 220 -28.05 -16.45 4.45
C LEU B 220 -27.84 -17.81 5.11
N TRP B 221 -26.82 -17.90 5.95
CA TRP B 221 -26.42 -19.15 6.58
C TRP B 221 -26.74 -19.13 8.06
N ASP B 222 -26.96 -20.32 8.61
CA ASP B 222 -27.09 -20.53 10.05
C ASP B 222 -25.81 -21.19 10.53
N VAL B 223 -25.19 -20.60 11.56
CA VAL B 223 -23.87 -21.06 11.98
C VAL B 223 -23.95 -22.46 12.59
N ARG B 224 -25.01 -22.75 13.33
CA ARG B 224 -25.05 -24.02 14.06
C ARG B 224 -25.26 -25.21 13.13
N GLU B 225 -26.38 -25.25 12.42
CA GLU B 225 -26.72 -26.43 11.65
C GLU B 225 -26.07 -26.47 10.28
N GLY B 226 -25.37 -25.41 9.88
CA GLY B 226 -24.74 -25.39 8.57
C GLY B 226 -25.74 -25.46 7.42
N MET B 227 -26.84 -24.74 7.54
CA MET B 227 -27.94 -24.78 6.60
C MET B 227 -28.20 -23.38 6.07
N CYS B 228 -28.62 -23.32 4.80
CA CYS B 228 -28.86 -22.05 4.13
C CYS B 228 -30.33 -21.71 4.26
N ARG B 229 -30.62 -20.55 4.85
CA ARG B 229 -32.01 -20.20 5.12
C ARG B 229 -32.69 -19.57 3.91
N GLN B 230 -32.10 -18.52 3.35
CA GLN B 230 -32.70 -17.79 2.25
C GLN B 230 -31.65 -17.50 1.19
N THR B 231 -32.11 -17.30 -0.03
CA THR B 231 -31.26 -16.92 -1.15
C THR B 231 -31.81 -15.66 -1.78
N PHE B 232 -30.93 -14.68 -1.99
CA PHE B 232 -31.33 -13.36 -2.47
C PHE B 232 -30.72 -13.12 -3.84
N THR B 233 -31.55 -12.68 -4.78
CA THR B 233 -31.14 -12.38 -6.15
C THR B 233 -31.60 -10.97 -6.52
N GLY B 234 -31.11 -10.50 -7.65
CA GLY B 234 -31.47 -9.17 -8.10
C GLY B 234 -30.33 -8.44 -8.77
N HIS B 235 -29.10 -8.79 -8.39
CA HIS B 235 -27.93 -8.24 -9.05
C HIS B 235 -27.76 -8.86 -10.43
N GLU B 236 -26.92 -8.24 -11.24
CA GLU B 236 -26.66 -8.73 -12.59
C GLU B 236 -25.23 -9.18 -12.82
N SER B 237 -24.34 -9.01 -11.85
CA SER B 237 -22.95 -9.38 -12.04
C SER B 237 -22.37 -9.81 -10.70
N ASP B 238 -21.05 -9.91 -10.65
CA ASP B 238 -20.37 -10.40 -9.46
C ASP B 238 -20.58 -9.45 -8.28
N ILE B 239 -20.60 -10.02 -7.08
CA ILE B 239 -20.80 -9.27 -5.85
C ILE B 239 -19.46 -9.20 -5.12
N ASN B 240 -19.03 -7.99 -4.77
CA ASN B 240 -17.73 -7.79 -4.16
C ASN B 240 -17.77 -7.37 -2.70
N ALA B 241 -18.92 -6.99 -2.17
CA ALA B 241 -18.99 -6.51 -0.79
C ALA B 241 -20.38 -6.74 -0.23
N ILE B 242 -20.46 -6.80 1.10
CA ILE B 242 -21.73 -7.04 1.79
C ILE B 242 -21.55 -6.63 3.24
N CYS B 243 -22.65 -6.23 3.87
CA CYS B 243 -22.62 -5.75 5.25
C CYS B 243 -24.04 -5.65 5.79
N PHE B 244 -24.27 -6.14 7.01
CA PHE B 244 -25.58 -6.00 7.64
C PHE B 244 -25.90 -4.56 8.01
N PHE B 245 -27.20 -4.29 8.06
CA PHE B 245 -27.72 -3.14 8.76
C PHE B 245 -27.47 -3.31 10.26
N PRO B 246 -27.37 -2.20 11.01
CA PRO B 246 -27.00 -2.33 12.43
C PRO B 246 -27.91 -3.24 13.26
N ASN B 247 -29.20 -3.28 12.97
CA ASN B 247 -30.11 -4.09 13.78
C ASN B 247 -30.19 -5.53 13.30
N GLY B 248 -29.47 -5.90 12.24
CA GLY B 248 -29.43 -7.28 11.81
C GLY B 248 -30.67 -7.79 11.11
N ASN B 249 -31.43 -6.92 10.45
CA ASN B 249 -32.60 -7.34 9.69
C ASN B 249 -32.51 -6.91 8.23
N ALA B 250 -31.34 -6.48 7.77
CA ALA B 250 -31.14 -6.07 6.40
C ALA B 250 -29.66 -6.05 6.11
N PHE B 251 -29.32 -6.05 4.82
CA PHE B 251 -27.92 -5.93 4.43
C PHE B 251 -27.85 -5.28 3.06
N ALA B 252 -26.67 -4.75 2.74
CA ALA B 252 -26.44 -4.07 1.48
C ALA B 252 -25.30 -4.73 0.74
N THR B 253 -25.42 -4.78 -0.59
CA THR B 253 -24.43 -5.43 -1.44
C THR B 253 -23.95 -4.48 -2.51
N GLY B 254 -22.69 -4.62 -2.87
CA GLY B 254 -22.12 -3.86 -3.97
C GLY B 254 -21.58 -4.79 -5.02
N SER B 255 -21.93 -4.51 -6.27
CA SER B 255 -21.64 -5.42 -7.37
C SER B 255 -20.85 -4.71 -8.46
N ASP B 256 -20.61 -5.44 -9.54
CA ASP B 256 -19.87 -4.92 -10.68
C ASP B 256 -20.75 -4.23 -11.72
N ASP B 257 -22.07 -4.31 -11.58
CA ASP B 257 -22.98 -3.59 -12.46
C ASP B 257 -23.19 -2.16 -12.05
N ALA B 258 -22.27 -1.60 -11.24
CA ALA B 258 -22.29 -0.21 -10.83
C ALA B 258 -23.53 0.15 -10.01
N THR B 259 -24.04 -0.80 -9.23
CA THR B 259 -25.19 -0.55 -8.38
C THR B 259 -24.95 -1.13 -7.00
N CYS B 260 -25.63 -0.55 -6.01
CA CYS B 260 -25.73 -1.11 -4.68
C CYS B 260 -27.20 -1.35 -4.37
N ARG B 261 -27.47 -2.36 -3.55
CA ARG B 261 -28.84 -2.77 -3.29
C ARG B 261 -29.02 -3.11 -1.83
N LEU B 262 -30.23 -2.87 -1.33
CA LEU B 262 -30.59 -3.16 0.05
C LEU B 262 -31.64 -4.25 0.08
N PHE B 263 -31.35 -5.33 0.80
CA PHE B 263 -32.24 -6.47 0.90
C PHE B 263 -32.85 -6.54 2.29
N ASP B 264 -33.86 -7.38 2.44
CA ASP B 264 -34.53 -7.58 3.71
C ASP B 264 -34.57 -9.06 4.05
N LEU B 265 -34.42 -9.37 5.34
CA LEU B 265 -34.42 -10.75 5.79
C LEU B 265 -35.81 -11.28 6.07
N ARG B 266 -36.77 -10.41 6.39
CA ARG B 266 -38.10 -10.88 6.76
C ARG B 266 -39.09 -10.81 5.60
N ALA B 267 -38.99 -9.79 4.75
CA ALA B 267 -39.79 -9.75 3.54
C ALA B 267 -39.17 -10.54 2.39
N ASP B 268 -37.88 -10.89 2.51
CA ASP B 268 -37.20 -11.80 1.59
C ASP B 268 -37.23 -11.29 0.16
N GLN B 269 -36.79 -10.05 -0.03
CA GLN B 269 -36.70 -9.49 -1.37
C GLN B 269 -35.94 -8.16 -1.31
N GLU B 270 -35.80 -7.56 -2.47
CA GLU B 270 -35.12 -6.28 -2.68
C GLU B 270 -35.96 -5.14 -2.11
N LEU B 271 -35.27 -4.08 -1.68
CA LEU B 271 -35.97 -2.91 -1.16
C LEU B 271 -35.66 -1.63 -1.92
N MET B 272 -34.39 -1.38 -2.24
CA MET B 272 -34.03 -0.14 -2.91
C MET B 272 -32.70 -0.31 -3.62
N THR B 273 -32.53 0.44 -4.71
CA THR B 273 -31.33 0.41 -5.53
C THR B 273 -30.66 1.78 -5.53
N TYR B 274 -29.36 1.80 -5.32
CA TYR B 274 -28.57 3.03 -5.25
C TYR B 274 -27.70 3.11 -6.50
N SER B 275 -28.20 3.78 -7.54
CA SER B 275 -27.49 3.88 -8.81
C SER B 275 -27.65 5.28 -9.36
N HIS B 276 -26.71 5.66 -10.23
CA HIS B 276 -26.78 6.92 -10.94
C HIS B 276 -26.30 6.71 -12.36
N ASP B 277 -26.80 7.54 -13.28
CA ASP B 277 -26.57 7.30 -14.70
C ASP B 277 -25.12 7.51 -15.10
N ASN B 278 -24.41 8.43 -14.45
CA ASN B 278 -23.04 8.72 -14.84
C ASN B 278 -22.01 7.87 -14.10
N ILE B 279 -22.44 6.86 -13.38
CA ILE B 279 -21.53 5.93 -12.69
C ILE B 279 -21.54 4.63 -13.46
N ILE B 280 -20.36 4.23 -13.96
CA ILE B 280 -20.23 3.03 -14.77
C ILE B 280 -19.13 2.11 -14.29
N CYS B 281 -18.59 2.32 -13.10
CA CYS B 281 -17.57 1.46 -12.54
C CYS B 281 -18.15 0.63 -11.41
N GLY B 282 -17.43 -0.44 -11.05
CA GLY B 282 -17.89 -1.34 -10.02
C GLY B 282 -17.70 -0.78 -8.62
N ILE B 283 -18.23 -1.51 -7.65
CA ILE B 283 -18.13 -1.17 -6.24
C ILE B 283 -17.25 -2.20 -5.56
N THR B 284 -16.34 -1.73 -4.72
CA THR B 284 -15.38 -2.63 -4.07
C THR B 284 -15.63 -2.82 -2.59
N SER B 285 -16.38 -1.91 -1.95
CA SER B 285 -16.61 -2.03 -0.52
C SER B 285 -17.84 -1.22 -0.14
N VAL B 286 -18.58 -1.71 0.85
CA VAL B 286 -19.72 -0.98 1.41
C VAL B 286 -19.63 -1.04 2.93
N SER B 287 -20.34 -0.11 3.57
CA SER B 287 -20.39 -0.04 5.03
C SER B 287 -21.47 0.94 5.43
N PHE B 288 -22.06 0.71 6.60
CA PHE B 288 -23.09 1.56 7.14
C PHE B 288 -22.51 2.49 8.21
N SER B 289 -23.33 3.45 8.62
CA SER B 289 -22.98 4.29 9.76
C SER B 289 -23.56 3.67 11.03
N LYS B 290 -23.32 4.33 12.16
CA LYS B 290 -23.77 3.77 13.43
C LYS B 290 -25.29 3.68 13.49
N SER B 291 -25.98 4.70 12.99
CA SER B 291 -27.44 4.67 13.00
C SER B 291 -28.03 4.11 11.71
N GLY B 292 -27.21 3.76 10.74
CA GLY B 292 -27.69 3.18 9.51
C GLY B 292 -28.32 4.15 8.54
N ARG B 293 -28.26 5.46 8.82
CA ARG B 293 -28.85 6.43 7.91
C ARG B 293 -27.97 6.67 6.69
N LEU B 294 -26.67 6.49 6.81
CA LEU B 294 -25.74 6.72 5.72
C LEU B 294 -25.14 5.40 5.27
N LEU B 295 -25.07 5.22 3.95
CA LEU B 295 -24.42 4.06 3.34
C LEU B 295 -23.22 4.55 2.56
N LEU B 296 -22.06 3.96 2.83
CA LEU B 296 -20.82 4.36 2.19
C LEU B 296 -20.39 3.28 1.21
N ALA B 297 -19.85 3.68 0.07
CA ALA B 297 -19.42 2.74 -0.96
C ALA B 297 -18.15 3.24 -1.62
N GLY B 298 -17.25 2.31 -1.94
CA GLY B 298 -16.01 2.63 -2.63
C GLY B 298 -16.08 2.12 -4.06
N TYR B 299 -15.66 2.96 -5.00
CA TYR B 299 -15.79 2.68 -6.43
C TYR B 299 -14.42 2.52 -7.06
N ASP B 300 -14.44 2.17 -8.35
CA ASP B 300 -13.22 2.05 -9.13
C ASP B 300 -12.79 3.37 -9.77
N ASP B 301 -13.66 4.37 -9.79
CA ASP B 301 -13.30 5.68 -10.34
C ASP B 301 -12.60 6.56 -9.32
N PHE B 302 -12.03 5.96 -8.28
CA PHE B 302 -11.14 6.54 -7.28
C PHE B 302 -11.91 7.33 -6.23
N ASN B 303 -13.23 7.39 -6.29
CA ASN B 303 -14.03 8.17 -5.35
C ASN B 303 -14.69 7.25 -4.34
N CYS B 304 -15.45 7.85 -3.41
CA CYS B 304 -16.25 7.10 -2.46
C CYS B 304 -17.52 7.89 -2.22
N ASN B 305 -18.64 7.41 -2.74
CA ASN B 305 -19.91 8.10 -2.60
C ASN B 305 -20.53 7.81 -1.24
N VAL B 306 -21.36 8.73 -0.78
CA VAL B 306 -22.11 8.59 0.46
C VAL B 306 -23.59 8.70 0.14
N TRP B 307 -24.34 7.65 0.42
CA TRP B 307 -25.72 7.56 0.00
C TRP B 307 -26.65 7.69 1.19
N ASP B 308 -27.76 8.39 0.99
CA ASP B 308 -28.84 8.45 1.98
C ASP B 308 -29.60 7.13 1.90
N ALA B 309 -29.45 6.29 2.93
CA ALA B 309 -29.94 4.92 2.84
C ALA B 309 -31.45 4.86 2.70
N LEU B 310 -32.17 5.86 3.22
CA LEU B 310 -33.62 5.82 3.20
C LEU B 310 -34.24 6.58 2.02
N LYS B 311 -33.43 7.27 1.21
CA LYS B 311 -33.96 8.04 0.11
C LYS B 311 -33.20 7.86 -1.20
N ALA B 312 -32.07 7.15 -1.20
CA ALA B 312 -31.26 6.83 -2.37
C ALA B 312 -30.60 8.05 -3.00
N ASP B 313 -30.79 9.24 -2.45
CA ASP B 313 -30.12 10.43 -2.95
C ASP B 313 -28.67 10.45 -2.47
N ARG B 314 -27.77 10.75 -3.40
CA ARG B 314 -26.37 10.93 -3.01
C ARG B 314 -26.24 12.15 -2.12
N ALA B 315 -25.32 12.08 -1.16
CA ALA B 315 -25.18 13.14 -0.17
C ALA B 315 -23.78 13.71 -0.06
N GLY B 316 -22.76 13.04 -0.59
CA GLY B 316 -21.41 13.57 -0.48
C GLY B 316 -20.44 12.70 -1.24
N VAL B 317 -19.20 13.19 -1.31
CA VAL B 317 -18.12 12.51 -2.01
C VAL B 317 -16.85 12.66 -1.18
N LEU B 318 -16.09 11.58 -1.08
CA LEU B 318 -14.78 11.61 -0.43
C LEU B 318 -13.73 11.36 -1.51
N ALA B 319 -13.29 12.43 -2.16
CA ALA B 319 -12.37 12.36 -3.29
C ALA B 319 -10.98 12.75 -2.80
N GLY B 320 -10.17 11.77 -2.44
CA GLY B 320 -8.82 12.06 -1.99
C GLY B 320 -7.79 11.03 -2.38
N HIS B 321 -8.16 10.04 -3.20
CA HIS B 321 -7.30 8.93 -3.52
C HIS B 321 -6.83 9.02 -4.96
N ASP B 322 -5.69 8.39 -5.24
CA ASP B 322 -5.06 8.44 -6.55
C ASP B 322 -5.34 7.18 -7.36
N ASN B 323 -5.63 6.05 -6.70
CA ASN B 323 -5.94 4.81 -7.38
C ASN B 323 -7.26 4.28 -6.83
N ARG B 324 -7.62 3.07 -7.23
CA ARG B 324 -8.93 2.54 -6.86
C ARG B 324 -9.01 2.30 -5.36
N VAL B 325 -10.21 2.42 -4.82
CA VAL B 325 -10.45 2.18 -3.40
C VAL B 325 -10.80 0.72 -3.20
N SER B 326 -10.06 0.05 -2.33
CA SER B 326 -10.19 -1.40 -2.17
C SER B 326 -10.83 -1.83 -0.87
N CYS B 327 -10.87 -0.97 0.15
CA CYS B 327 -11.47 -1.35 1.41
C CYS B 327 -11.82 -0.11 2.21
N LEU B 328 -12.90 -0.20 2.98
CA LEU B 328 -13.26 0.85 3.91
C LEU B 328 -14.05 0.25 5.07
N GLY B 329 -14.07 0.97 6.18
CA GLY B 329 -14.75 0.51 7.37
C GLY B 329 -15.07 1.65 8.30
N VAL B 330 -16.04 1.43 9.18
CA VAL B 330 -16.50 2.44 10.12
C VAL B 330 -16.29 1.93 11.53
N THR B 331 -15.78 2.80 12.41
CA THR B 331 -15.51 2.42 13.78
C THR B 331 -16.79 2.00 14.48
N ASP B 332 -16.63 1.31 15.61
CA ASP B 332 -17.78 0.84 16.37
C ASP B 332 -18.56 1.97 17.01
N ASP B 333 -17.89 3.04 17.44
CA ASP B 333 -18.55 4.20 18.00
C ASP B 333 -18.99 5.19 16.92
N GLY B 334 -18.65 4.95 15.66
CA GLY B 334 -19.08 5.80 14.59
C GLY B 334 -18.39 7.14 14.50
N MET B 335 -17.20 7.28 15.09
CA MET B 335 -16.51 8.56 15.08
C MET B 335 -15.75 8.83 13.80
N ALA B 336 -15.41 7.81 13.03
CA ALA B 336 -14.57 8.01 11.86
C ALA B 336 -14.77 6.86 10.89
N VAL B 337 -14.30 7.08 9.66
CA VAL B 337 -14.29 6.08 8.61
C VAL B 337 -12.93 6.09 7.95
N ALA B 338 -12.38 4.90 7.69
CA ALA B 338 -11.08 4.76 7.07
C ALA B 338 -11.22 4.10 5.72
N THR B 339 -10.41 4.52 4.76
CA THR B 339 -10.41 3.98 3.41
C THR B 339 -9.01 3.59 3.01
N GLY B 340 -8.85 2.36 2.51
CA GLY B 340 -7.60 1.93 1.93
C GLY B 340 -7.64 2.07 0.43
N SER B 341 -6.48 2.02 -0.23
CA SER B 341 -6.45 2.21 -1.67
C SER B 341 -5.20 1.57 -2.24
N TRP B 342 -5.18 1.49 -3.57
CA TRP B 342 -4.10 0.83 -4.29
C TRP B 342 -2.89 1.73 -4.48
N ASP B 343 -2.93 2.96 -3.95
CA ASP B 343 -1.76 3.82 -3.93
C ASP B 343 -0.97 3.70 -2.63
N SER B 344 -1.35 2.75 -1.77
CA SER B 344 -0.62 2.42 -0.55
C SER B 344 -0.76 3.50 0.52
N PHE B 345 -1.90 4.15 0.61
CA PHE B 345 -2.18 5.10 1.67
C PHE B 345 -3.52 4.78 2.30
N LEU B 346 -3.62 5.00 3.61
CA LEU B 346 -4.89 5.00 4.32
C LEU B 346 -5.23 6.43 4.71
N LYS B 347 -6.50 6.78 4.62
CA LYS B 347 -6.98 8.09 5.04
C LYS B 347 -8.11 7.88 6.03
N ILE B 348 -8.20 8.74 7.03
CA ILE B 348 -9.25 8.68 8.03
C ILE B 348 -10.08 9.95 7.92
N TRP B 349 -11.37 9.78 7.68
CA TRP B 349 -12.27 10.90 7.44
C TRP B 349 -13.21 11.07 8.63
N ASN B 350 -13.65 12.30 8.83
CA ASN B 350 -14.52 12.61 9.96
C ASN B 350 -15.30 13.88 9.71
N THR C 3 3.26 18.74 26.68
CA THR C 3 3.64 18.25 25.37
C THR C 3 3.33 16.77 25.26
N LEU C 4 4.23 15.93 25.75
CA LEU C 4 4.07 14.49 25.72
C LEU C 4 4.56 13.89 27.03
N SER C 5 4.04 12.72 27.37
CA SER C 5 4.52 11.98 28.52
C SER C 5 5.74 11.15 28.12
N ALA C 6 6.34 10.49 29.09
CA ALA C 6 7.52 9.66 28.80
C ALA C 6 7.14 8.46 27.94
N GLU C 7 6.01 7.82 28.26
CA GLU C 7 5.60 6.64 27.52
C GLU C 7 5.26 7.01 26.07
N ASP C 8 4.70 8.19 25.85
CA ASP C 8 4.45 8.64 24.49
C ASP C 8 5.77 8.80 23.71
N LYS C 9 6.78 9.36 24.35
CA LYS C 9 8.08 9.49 23.70
C LYS C 9 8.65 8.13 23.34
N ALA C 10 8.54 7.18 24.26
CA ALA C 10 9.03 5.83 23.98
C ALA C 10 8.26 5.19 22.82
N ALA C 11 6.96 5.41 22.76
CA ALA C 11 6.16 4.88 21.66
C ALA C 11 6.60 5.48 20.33
N VAL C 12 6.87 6.79 20.31
CA VAL C 12 7.34 7.42 19.08
C VAL C 12 8.70 6.85 18.67
N GLU C 13 9.56 6.59 19.65
CA GLU C 13 10.86 5.98 19.34
C GLU C 13 10.67 4.60 18.72
N ARG C 14 9.75 3.80 19.27
CA ARG C 14 9.48 2.49 18.70
C ARG C 14 8.97 2.60 17.27
N SER C 15 8.09 3.57 17.02
CA SER C 15 7.57 3.77 15.68
C SER C 15 8.69 4.14 14.71
N LYS C 16 9.64 4.98 15.15
CA LYS C 16 10.74 5.34 14.27
C LYS C 16 11.65 4.16 13.99
N MET C 17 11.87 3.29 14.98
CA MET C 17 12.64 2.07 14.73
C MET C 17 11.95 1.20 13.70
N ILE C 18 10.62 1.05 13.81
CA ILE C 18 9.88 0.28 12.83
C ILE C 18 10.00 0.89 11.44
N GLU C 19 9.99 2.22 11.36
CA GLU C 19 10.14 2.88 10.06
C GLU C 19 11.53 2.63 9.48
N LYS C 20 12.56 2.61 10.32
CA LYS C 20 13.90 2.26 9.83
C LYS C 20 13.90 0.87 9.23
N GLN C 21 13.28 -0.09 9.92
CA GLN C 21 13.21 -1.44 9.37
C GLN C 21 12.44 -1.46 8.05
N LEU C 22 11.37 -0.67 7.96
CA LEU C 22 10.60 -0.63 6.72
C LEU C 22 11.42 -0.06 5.57
N GLN C 23 12.26 0.93 5.86
CA GLN C 23 13.16 1.44 4.82
C GLN C 23 14.14 0.37 4.36
N LYS C 24 14.72 -0.36 5.32
CA LYS C 24 15.63 -1.43 4.95
C LYS C 24 14.94 -2.48 4.08
N ASP C 25 13.65 -2.73 4.33
CA ASP C 25 12.92 -3.68 3.50
C ASP C 25 12.55 -3.11 2.15
N LYS C 26 12.23 -1.82 2.08
CA LYS C 26 11.91 -1.19 0.81
C LYS C 26 13.10 -1.20 -0.13
N GLN C 27 14.31 -1.06 0.41
CA GLN C 27 15.50 -1.12 -0.43
C GLN C 27 15.58 -2.46 -1.16
N VAL C 28 15.25 -3.55 -0.47
CA VAL C 28 15.24 -4.86 -1.12
C VAL C 28 14.07 -4.98 -2.09
N TYR C 29 12.89 -4.49 -1.68
CA TYR C 29 11.70 -4.67 -2.51
C TYR C 29 11.84 -3.97 -3.86
N ARG C 30 12.37 -2.75 -3.87
CA ARG C 30 12.49 -2.02 -5.13
C ARG C 30 13.55 -2.60 -6.06
N ALA C 31 14.42 -3.48 -5.57
CA ALA C 31 15.54 -3.97 -6.36
C ALA C 31 15.30 -5.33 -6.97
N THR C 32 14.07 -5.82 -6.97
CA THR C 32 13.74 -7.11 -7.56
C THR C 32 12.62 -6.95 -8.58
N HIS C 33 12.59 -7.85 -9.54
CA HIS C 33 11.59 -7.84 -10.60
C HIS C 33 10.68 -9.05 -10.47
N ARG C 34 9.37 -8.82 -10.53
CA ARG C 34 8.38 -9.86 -10.38
C ARG C 34 7.78 -10.20 -11.73
N LEU C 35 7.82 -11.48 -12.09
CA LEU C 35 7.32 -11.96 -13.37
C LEU C 35 6.23 -12.99 -13.12
N LEU C 36 5.14 -12.90 -13.86
CA LEU C 36 4.05 -13.86 -13.78
C LEU C 36 4.12 -14.81 -14.95
N LEU C 37 4.35 -16.09 -14.67
CA LEU C 37 4.41 -17.11 -15.69
C LEU C 37 3.02 -17.70 -15.88
N LEU C 38 2.56 -17.74 -17.12
CA LEU C 38 1.19 -18.13 -17.42
C LEU C 38 1.16 -18.84 -18.77
N GLY C 39 0.25 -19.80 -18.90
CA GLY C 39 0.12 -20.53 -20.15
C GLY C 39 -0.97 -21.58 -20.05
N ALA C 40 -1.19 -22.26 -21.17
CA ALA C 40 -2.17 -23.32 -21.21
C ALA C 40 -1.63 -24.57 -20.50
N GLY C 41 -2.49 -25.58 -20.38
CA GLY C 41 -2.12 -26.78 -19.65
C GLY C 41 -1.00 -27.56 -20.32
N GLU C 42 -1.08 -27.72 -21.64
CA GLU C 42 -0.10 -28.47 -22.40
C GLU C 42 1.04 -27.60 -22.93
N SER C 43 1.28 -26.45 -22.30
CA SER C 43 2.30 -25.53 -22.79
C SER C 43 3.68 -26.16 -22.75
N GLY C 44 3.99 -26.88 -21.68
CA GLY C 44 5.33 -27.40 -21.50
C GLY C 44 6.19 -26.45 -20.69
N LYS C 45 5.56 -25.65 -19.84
CA LYS C 45 6.27 -24.68 -19.02
C LYS C 45 7.21 -25.35 -18.03
N SER C 46 7.00 -26.63 -17.71
CA SER C 46 7.92 -27.34 -16.84
C SER C 46 9.31 -27.40 -17.46
N THR C 47 9.39 -27.68 -18.76
CA THR C 47 10.68 -27.69 -19.43
C THR C 47 11.34 -26.32 -19.40
N ILE C 48 10.56 -25.26 -19.64
CA ILE C 48 11.11 -23.91 -19.66
C ILE C 48 11.64 -23.53 -18.28
N VAL C 49 10.89 -23.85 -17.23
CA VAL C 49 11.33 -23.48 -15.89
C VAL C 49 12.51 -24.34 -15.44
N LYS C 50 12.56 -25.61 -15.87
CA LYS C 50 13.72 -26.44 -15.53
C LYS C 50 14.96 -25.97 -16.26
N GLN C 51 14.80 -25.46 -17.49
CA GLN C 51 15.93 -24.89 -18.21
C GLN C 51 16.44 -23.62 -17.54
N MET C 52 15.65 -23.07 -16.60
CA MET C 52 16.06 -21.90 -15.85
C MET C 52 15.94 -22.15 -14.35
N SER C 183 1.71 -26.57 -3.82
CA SER C 183 0.68 -25.84 -3.11
C SER C 183 0.00 -24.82 -4.02
N GLY C 184 -0.39 -23.69 -3.43
CA GLY C 184 -1.12 -22.68 -4.18
C GLY C 184 -0.28 -22.04 -5.28
N ILE C 185 0.98 -21.74 -4.97
CA ILE C 185 1.86 -21.01 -5.87
C ILE C 185 3.22 -21.68 -5.91
N PHE C 186 3.78 -21.80 -7.10
CA PHE C 186 5.14 -22.30 -7.29
C PHE C 186 6.03 -21.12 -7.67
N GLU C 187 7.08 -20.89 -6.89
CA GLU C 187 7.96 -19.74 -7.10
C GLU C 187 9.35 -20.20 -7.50
N THR C 188 10.00 -19.40 -8.34
CA THR C 188 11.34 -19.67 -8.82
C THR C 188 12.13 -18.37 -8.81
N LYS C 189 13.38 -18.42 -8.34
CA LYS C 189 14.24 -17.25 -8.29
C LYS C 189 15.50 -17.49 -9.11
N PHE C 190 15.98 -16.43 -9.76
CA PHE C 190 17.24 -16.48 -10.50
C PHE C 190 17.73 -15.05 -10.64
N GLN C 191 19.01 -14.92 -10.98
CA GLN C 191 19.58 -13.61 -11.23
C GLN C 191 20.53 -13.68 -12.42
N VAL C 192 20.60 -12.57 -13.16
CA VAL C 192 21.52 -12.40 -14.27
C VAL C 192 22.13 -11.02 -14.18
N ASP C 193 23.45 -10.94 -14.30
CA ASP C 193 24.19 -9.69 -14.13
C ASP C 193 23.81 -9.03 -12.81
N LYS C 194 23.80 -9.85 -11.76
CA LYS C 194 23.41 -9.46 -10.40
C LYS C 194 22.17 -8.56 -10.40
N VAL C 195 21.16 -9.01 -11.13
CA VAL C 195 19.81 -8.44 -11.07
C VAL C 195 18.85 -9.58 -10.76
N ASN C 196 18.03 -9.40 -9.72
CA ASN C 196 17.22 -10.48 -9.19
C ASN C 196 15.83 -10.49 -9.83
N PHE C 197 15.33 -11.69 -10.11
CA PHE C 197 14.01 -11.88 -10.70
C PHE C 197 13.20 -12.86 -9.86
N HIS C 198 11.91 -12.56 -9.70
CA HIS C 198 10.94 -13.50 -9.15
C HIS C 198 9.99 -13.94 -10.25
N MET C 199 9.76 -15.24 -10.35
CA MET C 199 8.84 -15.78 -11.33
C MET C 199 7.82 -16.65 -10.62
N PHE C 200 6.54 -16.27 -10.74
CA PHE C 200 5.45 -16.93 -10.05
C PHE C 200 4.64 -17.77 -11.02
N ASP C 201 4.19 -18.94 -10.54
CA ASP C 201 3.37 -19.85 -11.33
C ASP C 201 2.15 -20.21 -10.50
N VAL C 202 1.01 -19.61 -10.79
CA VAL C 202 -0.22 -19.84 -10.05
C VAL C 202 -0.90 -21.06 -10.67
N GLY C 203 -0.85 -22.18 -9.97
CA GLY C 203 -1.43 -23.41 -10.48
C GLY C 203 -2.19 -24.20 -9.42
N GLY C 204 -2.68 -23.52 -8.40
CA GLY C 204 -3.42 -24.19 -7.35
C GLY C 204 -4.84 -23.68 -7.20
N GLN C 205 -5.32 -22.97 -8.21
CA GLN C 205 -6.66 -22.40 -8.20
C GLN C 205 -7.53 -23.11 -9.22
N ARG C 206 -8.78 -22.64 -9.34
CA ARG C 206 -9.72 -23.18 -10.31
C ARG C 206 -9.41 -22.58 -11.69
N ASP C 207 -10.31 -22.80 -12.64
CA ASP C 207 -10.10 -22.35 -14.01
C ASP C 207 -10.70 -20.98 -14.29
N GLU C 208 -11.24 -20.31 -13.27
CA GLU C 208 -11.81 -18.98 -13.42
C GLU C 208 -10.80 -17.95 -12.94
N ARG C 209 -10.34 -17.08 -13.85
CA ARG C 209 -9.24 -16.18 -13.57
C ARG C 209 -9.65 -14.74 -13.35
N ARG C 210 -10.90 -14.38 -13.60
CA ARG C 210 -11.24 -12.95 -13.65
C ARG C 210 -11.13 -12.27 -12.30
N LYS C 211 -10.98 -13.01 -11.20
CA LYS C 211 -10.93 -12.41 -9.88
C LYS C 211 -9.53 -12.36 -9.29
N TRP C 212 -8.76 -13.44 -9.36
CA TRP C 212 -7.43 -13.43 -8.77
C TRP C 212 -6.35 -12.93 -9.72
N ILE C 213 -6.69 -12.68 -10.99
CA ILE C 213 -5.70 -12.12 -11.91
C ILE C 213 -5.42 -10.66 -11.62
N GLN C 214 -6.30 -9.98 -10.89
CA GLN C 214 -6.11 -8.57 -10.61
C GLN C 214 -4.97 -8.32 -9.62
N CYS C 215 -4.52 -9.34 -8.91
CA CYS C 215 -3.41 -9.15 -7.98
C CYS C 215 -2.12 -8.78 -8.71
N PHE C 216 -1.94 -9.29 -9.92
CA PHE C 216 -0.71 -9.07 -10.68
C PHE C 216 -0.81 -7.87 -11.61
N ASN C 217 -1.18 -6.71 -11.08
CA ASN C 217 -1.27 -5.51 -11.89
C ASN C 217 0.02 -4.69 -11.89
N ASP C 218 1.02 -5.10 -11.12
CA ASP C 218 2.24 -4.31 -10.95
C ASP C 218 3.50 -5.11 -11.22
N VAL C 219 3.37 -6.28 -11.83
CA VAL C 219 4.54 -7.03 -12.27
C VAL C 219 5.17 -6.30 -13.45
N THR C 220 6.44 -6.55 -13.68
CA THR C 220 7.12 -5.88 -14.78
C THR C 220 6.67 -6.44 -16.13
N ALA C 221 6.45 -7.75 -16.20
CA ALA C 221 6.05 -8.38 -17.44
C ALA C 221 5.28 -9.65 -17.15
N ILE C 222 4.57 -10.13 -18.17
CA ILE C 222 3.85 -11.40 -18.10
C ILE C 222 4.44 -12.32 -19.15
N ILE C 223 4.87 -13.50 -18.72
CA ILE C 223 5.44 -14.48 -19.63
C ILE C 223 4.34 -15.42 -20.08
N PHE C 224 4.13 -15.50 -21.39
CA PHE C 224 3.02 -16.26 -21.98
C PHE C 224 3.63 -17.37 -22.83
N VAL C 225 3.35 -18.61 -22.46
CA VAL C 225 3.87 -19.78 -23.15
C VAL C 225 2.71 -20.51 -23.80
N VAL C 226 2.82 -20.78 -25.09
CA VAL C 226 1.80 -21.51 -25.82
C VAL C 226 2.45 -22.70 -26.50
N ALA C 227 1.72 -23.81 -26.56
CA ALA C 227 2.19 -25.00 -27.26
C ALA C 227 1.73 -24.91 -28.71
N SER C 228 2.69 -24.74 -29.63
CA SER C 228 2.37 -24.60 -31.05
C SER C 228 2.39 -25.99 -31.67
N SER C 229 1.23 -26.64 -31.65
CA SER C 229 1.08 -27.99 -32.15
C SER C 229 1.41 -28.10 -33.63
N GLN C 240 -8.66 -33.77 -31.74
CA GLN C 240 -8.52 -32.97 -30.54
C GLN C 240 -9.10 -31.56 -30.75
N THR C 241 -9.30 -30.84 -29.64
CA THR C 241 -9.88 -29.52 -29.72
C THR C 241 -8.84 -28.49 -30.13
N ASN C 242 -9.33 -27.33 -30.58
CA ASN C 242 -8.47 -26.25 -31.06
C ASN C 242 -7.82 -25.57 -29.87
N ARG C 243 -6.58 -25.94 -29.57
CA ARG C 243 -5.88 -25.32 -28.44
C ARG C 243 -5.36 -23.94 -28.77
N LEU C 244 -5.01 -23.68 -30.04
CA LEU C 244 -4.48 -22.38 -30.39
C LEU C 244 -5.50 -21.27 -30.20
N GLN C 245 -6.76 -21.53 -30.57
CA GLN C 245 -7.77 -20.50 -30.47
C GLN C 245 -8.03 -20.07 -29.04
N GLU C 246 -8.04 -21.03 -28.09
CA GLU C 246 -8.25 -20.65 -26.71
C GLU C 246 -7.07 -19.86 -26.17
N ALA C 247 -5.86 -20.17 -26.61
CA ALA C 247 -4.70 -19.37 -26.25
C ALA C 247 -4.83 -17.96 -26.79
N LEU C 248 -5.28 -17.82 -28.04
CA LEU C 248 -5.49 -16.49 -28.62
C LEU C 248 -6.55 -15.72 -27.84
N ASN C 249 -7.64 -16.39 -27.45
CA ASN C 249 -8.68 -15.71 -26.69
C ASN C 249 -8.17 -15.27 -25.33
N LEU C 250 -7.38 -16.12 -24.67
CA LEU C 250 -6.81 -15.72 -23.38
C LEU C 250 -5.88 -14.53 -23.54
N PHE C 251 -5.06 -14.52 -24.60
CA PHE C 251 -4.20 -13.37 -24.84
C PHE C 251 -5.01 -12.11 -25.08
N LYS C 252 -6.09 -12.22 -25.85
CA LYS C 252 -6.93 -11.07 -26.12
C LYS C 252 -7.56 -10.53 -24.84
N SER C 253 -8.03 -11.43 -23.97
CA SER C 253 -8.63 -11.00 -22.72
C SER C 253 -7.60 -10.33 -21.82
N ILE C 254 -6.38 -10.88 -21.76
CA ILE C 254 -5.34 -10.28 -20.93
C ILE C 254 -4.97 -8.90 -21.45
N TRP C 255 -4.85 -8.77 -22.77
CA TRP C 255 -4.38 -7.51 -23.36
C TRP C 255 -5.31 -6.35 -23.05
N ASN C 256 -6.61 -6.60 -22.92
CA ASN C 256 -7.59 -5.52 -22.85
C ASN C 256 -8.17 -5.32 -21.46
N ASN C 257 -7.67 -6.02 -20.44
CA ASN C 257 -8.23 -5.90 -19.11
C ASN C 257 -7.94 -4.51 -18.58
N ARG C 258 -8.91 -3.95 -17.87
CA ARG C 258 -8.79 -2.57 -17.41
C ARG C 258 -7.69 -2.40 -16.37
N TRP C 259 -7.27 -3.50 -15.74
CA TRP C 259 -6.24 -3.45 -14.71
C TRP C 259 -4.91 -3.99 -15.23
N LEU C 260 -4.88 -4.54 -16.44
CA LEU C 260 -3.66 -5.07 -17.02
C LEU C 260 -3.32 -4.36 -18.33
N ARG C 261 -3.88 -3.17 -18.54
CA ARG C 261 -3.64 -2.40 -19.74
C ARG C 261 -2.27 -1.75 -19.78
N THR C 262 -1.42 -2.02 -18.80
CA THR C 262 -0.10 -1.41 -18.73
C THR C 262 1.02 -2.45 -18.70
N ILE C 263 0.69 -3.72 -18.53
CA ILE C 263 1.69 -4.78 -18.39
C ILE C 263 2.08 -5.27 -19.77
N SER C 264 3.37 -5.25 -20.07
CA SER C 264 3.87 -5.81 -21.31
C SER C 264 3.87 -7.33 -21.23
N VAL C 265 3.86 -7.97 -22.39
CA VAL C 265 3.78 -9.41 -22.49
C VAL C 265 4.98 -9.93 -23.26
N ILE C 266 5.65 -10.93 -22.71
CA ILE C 266 6.70 -11.66 -23.41
C ILE C 266 6.12 -12.98 -23.88
N LEU C 267 6.23 -13.25 -25.17
CA LEU C 267 5.56 -14.37 -25.79
C LEU C 267 6.58 -15.43 -26.20
N PHE C 268 6.35 -16.67 -25.77
CA PHE C 268 7.20 -17.80 -26.12
C PHE C 268 6.38 -18.81 -26.89
N LEU C 269 6.75 -19.05 -28.14
CA LEU C 269 6.10 -20.06 -28.98
C LEU C 269 6.95 -21.31 -28.90
N ASN C 270 6.43 -22.32 -28.20
CA ASN C 270 7.20 -23.51 -27.88
C ASN C 270 6.85 -24.65 -28.82
N LYS C 271 7.67 -25.70 -28.78
CA LYS C 271 7.44 -26.94 -29.52
C LYS C 271 7.44 -26.70 -31.03
N GLN C 272 8.56 -26.18 -31.52
CA GLN C 272 8.72 -26.03 -32.96
C GLN C 272 9.00 -27.35 -33.65
N ASP C 273 9.66 -28.28 -32.95
CA ASP C 273 9.88 -29.61 -33.52
C ASP C 273 8.56 -30.32 -33.76
N LEU C 274 7.64 -30.23 -32.80
CA LEU C 274 6.31 -30.81 -32.97
C LEU C 274 5.61 -30.22 -34.17
N LEU C 275 5.65 -28.88 -34.31
CA LEU C 275 5.03 -28.24 -35.45
C LEU C 275 5.64 -28.72 -36.75
N ALA C 276 6.96 -28.78 -36.82
CA ALA C 276 7.63 -29.19 -38.05
C ALA C 276 7.25 -30.61 -38.44
N GLU C 277 7.36 -31.54 -37.50
CA GLU C 277 7.07 -32.94 -37.82
C GLU C 277 5.60 -33.14 -38.13
N LYS C 278 4.72 -32.31 -37.56
CA LYS C 278 3.29 -32.46 -37.84
C LYS C 278 2.93 -31.88 -39.20
N VAL C 279 3.56 -30.75 -39.57
CA VAL C 279 3.13 -30.08 -40.80
C VAL C 279 3.79 -30.72 -42.01
N LEU C 280 5.02 -31.24 -41.85
CA LEU C 280 5.69 -31.87 -42.98
C LEU C 280 4.95 -33.13 -43.44
N ALA C 281 4.11 -33.69 -42.58
CA ALA C 281 3.31 -34.86 -42.96
C ALA C 281 2.07 -34.41 -43.72
N LYS C 285 -2.62 -29.56 -40.29
CA LYS C 285 -4.07 -29.51 -40.33
C LYS C 285 -4.57 -28.12 -39.98
N ILE C 286 -3.63 -27.18 -39.78
CA ILE C 286 -4.00 -25.85 -39.33
C ILE C 286 -4.80 -25.12 -40.39
N GLU C 287 -4.59 -25.46 -41.67
CA GLU C 287 -5.37 -24.83 -42.73
C GLU C 287 -6.86 -25.12 -42.56
N ASP C 288 -7.20 -26.27 -41.97
CA ASP C 288 -8.59 -26.52 -41.60
C ASP C 288 -9.02 -25.64 -40.43
N TYR C 289 -8.18 -25.57 -39.40
CA TYR C 289 -8.49 -24.72 -38.25
C TYR C 289 -8.38 -23.24 -38.59
N PHE C 290 -7.70 -22.91 -39.68
CA PHE C 290 -7.52 -21.52 -40.10
C PHE C 290 -7.65 -21.43 -41.62
N PRO C 291 -8.84 -21.12 -42.13
CA PRO C 291 -9.00 -21.06 -43.60
C PRO C 291 -8.13 -20.00 -44.25
N GLU C 292 -7.87 -18.89 -43.57
CA GLU C 292 -7.09 -17.79 -44.14
C GLU C 292 -5.60 -18.10 -44.23
N PHE C 293 -5.19 -19.33 -43.92
CA PHE C 293 -3.78 -19.68 -43.96
C PHE C 293 -3.28 -19.85 -45.38
N ALA C 294 -4.15 -20.26 -46.30
CA ALA C 294 -3.72 -20.53 -47.67
C ALA C 294 -3.16 -19.28 -48.35
N ARG C 295 -3.81 -18.14 -48.15
CA ARG C 295 -3.40 -16.89 -48.78
C ARG C 295 -2.40 -16.12 -47.93
N TYR C 296 -1.36 -16.81 -47.47
CA TYR C 296 -0.34 -16.22 -46.61
C TYR C 296 1.03 -16.35 -47.27
N THR C 297 1.82 -15.30 -47.17
CA THR C 297 3.17 -15.26 -47.72
C THR C 297 4.17 -15.01 -46.61
N THR C 298 5.26 -15.77 -46.63
CA THR C 298 6.29 -15.61 -45.61
C THR C 298 6.83 -14.19 -45.66
N PRO C 299 6.97 -13.52 -44.51
CA PRO C 299 7.43 -12.12 -44.53
C PRO C 299 8.82 -11.99 -45.14
N GLU C 300 9.05 -10.84 -45.76
CA GLU C 300 10.34 -10.59 -46.41
C GLU C 300 11.48 -10.56 -45.39
N ASP C 301 11.26 -9.97 -44.21
CA ASP C 301 12.29 -9.87 -43.19
C ASP C 301 12.42 -11.13 -42.36
N ALA C 302 11.80 -12.24 -42.79
CA ALA C 302 11.90 -13.48 -42.05
C ALA C 302 13.34 -14.00 -42.08
N THR C 303 13.78 -14.56 -40.97
CA THR C 303 15.12 -15.11 -40.85
C THR C 303 15.02 -16.62 -40.69
N PRO C 304 15.08 -17.38 -41.78
CA PRO C 304 15.00 -18.84 -41.67
C PRO C 304 16.27 -19.43 -41.08
N GLU C 305 16.13 -20.64 -40.55
CA GLU C 305 17.22 -21.40 -39.96
C GLU C 305 17.63 -22.51 -40.91
N PRO C 306 18.93 -22.75 -41.10
CA PRO C 306 19.36 -23.76 -42.07
C PRO C 306 18.84 -25.15 -41.71
N GLY C 307 18.46 -25.90 -42.73
CA GLY C 307 17.85 -27.19 -42.52
C GLY C 307 16.41 -27.15 -42.06
N GLU C 308 15.72 -26.03 -42.28
CA GLU C 308 14.32 -25.88 -41.92
C GLU C 308 13.51 -25.66 -43.18
N ASP C 309 12.46 -26.47 -43.36
CA ASP C 309 11.62 -26.38 -44.54
C ASP C 309 10.83 -25.08 -44.54
N PRO C 310 10.63 -24.47 -45.71
CA PRO C 310 9.82 -23.24 -45.78
C PRO C 310 8.40 -23.42 -45.27
N ARG C 311 7.86 -24.63 -45.34
CA ARG C 311 6.52 -24.89 -44.82
C ARG C 311 6.46 -24.55 -43.33
N VAL C 312 7.46 -25.04 -42.58
CA VAL C 312 7.49 -24.86 -41.14
C VAL C 312 7.66 -23.39 -40.77
N THR C 313 8.60 -22.69 -41.43
CA THR C 313 8.79 -21.28 -41.11
C THR C 313 7.58 -20.46 -41.50
N ARG C 314 6.89 -20.83 -42.58
CA ARG C 314 5.65 -20.14 -42.93
C ARG C 314 4.61 -20.31 -41.83
N ALA C 315 4.48 -21.53 -41.30
CA ALA C 315 3.55 -21.75 -40.20
C ALA C 315 3.94 -20.94 -38.97
N LYS C 316 5.22 -20.93 -38.65
CA LYS C 316 5.70 -20.20 -37.47
C LYS C 316 5.36 -18.72 -37.57
N TYR C 317 5.72 -18.09 -38.68
CA TYR C 317 5.46 -16.66 -38.81
C TYR C 317 3.97 -16.39 -38.99
N PHE C 318 3.19 -17.35 -39.48
CA PHE C 318 1.75 -17.17 -39.50
C PHE C 318 1.20 -17.06 -38.09
N ILE C 319 1.63 -17.97 -37.20
CA ILE C 319 1.16 -17.91 -35.81
C ILE C 319 1.63 -16.63 -35.13
N ARG C 320 2.89 -16.25 -35.37
CA ARG C 320 3.40 -15.02 -34.78
C ARG C 320 2.60 -13.81 -35.24
N ASP C 321 2.27 -13.75 -36.54
CA ASP C 321 1.44 -12.65 -37.02
C ASP C 321 0.03 -12.71 -36.44
N GLU C 322 -0.49 -13.93 -36.22
CA GLU C 322 -1.80 -14.05 -35.59
C GLU C 322 -1.80 -13.40 -34.22
N PHE C 323 -0.75 -13.63 -33.43
CA PHE C 323 -0.68 -12.98 -32.12
C PHE C 323 -0.45 -11.48 -32.25
N LEU C 324 0.44 -11.08 -33.15
CA LEU C 324 0.76 -9.66 -33.30
C LEU C 324 -0.41 -8.84 -33.82
N ARG C 325 -1.34 -9.44 -34.55
CA ARG C 325 -2.48 -8.69 -35.05
C ARG C 325 -3.33 -8.14 -33.91
N ILE C 326 -3.61 -8.96 -32.90
CA ILE C 326 -4.34 -8.48 -31.75
C ILE C 326 -3.44 -7.79 -30.76
N SER C 327 -2.12 -7.98 -30.86
CA SER C 327 -1.21 -7.24 -30.00
C SER C 327 -1.25 -5.74 -30.29
N THR C 328 -1.27 -5.38 -31.58
CA THR C 328 -1.18 -3.98 -31.99
C THR C 328 -2.52 -3.35 -32.29
N ALA C 329 -3.63 -4.06 -32.06
CA ALA C 329 -4.94 -3.50 -32.36
C ALA C 329 -5.29 -2.34 -31.44
N SER C 330 -4.82 -2.37 -30.19
CA SER C 330 -5.14 -1.33 -29.22
C SER C 330 -3.94 -0.97 -28.36
N GLY C 331 -2.73 -1.12 -28.88
CA GLY C 331 -1.53 -0.90 -28.11
C GLY C 331 -1.40 0.48 -27.51
N ASP C 332 -1.59 1.51 -28.34
CA ASP C 332 -1.61 2.92 -27.94
C ASP C 332 -0.24 3.34 -27.39
N GLY C 333 0.81 2.56 -27.61
CA GLY C 333 2.10 2.84 -27.00
C GLY C 333 2.14 2.64 -25.51
N ARG C 334 1.02 2.30 -24.89
CA ARG C 334 0.97 2.09 -23.44
C ARG C 334 1.77 0.85 -23.04
N HIS C 335 1.76 -0.19 -23.87
CA HIS C 335 2.48 -1.42 -23.60
C HIS C 335 2.69 -2.18 -24.90
N TYR C 336 3.66 -3.09 -24.91
CA TYR C 336 4.06 -3.78 -26.12
C TYR C 336 4.17 -5.28 -25.87
N CYS C 337 4.38 -6.03 -26.96
CA CYS C 337 4.53 -7.47 -26.92
C CYS C 337 5.83 -7.88 -27.60
N TYR C 338 6.58 -8.77 -26.95
CA TYR C 338 7.86 -9.23 -27.48
C TYR C 338 7.77 -10.72 -27.79
N PRO C 339 7.67 -11.11 -29.06
CA PRO C 339 7.60 -12.54 -29.40
C PRO C 339 8.97 -13.16 -29.57
N HIS C 340 9.02 -14.47 -29.28
CA HIS C 340 10.25 -15.22 -29.41
C HIS C 340 9.92 -16.65 -29.84
N PHE C 341 10.90 -17.32 -30.44
CA PHE C 341 10.81 -18.72 -30.79
C PHE C 341 11.75 -19.52 -29.92
N THR C 342 11.22 -20.54 -29.25
CA THR C 342 12.02 -21.42 -28.42
C THR C 342 11.72 -22.86 -28.78
N CYS C 343 12.56 -23.77 -28.27
CA CYS C 343 12.40 -25.18 -28.54
C CYS C 343 12.56 -25.95 -27.23
N ALA C 344 12.50 -27.28 -27.32
CA ALA C 344 12.70 -28.11 -26.14
C ALA C 344 14.11 -27.94 -25.58
N VAL C 345 15.11 -27.89 -26.46
CA VAL C 345 16.49 -27.65 -26.06
C VAL C 345 16.80 -26.19 -26.37
N ASP C 346 16.94 -25.40 -25.31
CA ASP C 346 17.24 -23.98 -25.45
C ASP C 346 17.69 -23.48 -24.09
N THR C 347 18.86 -22.84 -24.03
CA THR C 347 19.47 -22.47 -22.77
C THR C 347 19.55 -20.96 -22.55
N GLU C 348 19.22 -20.15 -23.55
CA GLU C 348 19.40 -18.70 -23.47
C GLU C 348 18.08 -17.94 -23.43
N ASN C 349 16.98 -18.61 -23.08
CA ASN C 349 15.72 -17.90 -22.92
C ASN C 349 15.82 -16.85 -21.81
N ILE C 350 16.63 -17.13 -20.79
CA ILE C 350 16.80 -16.20 -19.68
C ILE C 350 17.41 -14.90 -20.18
N ARG C 351 18.39 -14.98 -21.08
CA ARG C 351 18.99 -13.77 -21.63
C ARG C 351 17.95 -12.95 -22.39
N ARG C 352 17.08 -13.63 -23.15
CA ARG C 352 16.03 -12.92 -23.87
C ARG C 352 15.08 -12.22 -22.92
N VAL C 353 14.70 -12.89 -21.83
CA VAL C 353 13.84 -12.27 -20.84
C VAL C 353 14.52 -11.05 -20.24
N PHE C 354 15.82 -11.16 -19.95
CA PHE C 354 16.56 -10.04 -19.39
C PHE C 354 16.58 -8.85 -20.35
N ASN C 355 16.83 -9.09 -21.63
CA ASN C 355 16.84 -8.01 -22.60
C ASN C 355 15.48 -7.34 -22.71
N ASP C 356 14.41 -8.15 -22.74
CA ASP C 356 13.08 -7.57 -22.86
C ASP C 356 12.71 -6.75 -21.63
N CYS C 357 13.08 -7.24 -20.45
CA CYS C 357 12.85 -6.46 -19.23
C CYS C 357 13.64 -5.16 -19.27
N ARG C 358 14.85 -5.21 -19.82
CA ARG C 358 15.64 -3.99 -19.96
C ARG C 358 14.94 -2.97 -20.85
N ASP C 359 14.37 -3.43 -21.96
CA ASP C 359 13.63 -2.52 -22.84
C ASP C 359 12.41 -1.94 -22.13
N ILE C 360 11.68 -2.77 -21.40
CA ILE C 360 10.51 -2.29 -20.68
C ILE C 360 10.90 -1.23 -19.66
N ILE C 361 12.01 -1.46 -18.95
CA ILE C 361 12.47 -0.48 -17.96
C ILE C 361 12.88 0.81 -18.64
N GLN C 362 13.34 0.86 -19.88
CA GLN C 362 13.64 2.20 -20.47
C GLN C 362 12.36 2.99 -20.76
N ARG C 363 11.30 2.37 -21.25
CA ARG C 363 10.10 3.11 -21.71
C ARG C 363 9.35 3.70 -20.53
N MET C 364 9.46 3.10 -19.36
CA MET C 364 8.81 3.61 -18.13
C MET C 364 9.62 4.77 -17.58
N HIS C 365 10.95 4.72 -17.68
CA HIS C 365 11.81 5.83 -17.23
C HIS C 365 11.76 6.96 -18.26
N LEU C 366 11.62 6.65 -19.54
CA LEU C 366 11.43 7.72 -20.55
C LEU C 366 10.09 8.35 -20.25
N ARG C 367 9.14 7.55 -19.81
CA ARG C 367 7.91 8.29 -19.52
C ARG C 367 7.89 8.86 -18.12
N GLN C 368 8.65 8.27 -17.19
CA GLN C 368 8.70 8.81 -15.83
C GLN C 368 9.40 10.17 -15.80
N TYR C 369 10.56 10.29 -16.45
CA TYR C 369 11.33 11.55 -16.37
C TYR C 369 10.78 12.57 -17.37
N GLU C 370 9.65 12.30 -18.02
CA GLU C 370 8.95 13.24 -18.94
C GLU C 370 9.71 13.54 -20.23
N LEU C 371 10.44 12.59 -20.80
CA LEU C 371 11.08 12.82 -22.09
C LEU C 371 10.21 12.36 -23.25
N LEU C 372 9.14 11.64 -22.97
CA LEU C 372 8.29 11.10 -24.03
C LEU C 372 6.82 11.05 -23.59
N CYS D 1 32.97 41.06 -8.97
CA CYS D 1 33.37 41.65 -7.69
C CYS D 1 33.14 40.66 -6.56
N TYR D 2 32.82 39.41 -6.90
CA TYR D 2 32.42 38.42 -5.88
C TYR D 2 33.72 37.69 -5.49
N PHE D 3 34.69 37.62 -6.40
CA PHE D 3 35.98 36.95 -6.08
C PHE D 3 37.18 37.86 -6.37
N GLN D 4 36.95 39.09 -6.79
CA GLN D 4 38.10 40.03 -6.94
C GLN D 4 37.64 41.38 -6.41
N ASN D 5 38.57 42.30 -6.14
CA ASN D 5 38.12 43.56 -5.52
C ASN D 5 37.23 44.26 -6.54
N CYS D 6 36.03 44.66 -6.12
CA CYS D 6 35.07 45.28 -7.06
C CYS D 6 35.62 46.60 -7.54
N PRO D 7 35.58 46.98 -8.84
CA PRO D 7 36.00 48.32 -9.24
C PRO D 7 35.03 49.22 -8.49
N ARG D 8 35.54 50.13 -7.66
CA ARG D 8 34.66 50.99 -6.82
C ARG D 8 34.06 52.09 -7.70
N GLY D 9 33.40 51.73 -8.82
CA GLY D 9 32.90 52.84 -9.66
C GLY D 9 31.67 53.47 -9.05
N ASN E 4 -24.05 -38.34 -15.98
CA ASN E 4 -25.34 -37.74 -15.65
C ASN E 4 -25.68 -37.91 -14.17
N THR E 5 -24.98 -38.83 -13.50
CA THR E 5 -25.25 -39.08 -12.09
C THR E 5 -24.99 -37.84 -11.25
N ALA E 6 -23.87 -37.15 -11.51
CA ALA E 6 -23.60 -35.90 -10.81
C ALA E 6 -24.67 -34.86 -11.14
N SER E 7 -25.07 -34.79 -12.41
CA SER E 7 -26.07 -33.81 -12.81
C SER E 7 -27.41 -34.05 -12.11
N ILE E 8 -27.87 -35.31 -12.10
CA ILE E 8 -29.13 -35.60 -11.44
C ILE E 8 -29.02 -35.41 -9.94
N ALA E 9 -27.85 -35.71 -9.36
CA ALA E 9 -27.65 -35.50 -7.94
C ALA E 9 -27.77 -34.03 -7.58
N GLN E 10 -27.08 -33.16 -8.33
CA GLN E 10 -27.14 -31.74 -8.02
C GLN E 10 -28.54 -31.17 -8.31
N ALA E 11 -29.22 -31.68 -9.34
CA ALA E 11 -30.58 -31.26 -9.60
C ALA E 11 -31.51 -31.63 -8.44
N ARG E 12 -31.34 -32.84 -7.91
CA ARG E 12 -32.13 -33.25 -6.75
C ARG E 12 -31.85 -32.34 -5.56
N LYS E 13 -30.57 -32.07 -5.30
CA LYS E 13 -30.22 -31.22 -4.16
C LYS E 13 -30.84 -29.84 -4.31
N LEU E 14 -30.80 -29.27 -5.52
CA LEU E 14 -31.49 -28.02 -5.77
C LEU E 14 -32.99 -28.16 -5.51
N VAL E 15 -33.55 -29.32 -5.84
CA VAL E 15 -34.98 -29.52 -5.67
C VAL E 15 -35.37 -29.46 -4.20
N GLU E 16 -34.67 -30.22 -3.34
CA GLU E 16 -35.03 -30.13 -1.92
C GLU E 16 -34.61 -28.79 -1.32
N GLN E 17 -33.60 -28.12 -1.88
CA GLN E 17 -33.27 -26.78 -1.40
C GLN E 17 -34.43 -25.82 -1.66
N LEU E 18 -35.05 -25.91 -2.84
CA LEU E 18 -36.19 -25.04 -3.13
C LEU E 18 -37.43 -25.47 -2.33
N LYS E 19 -37.60 -26.77 -2.08
CA LYS E 19 -38.59 -27.20 -1.10
C LYS E 19 -38.40 -26.47 0.23
N MET E 20 -37.18 -26.48 0.74
CA MET E 20 -36.88 -25.98 2.06
C MET E 20 -36.99 -24.45 2.14
N GLU E 21 -36.58 -23.75 1.09
CA GLU E 21 -36.61 -22.29 1.09
C GLU E 21 -38.00 -21.72 0.85
N ALA E 22 -38.89 -22.45 0.20
CA ALA E 22 -40.20 -21.93 -0.17
C ALA E 22 -41.26 -22.13 0.90
N ASN E 23 -40.86 -22.51 2.12
CA ASN E 23 -41.81 -22.77 3.19
C ASN E 23 -41.70 -21.79 4.35
N ILE E 24 -40.99 -20.68 4.17
CA ILE E 24 -40.83 -19.70 5.24
C ILE E 24 -42.00 -18.72 5.22
N ASP E 25 -42.16 -17.97 6.31
CA ASP E 25 -43.21 -16.96 6.43
C ASP E 25 -42.62 -15.59 6.19
N ARG E 26 -43.23 -14.83 5.29
CA ARG E 26 -42.77 -13.50 4.94
C ARG E 26 -43.76 -12.47 5.45
N ILE E 27 -43.23 -11.36 5.96
CA ILE E 27 -44.04 -10.27 6.47
C ILE E 27 -44.20 -9.23 5.37
N LYS E 28 -45.14 -8.32 5.57
CA LYS E 28 -45.44 -7.33 4.55
C LYS E 28 -44.27 -6.36 4.41
N VAL E 29 -44.05 -5.90 3.18
CA VAL E 29 -42.90 -5.03 2.90
C VAL E 29 -43.01 -3.69 3.61
N SER E 30 -44.22 -3.10 3.62
CA SER E 30 -44.40 -1.81 4.27
C SER E 30 -44.04 -1.88 5.75
N LYS E 31 -44.33 -3.00 6.40
CA LYS E 31 -43.97 -3.16 7.81
C LYS E 31 -42.46 -3.11 8.00
N ALA E 32 -41.71 -3.81 7.14
CA ALA E 32 -40.26 -3.79 7.24
C ALA E 32 -39.70 -2.41 6.96
N ALA E 33 -40.27 -1.71 5.98
CA ALA E 33 -39.82 -0.35 5.71
C ALA E 33 -40.06 0.55 6.91
N ALA E 34 -41.23 0.44 7.53
CA ALA E 34 -41.52 1.24 8.72
C ALA E 34 -40.55 0.90 9.86
N ASP E 35 -40.23 -0.38 10.03
CA ASP E 35 -39.30 -0.76 11.08
C ASP E 35 -37.91 -0.17 10.84
N LEU E 36 -37.43 -0.22 9.59
CA LEU E 36 -36.13 0.37 9.28
C LEU E 36 -36.15 1.87 9.53
N MET E 37 -37.21 2.55 9.11
CA MET E 37 -37.30 4.00 9.32
C MET E 37 -37.32 4.33 10.81
N ALA E 38 -38.07 3.56 11.59
CA ALA E 38 -38.14 3.80 13.03
C ALA E 38 -36.77 3.60 13.68
N TYR E 39 -36.05 2.54 13.29
CA TYR E 39 -34.73 2.34 13.86
C TYR E 39 -33.78 3.46 13.48
N CYS E 40 -33.85 3.92 12.22
CA CYS E 40 -32.96 5.00 11.80
C CYS E 40 -33.24 6.30 12.54
N GLU E 41 -34.52 6.61 12.80
CA GLU E 41 -34.82 7.86 13.48
C GLU E 41 -34.55 7.77 14.97
N ALA E 42 -34.73 6.58 15.56
CA ALA E 42 -34.55 6.46 17.00
C ALA E 42 -33.11 6.72 17.42
N HIS E 43 -32.14 6.19 16.67
CA HIS E 43 -30.72 6.36 16.99
C HIS E 43 -30.09 7.52 16.23
N ALA E 44 -30.90 8.53 15.87
CA ALA E 44 -30.37 9.63 15.08
C ALA E 44 -29.33 10.43 15.86
N LYS E 45 -29.57 10.65 17.16
CA LYS E 45 -28.69 11.51 17.93
C LYS E 45 -27.29 10.91 18.05
N GLU E 46 -27.19 9.60 18.25
CA GLU E 46 -25.90 8.95 18.47
C GLU E 46 -25.25 8.56 17.15
N ASP E 47 -25.12 9.52 16.23
CA ASP E 47 -24.45 9.29 14.95
C ASP E 47 -23.54 10.47 14.66
N PRO E 48 -22.26 10.35 15.00
CA PRO E 48 -21.33 11.48 14.76
C PRO E 48 -21.22 11.90 13.31
N LEU E 49 -21.28 10.94 12.38
CA LEU E 49 -21.15 11.29 10.96
C LEU E 49 -22.37 12.04 10.46
N LEU E 50 -23.57 11.64 10.89
CA LEU E 50 -24.77 12.34 10.48
C LEU E 50 -24.77 13.78 10.98
N THR E 51 -24.56 13.96 12.28
CA THR E 51 -24.50 15.29 12.87
C THR E 51 -23.10 15.51 13.43
N PRO E 52 -22.27 16.34 12.78
CA PRO E 52 -20.88 16.49 13.23
C PRO E 52 -20.83 17.00 14.67
N VAL E 53 -19.87 16.44 15.43
CA VAL E 53 -19.71 16.78 16.84
C VAL E 53 -18.88 18.05 16.97
N PRO E 54 -19.01 18.80 18.06
CA PRO E 54 -18.14 19.95 18.27
C PRO E 54 -16.68 19.51 18.37
N ALA E 55 -15.79 20.37 17.90
CA ALA E 55 -14.38 20.03 17.79
C ALA E 55 -13.72 19.85 19.16
N SER E 56 -14.48 20.02 20.24
CA SER E 56 -13.91 19.86 21.57
C SER E 56 -13.63 18.40 21.89
N GLU E 57 -14.55 17.50 21.56
CA GLU E 57 -14.43 16.08 21.92
C GLU E 57 -14.22 15.21 20.68
N ASN E 58 -13.64 15.77 19.63
CA ASN E 58 -13.33 15.02 18.42
C ASN E 58 -11.91 14.48 18.53
N PRO E 59 -11.73 13.16 18.62
CA PRO E 59 -10.38 12.61 18.80
C PRO E 59 -9.43 12.89 17.66
N PHE E 60 -9.93 13.27 16.48
CA PHE E 60 -9.12 13.51 15.30
C PHE E 60 -9.05 14.99 14.96
N ARG E 61 -8.93 15.83 15.99
CA ARG E 61 -9.03 17.27 15.84
C ARG E 61 -7.68 17.97 15.69
N GLU E 62 -6.59 17.34 16.10
CA GLU E 62 -5.32 18.06 16.21
C GLU E 62 -4.84 18.55 14.84
N LYS E 63 -4.99 17.72 13.81
CA LYS E 63 -4.62 18.13 12.45
C LYS E 63 -5.52 17.46 11.43
N ASP F 1 11.40 -20.25 28.89
CA ASP F 1 10.83 -19.29 29.84
C ASP F 1 11.68 -18.04 29.90
N VAL F 2 11.06 -16.93 30.32
CA VAL F 2 11.79 -15.68 30.48
C VAL F 2 12.74 -15.81 31.66
N GLN F 3 14.00 -15.44 31.45
CA GLN F 3 15.04 -15.66 32.46
C GLN F 3 16.03 -14.51 32.38
N LEU F 4 16.16 -13.76 33.46
CA LEU F 4 17.16 -12.71 33.59
C LEU F 4 18.12 -13.09 34.71
N VAL F 5 19.36 -13.40 34.34
CA VAL F 5 20.40 -13.76 35.28
C VAL F 5 21.51 -12.72 35.17
N GLU F 6 22.04 -12.30 36.31
CA GLU F 6 23.02 -11.24 36.36
C GLU F 6 24.06 -11.51 37.44
N SER F 7 25.25 -10.97 37.23
CA SER F 7 26.38 -11.24 38.11
C SER F 7 27.38 -10.11 37.98
N GLY F 8 28.43 -10.19 38.80
CA GLY F 8 29.45 -9.16 38.84
C GLY F 8 29.60 -8.45 40.17
N GLY F 9 28.78 -8.79 41.16
CA GLY F 9 28.87 -8.15 42.46
C GLY F 9 29.93 -8.80 43.34
N GLY F 10 30.19 -8.14 44.46
CA GLY F 10 31.19 -8.62 45.41
C GLY F 10 31.60 -7.51 46.36
N LEU F 11 32.83 -7.63 46.86
CA LEU F 11 33.40 -6.65 47.77
C LEU F 11 34.35 -5.74 47.00
N VAL F 12 34.40 -4.47 47.40
CA VAL F 12 35.24 -3.49 46.73
C VAL F 12 35.53 -2.36 47.70
N GLN F 13 36.67 -1.67 47.51
CA GLN F 13 37.14 -0.54 48.29
C GLN F 13 36.57 0.76 47.77
N PRO F 14 36.43 1.78 48.63
CA PRO F 14 35.89 3.06 48.19
C PRO F 14 36.72 3.67 47.07
N GLY F 15 36.04 4.30 46.13
CA GLY F 15 36.71 4.95 45.01
C GLY F 15 37.11 4.03 43.89
N GLY F 16 36.87 2.74 44.00
CA GLY F 16 37.26 1.78 42.98
C GLY F 16 36.32 1.81 41.79
N SER F 17 36.24 0.66 41.12
CA SER F 17 35.36 0.51 39.97
C SER F 17 34.98 -0.95 39.82
N ARG F 18 33.86 -1.19 39.14
CA ARG F 18 33.35 -2.53 38.93
C ARG F 18 32.32 -2.49 37.81
N LYS F 19 32.17 -3.60 37.11
CA LYS F 19 31.20 -3.74 36.03
C LYS F 19 30.18 -4.81 36.40
N LEU F 20 28.92 -4.52 36.13
CA LEU F 20 27.82 -5.46 36.36
C LEU F 20 27.23 -5.88 35.02
N SER F 21 26.93 -7.17 34.90
CA SER F 21 26.42 -7.73 33.65
C SER F 21 25.09 -8.41 33.90
N CYS F 22 24.18 -8.26 32.94
CA CYS F 22 22.84 -8.86 33.01
C CYS F 22 22.67 -9.73 31.79
N SER F 23 22.51 -11.04 31.98
CA SER F 23 22.39 -11.99 30.88
C SER F 23 20.91 -12.31 30.68
N ALA F 24 20.40 -12.00 29.49
CA ALA F 24 18.99 -12.20 29.15
C ALA F 24 18.85 -13.37 28.20
N SER F 25 17.95 -14.29 28.52
CA SER F 25 17.72 -15.46 27.70
C SER F 25 16.26 -15.87 27.80
N GLY F 26 15.59 -15.94 26.65
CA GLY F 26 14.22 -16.39 26.60
C GLY F 26 13.23 -15.40 26.00
N PHE F 27 13.67 -14.28 25.45
CA PHE F 27 12.75 -13.33 24.84
C PHE F 27 13.53 -12.45 23.87
N ALA F 28 12.79 -11.66 23.10
CA ALA F 28 13.39 -10.76 22.12
C ALA F 28 14.04 -9.58 22.82
N PHE F 29 15.33 -9.72 23.17
CA PHE F 29 16.00 -8.73 23.98
C PHE F 29 16.07 -7.37 23.30
N SER F 30 16.24 -7.35 21.98
CA SER F 30 16.50 -6.09 21.29
C SER F 30 15.26 -5.19 21.20
N SER F 31 14.08 -5.69 21.56
CA SER F 31 12.86 -4.90 21.48
C SER F 31 12.45 -4.29 22.82
N PHE F 32 13.25 -4.48 23.86
CA PHE F 32 12.90 -4.08 25.21
C PHE F 32 13.84 -2.99 25.69
N GLY F 33 13.28 -1.96 26.31
CA GLY F 33 14.07 -1.05 27.12
C GLY F 33 14.47 -1.74 28.42
N MET F 34 15.55 -1.26 29.02
CA MET F 34 16.10 -1.90 30.20
C MET F 34 16.37 -0.88 31.28
N HIS F 35 16.07 -1.23 32.53
CA HIS F 35 16.26 -0.37 33.67
C HIS F 35 17.18 -1.05 34.70
N TRP F 36 17.81 -0.22 35.52
CA TRP F 36 18.56 -0.69 36.68
C TRP F 36 17.93 -0.08 37.93
N VAL F 37 17.62 -0.93 38.91
CA VAL F 37 17.02 -0.50 40.15
C VAL F 37 17.77 -1.19 41.29
N ARG F 38 18.06 -0.43 42.35
CA ARG F 38 18.88 -0.95 43.43
C ARG F 38 18.12 -0.94 44.75
N GLN F 39 18.52 -1.84 45.63
CA GLN F 39 17.86 -2.10 46.91
C GLN F 39 18.85 -1.85 48.03
N ALA F 40 18.63 -0.79 48.79
CA ALA F 40 19.45 -0.53 49.96
C ALA F 40 19.24 -1.64 50.99
N PRO F 41 20.21 -1.84 51.89
CA PRO F 41 20.12 -3.00 52.80
C PRO F 41 18.84 -3.08 53.61
N GLU F 42 18.33 -1.96 54.12
CA GLU F 42 17.10 -1.94 54.90
C GLU F 42 16.26 -0.74 54.55
N LYS F 43 16.15 -0.45 53.25
CA LYS F 43 15.39 0.70 52.77
C LYS F 43 14.52 0.22 51.61
N GLY F 44 13.96 1.18 50.88
CA GLY F 44 13.11 0.89 49.75
C GLY F 44 13.86 0.90 48.43
N LEU F 45 13.09 0.85 47.34
CA LEU F 45 13.65 0.81 46.00
C LEU F 45 14.14 2.19 45.59
N GLU F 46 14.97 2.20 44.53
CA GLU F 46 15.54 3.43 44.01
C GLU F 46 15.92 3.23 42.55
N TRP F 47 15.50 4.16 41.70
CA TRP F 47 15.78 4.08 40.27
C TRP F 47 17.18 4.61 39.99
N VAL F 48 17.84 4.00 39.02
CA VAL F 48 19.25 4.30 38.77
C VAL F 48 19.50 4.76 37.34
N ALA F 49 19.11 3.96 36.36
CA ALA F 49 19.44 4.26 34.98
C ALA F 49 18.44 3.59 34.04
N TYR F 50 18.47 4.02 32.78
CA TYR F 50 17.56 3.49 31.78
C TYR F 50 18.18 3.65 30.40
N ILE F 51 18.10 2.60 29.59
CA ILE F 51 18.54 2.65 28.20
C ILE F 51 17.44 2.07 27.32
N SER F 52 17.07 2.82 26.29
CA SER F 52 15.94 2.44 25.46
C SER F 52 16.35 1.37 24.44
N SER F 53 15.37 0.93 23.66
CA SER F 53 15.66 -0.01 22.59
C SER F 53 16.38 0.69 21.46
N GLY F 54 17.49 0.12 21.01
CA GLY F 54 18.34 0.76 20.03
C GLY F 54 19.33 1.75 20.60
N SER F 55 19.39 1.89 21.92
CA SER F 55 20.38 2.75 22.59
C SER F 55 20.25 4.20 22.13
N GLY F 56 19.03 4.62 21.80
CA GLY F 56 18.83 5.97 21.30
C GLY F 56 18.47 6.97 22.37
N THR F 57 18.37 6.53 23.62
CA THR F 57 17.98 7.42 24.71
C THR F 57 18.47 6.84 26.03
N ILE F 58 19.12 7.67 26.83
CA ILE F 58 19.69 7.24 28.11
C ILE F 58 19.37 8.30 29.16
N TYR F 59 19.00 7.85 30.35
CA TYR F 59 18.75 8.74 31.47
C TYR F 59 19.45 8.20 32.71
N TYR F 60 19.79 9.10 33.62
CA TYR F 60 20.42 8.74 34.89
C TYR F 60 19.76 9.48 36.03
N ALA F 61 19.87 8.90 37.22
CA ALA F 61 19.46 9.61 38.42
C ALA F 61 20.53 10.64 38.80
N ASP F 62 20.11 11.62 39.59
CA ASP F 62 21.04 12.68 40.00
C ASP F 62 22.16 12.14 40.87
N THR F 63 21.86 11.18 41.74
CA THR F 63 22.86 10.67 42.68
C THR F 63 24.05 10.04 41.98
N VAL F 64 23.85 9.44 40.81
CA VAL F 64 24.91 8.72 40.11
C VAL F 64 25.27 9.35 38.78
N LYS F 65 24.75 10.52 38.46
CA LYS F 65 25.06 11.17 37.20
C LYS F 65 26.55 11.48 37.11
N GLY F 66 27.16 11.11 35.99
CA GLY F 66 28.55 11.38 35.73
C GLY F 66 29.51 10.31 36.19
N ARG F 67 29.07 9.40 37.06
CA ARG F 67 29.93 8.33 37.55
C ARG F 67 29.56 6.95 37.02
N PHE F 68 28.32 6.74 36.62
CA PHE F 68 27.85 5.45 36.14
C PHE F 68 27.59 5.51 34.65
N THR F 69 27.86 4.39 33.98
CA THR F 69 27.64 4.28 32.54
C THR F 69 26.88 3.00 32.25
N ILE F 70 25.86 3.09 31.41
CA ILE F 70 25.01 1.96 31.07
C ILE F 70 25.14 1.70 29.57
N SER F 71 25.21 0.43 29.20
CA SER F 71 25.35 0.06 27.80
C SER F 71 24.80 -1.35 27.59
N ARG F 72 24.40 -1.62 26.36
CA ARG F 72 23.86 -2.92 26.00
C ARG F 72 24.54 -3.42 24.73
N ASP F 73 24.61 -4.73 24.59
CA ASP F 73 25.20 -5.37 23.41
C ASP F 73 24.18 -6.37 22.89
N ASP F 74 23.37 -5.92 21.93
CA ASP F 74 22.27 -6.74 21.43
C ASP F 74 22.69 -8.10 20.87
N PRO F 75 23.75 -8.23 20.06
CA PRO F 75 24.00 -9.52 19.42
C PRO F 75 24.16 -10.70 20.37
N LYS F 76 24.72 -10.49 21.56
CA LYS F 76 24.90 -11.58 22.50
C LYS F 76 24.03 -11.44 23.75
N ASN F 77 23.04 -10.54 23.71
CA ASN F 77 21.98 -10.47 24.71
C ASN F 77 22.55 -10.26 26.12
N THR F 78 23.18 -9.09 26.31
CA THR F 78 23.79 -8.78 27.60
C THR F 78 23.66 -7.29 27.86
N LEU F 79 23.45 -6.94 29.12
CA LEU F 79 23.33 -5.55 29.55
C LEU F 79 24.42 -5.25 30.58
N PHE F 80 25.05 -4.10 30.45
CA PHE F 80 26.21 -3.73 31.25
C PHE F 80 25.94 -2.46 32.04
N LEU F 81 26.52 -2.40 33.24
CA LEU F 81 26.51 -1.19 34.06
C LEU F 81 27.92 -0.97 34.57
N GLN F 82 28.54 0.13 34.16
CA GLN F 82 29.90 0.46 34.55
C GLN F 82 29.86 1.51 35.65
N MET F 83 30.51 1.21 36.78
CA MET F 83 30.49 2.07 37.96
C MET F 83 31.91 2.51 38.28
N THR F 84 32.09 3.81 38.51
CA THR F 84 33.38 4.38 38.83
C THR F 84 33.26 5.25 40.08
N SER F 85 34.34 5.28 40.85
CA SER F 85 34.41 6.07 42.08
C SER F 85 33.29 5.68 43.06
N LEU F 86 33.33 4.43 43.48
CA LEU F 86 32.31 3.91 44.38
C LEU F 86 32.39 4.58 45.73
N ARG F 87 31.23 4.87 46.31
CA ARG F 87 31.12 5.47 47.63
C ARG F 87 30.46 4.49 48.59
N SER F 88 30.23 4.95 49.82
CA SER F 88 29.57 4.14 50.82
C SER F 88 28.06 4.11 50.69
N GLU F 89 27.48 5.03 49.93
CA GLU F 89 26.05 5.07 49.71
C GLU F 89 25.60 4.14 48.60
N ASP F 90 26.53 3.51 47.90
CA ASP F 90 26.19 2.61 46.79
C ASP F 90 26.09 1.16 47.23
N THR F 91 26.34 0.85 48.50
CA THR F 91 26.17 -0.52 48.98
C THR F 91 24.70 -0.89 48.88
N ALA F 92 24.40 -1.79 47.96
CA ALA F 92 23.01 -2.17 47.67
C ALA F 92 23.04 -3.45 46.85
N MET F 93 21.85 -3.99 46.58
CA MET F 93 21.69 -5.12 45.68
C MET F 93 20.90 -4.66 44.47
N TYR F 94 21.44 -4.90 43.29
CA TYR F 94 20.99 -4.24 42.06
C TYR F 94 20.14 -5.20 41.24
N TYR F 95 19.06 -4.68 40.66
CA TYR F 95 18.11 -5.47 39.90
C TYR F 95 18.16 -5.10 38.43
N CYS F 96 17.80 -6.06 37.58
CA CYS F 96 17.73 -5.89 36.14
C CYS F 96 16.28 -5.99 35.73
N VAL F 97 15.75 -4.95 35.11
CA VAL F 97 14.33 -4.85 34.81
C VAL F 97 14.14 -4.57 33.33
N ARG F 98 13.18 -5.27 32.72
CA ARG F 98 12.84 -5.09 31.32
C ARG F 98 11.57 -4.25 31.21
N SER F 99 11.38 -3.62 30.05
CA SER F 99 10.27 -2.72 29.87
C SER F 99 10.06 -2.46 28.38
N ILE F 100 8.82 -2.53 27.94
CA ILE F 100 8.44 -2.27 26.55
C ILE F 100 7.30 -1.28 26.53
N TYR F 101 7.34 -0.35 25.58
CA TYR F 101 6.40 0.76 25.54
C TYR F 101 5.69 0.80 24.18
N TYR F 102 4.39 0.54 24.20
CA TYR F 102 3.50 0.84 23.08
C TYR F 102 2.10 0.95 23.65
N TYR F 103 1.15 1.33 22.80
CA TYR F 103 -0.22 1.56 23.26
C TYR F 103 -0.79 0.28 23.83
N GLY F 104 -1.04 0.24 25.14
CA GLY F 104 -1.60 -0.92 25.78
C GLY F 104 -0.60 -1.88 26.38
N SER F 105 0.69 -1.57 26.35
CA SER F 105 1.69 -2.46 26.89
C SER F 105 1.68 -2.39 28.42
N SER F 106 2.51 -3.23 29.03
CA SER F 106 2.63 -3.33 30.49
C SER F 106 4.10 -3.23 30.87
N PRO F 107 4.63 -2.04 31.09
CA PRO F 107 6.04 -1.90 31.45
C PRO F 107 6.34 -2.45 32.84
N PHE F 108 7.62 -2.67 33.09
CA PHE F 108 8.12 -3.11 34.40
C PHE F 108 7.50 -4.44 34.82
N ASP F 109 7.45 -5.38 33.89
CA ASP F 109 6.74 -6.62 34.14
C ASP F 109 7.62 -7.75 34.67
N PHE F 110 8.90 -7.78 34.33
CA PHE F 110 9.78 -8.85 34.77
C PHE F 110 11.02 -8.27 35.43
N TRP F 111 11.44 -8.89 36.53
CA TRP F 111 12.59 -8.44 37.31
C TRP F 111 13.60 -9.57 37.44
N GLY F 112 14.86 -9.20 37.61
CA GLY F 112 15.92 -10.16 37.80
C GLY F 112 15.95 -10.70 39.22
N GLN F 113 17.09 -11.31 39.57
CA GLN F 113 17.25 -11.88 40.89
C GLN F 113 18.11 -11.02 41.82
N GLY F 114 19.02 -10.25 41.25
CA GLY F 114 19.79 -9.31 42.05
C GLY F 114 21.18 -9.82 42.37
N THR F 115 22.12 -8.87 42.43
CA THR F 115 23.49 -9.13 42.85
C THR F 115 23.86 -8.17 43.96
N THR F 116 24.44 -8.71 45.02
CA THR F 116 24.82 -7.93 46.19
C THR F 116 26.18 -7.28 45.94
N LEU F 117 26.24 -5.97 46.15
CA LEU F 117 27.49 -5.22 46.06
C LEU F 117 27.74 -4.52 47.39
N THR F 118 28.89 -4.76 47.98
CA THR F 118 29.25 -4.22 49.28
C THR F 118 30.52 -3.39 49.14
N VAL F 119 30.48 -2.15 49.65
CA VAL F 119 31.62 -1.25 49.65
C VAL F 119 32.07 -1.07 51.09
N SER F 120 33.34 -1.33 51.35
CA SER F 120 33.88 -1.19 52.69
C SER F 120 33.80 0.27 53.14
N SER F 121 33.54 0.46 54.43
CA SER F 121 33.42 1.81 54.98
C SER F 121 34.78 2.50 54.95
N GLY F 122 34.75 3.80 54.62
CA GLY F 122 35.97 4.58 54.55
C GLY F 122 36.41 5.13 55.90
N GLY F 135 15.35 18.45 43.51
CA GLY F 135 14.55 19.56 43.97
C GLY F 135 13.14 19.55 43.40
N SER F 136 13.03 19.30 42.10
CA SER F 136 11.74 19.24 41.41
C SER F 136 11.22 17.82 41.25
N ASP F 137 11.86 16.84 41.88
CA ASP F 137 11.41 15.46 41.75
C ASP F 137 10.07 15.26 42.45
N ILE F 138 9.25 14.38 41.89
CA ILE F 138 7.95 14.08 42.46
C ILE F 138 8.15 13.21 43.70
N VAL F 139 7.49 13.58 44.79
CA VAL F 139 7.62 12.86 46.05
C VAL F 139 6.42 11.94 46.21
N MET F 140 6.68 10.65 46.36
CA MET F 140 5.65 9.64 46.54
C MET F 140 5.66 9.24 48.01
N THR F 141 4.51 9.34 48.67
CA THR F 141 4.42 9.16 50.12
C THR F 141 3.50 8.00 50.46
N GLN F 142 4.04 7.02 51.18
CA GLN F 142 3.27 5.92 51.76
C GLN F 142 3.35 6.09 53.27
N ALA F 143 2.32 6.72 53.86
CA ALA F 143 2.38 7.07 55.27
C ALA F 143 2.50 5.85 56.16
N THR F 144 1.64 4.87 55.96
CA THR F 144 1.66 3.67 56.80
C THR F 144 2.85 2.80 56.43
N SER F 145 3.46 2.18 57.45
CA SER F 145 4.60 1.31 57.26
C SER F 145 4.32 -0.14 57.63
N SER F 146 3.38 -0.40 58.53
CA SER F 146 3.09 -1.75 58.95
C SER F 146 1.60 -1.87 59.24
N VAL F 147 1.01 -3.00 58.84
CA VAL F 147 -0.40 -3.28 59.05
C VAL F 147 -0.55 -4.72 59.50
N PRO F 148 -1.05 -4.98 60.71
CA PRO F 148 -1.27 -6.37 61.13
C PRO F 148 -2.59 -6.90 60.60
N VAL F 149 -2.55 -8.09 60.03
CA VAL F 149 -3.71 -8.65 59.34
C VAL F 149 -3.70 -10.17 59.48
N THR F 150 -4.90 -10.75 59.50
CA THR F 150 -5.19 -12.17 59.49
C THR F 150 -5.81 -12.55 58.14
N PRO F 151 -5.64 -13.80 57.69
CA PRO F 151 -6.26 -14.19 56.41
C PRO F 151 -7.78 -14.11 56.49
N GLY F 152 -8.39 -13.75 55.36
CA GLY F 152 -9.83 -13.80 55.22
C GLY F 152 -10.50 -12.48 54.88
N LEU F 153 -10.03 -11.36 55.41
CA LEU F 153 -10.73 -10.09 55.23
C LEU F 153 -10.01 -9.23 54.19
N SER F 154 -10.52 -8.01 54.04
CA SER F 154 -10.04 -7.09 53.01
C SER F 154 -9.11 -6.04 53.63
N VAL F 155 -8.14 -5.60 52.84
CA VAL F 155 -7.14 -4.63 53.27
C VAL F 155 -7.07 -3.52 52.22
N SER F 156 -6.71 -2.32 52.67
CA SER F 156 -6.56 -1.16 51.78
C SER F 156 -5.21 -0.50 52.03
N ILE F 157 -4.56 -0.10 50.94
CA ILE F 157 -3.25 0.55 51.00
C ILE F 157 -3.36 1.90 50.29
N SER F 158 -2.82 2.94 50.91
CA SER F 158 -2.95 4.30 50.41
C SER F 158 -1.59 4.88 50.06
N CYS F 159 -1.49 5.46 48.87
CA CYS F 159 -0.30 6.16 48.42
C CYS F 159 -0.72 7.52 47.88
N ARG F 160 0.10 8.54 48.13
CA ARG F 160 -0.23 9.90 47.72
C ARG F 160 0.98 10.54 47.07
N SER F 161 0.73 11.42 46.10
CA SER F 161 1.79 12.06 45.33
C SER F 161 1.74 13.56 45.53
N SER F 162 2.90 14.20 45.45
CA SER F 162 2.98 15.65 45.56
C SER F 162 2.30 16.34 44.40
N LYS F 163 2.47 15.81 43.19
CA LYS F 163 1.90 16.38 41.98
C LYS F 163 0.86 15.43 41.40
N SER F 164 -0.12 16.01 40.71
CA SER F 164 -1.16 15.21 40.09
C SER F 164 -0.58 14.42 38.92
N LEU F 165 -0.88 13.12 38.89
CA LEU F 165 -0.33 12.23 37.87
C LEU F 165 -1.23 12.08 36.66
N LEU F 166 -2.42 12.69 36.66
CA LEU F 166 -3.34 12.56 35.54
C LEU F 166 -2.85 13.42 34.39
N HIS F 167 -2.40 12.77 33.32
CA HIS F 167 -1.95 13.48 32.14
C HIS F 167 -3.14 13.97 31.32
N SER F 168 -2.85 14.82 30.35
CA SER F 168 -3.91 15.37 29.51
C SER F 168 -4.57 14.30 28.64
N ASN F 169 -3.80 13.31 28.19
CA ASN F 169 -4.35 12.28 27.32
C ASN F 169 -5.31 11.32 28.02
N GLY F 170 -5.43 11.44 29.35
CA GLY F 170 -6.37 10.61 30.10
C GLY F 170 -5.73 9.48 30.88
N ASN F 171 -4.49 9.13 30.61
CA ASN F 171 -3.80 8.09 31.36
C ASN F 171 -3.33 8.66 32.70
N THR F 172 -3.30 7.79 33.71
CA THR F 172 -2.68 8.11 34.99
C THR F 172 -1.54 7.13 35.20
N TYR F 173 -0.33 7.67 35.36
CA TYR F 173 0.88 6.86 35.34
C TYR F 173 1.27 6.52 36.78
N LEU F 174 0.64 5.48 37.32
CA LEU F 174 1.00 4.96 38.62
C LEU F 174 1.03 3.44 38.58
N TYR F 175 2.03 2.87 39.25
CA TYR F 175 2.26 1.43 39.24
C TYR F 175 2.34 0.92 40.66
N TRP F 176 2.05 -0.36 40.85
CA TRP F 176 2.13 -1.03 42.14
C TRP F 176 2.99 -2.27 42.02
N PHE F 177 3.82 -2.53 43.02
CA PHE F 177 4.66 -3.72 43.06
C PHE F 177 4.55 -4.39 44.41
N LEU F 178 4.76 -5.70 44.43
CA LEU F 178 4.78 -6.48 45.65
C LEU F 178 6.06 -7.29 45.70
N GLN F 179 6.71 -7.28 46.86
CA GLN F 179 7.96 -8.01 47.05
C GLN F 179 7.81 -8.94 48.24
N ARG F 180 7.67 -10.23 47.97
CA ARG F 180 7.61 -11.22 49.01
C ARG F 180 8.97 -11.31 49.70
N PRO F 181 9.01 -11.79 50.95
CA PRO F 181 10.30 -11.88 51.66
C PRO F 181 11.27 -12.80 50.93
N GLY F 182 12.44 -12.24 50.61
CA GLY F 182 13.49 -13.00 49.96
C GLY F 182 13.30 -13.24 48.48
N GLN F 183 12.49 -12.44 47.80
CA GLN F 183 12.25 -12.59 46.38
C GLN F 183 12.32 -11.23 45.70
N SER F 184 12.21 -11.25 44.38
CA SER F 184 12.24 -10.04 43.58
C SER F 184 10.86 -9.38 43.56
N PRO F 185 10.81 -8.08 43.32
CA PRO F 185 9.51 -7.41 43.17
C PRO F 185 8.76 -7.92 41.95
N GLN F 186 7.43 -7.89 42.05
CA GLN F 186 6.57 -8.37 40.99
C GLN F 186 5.47 -7.36 40.72
N LEU F 187 5.23 -7.09 39.44
CA LEU F 187 4.24 -6.09 39.05
C LEU F 187 2.84 -6.57 39.40
N LEU F 188 2.01 -5.66 39.91
CA LEU F 188 0.62 -5.95 40.23
C LEU F 188 -0.36 -5.15 39.39
N ILE F 189 -0.25 -3.83 39.41
CA ILE F 189 -1.18 -2.94 38.73
C ILE F 189 -0.37 -1.93 37.92
N TYR F 190 -0.82 -1.65 36.70
CA TYR F 190 -0.20 -0.61 35.90
C TYR F 190 -1.25 0.36 35.40
N ARG F 191 -0.96 1.66 35.58
CA ARG F 191 -1.84 2.75 35.16
C ARG F 191 -3.17 2.73 35.89
N MET F 192 -3.11 2.44 37.20
CA MET F 192 -4.15 2.61 38.20
C MET F 192 -5.29 1.58 38.11
N SER F 193 -5.45 0.85 37.03
CA SER F 193 -6.63 0.02 36.91
C SER F 193 -6.42 -1.29 36.20
N ASN F 194 -5.21 -1.62 35.76
CA ASN F 194 -4.99 -2.76 34.89
C ASN F 194 -4.25 -3.84 35.66
N LEU F 195 -4.81 -5.05 35.66
CA LEU F 195 -4.20 -6.18 36.33
C LEU F 195 -3.10 -6.76 35.45
N ALA F 196 -1.96 -7.10 36.06
CA ALA F 196 -0.89 -7.72 35.31
C ALA F 196 -1.26 -9.15 34.93
N SER F 197 -0.58 -9.66 33.91
CA SER F 197 -0.83 -11.02 33.46
C SER F 197 -0.40 -12.02 34.51
N GLY F 198 -1.20 -13.08 34.67
CA GLY F 198 -0.91 -14.08 35.68
C GLY F 198 -0.98 -13.57 37.10
N VAL F 199 -1.97 -12.74 37.39
CA VAL F 199 -2.14 -12.17 38.72
C VAL F 199 -3.56 -12.42 39.19
N PRO F 200 -3.79 -12.83 40.44
CA PRO F 200 -5.15 -13.06 40.91
C PRO F 200 -5.99 -11.81 40.83
N ASP F 201 -7.28 -12.00 40.58
CA ASP F 201 -8.21 -10.89 40.34
C ASP F 201 -8.75 -10.29 41.62
N ARG F 202 -8.38 -10.80 42.79
CA ARG F 202 -8.82 -10.20 44.04
C ARG F 202 -8.12 -8.88 44.36
N PHE F 203 -7.09 -8.51 43.60
CA PHE F 203 -6.48 -7.20 43.71
C PHE F 203 -7.26 -6.20 42.86
N SER F 204 -7.26 -4.94 43.29
CA SER F 204 -7.93 -3.89 42.55
C SER F 204 -7.26 -2.56 42.83
N GLY F 205 -7.16 -1.73 41.81
CA GLY F 205 -6.54 -0.42 41.91
C GLY F 205 -7.54 0.67 41.65
N SER F 206 -7.45 1.75 42.43
CA SER F 206 -8.37 2.86 42.30
C SER F 206 -7.70 4.12 42.81
N GLY F 207 -8.30 5.25 42.46
CA GLY F 207 -7.79 6.54 42.89
C GLY F 207 -8.15 7.62 41.90
N SER F 208 -7.74 8.85 42.23
CA SER F 208 -8.02 9.99 41.38
C SER F 208 -7.09 11.13 41.74
N GLY F 209 -6.23 11.53 40.81
CA GLY F 209 -5.45 12.73 40.99
C GLY F 209 -4.17 12.53 41.77
N THR F 210 -4.21 12.87 43.06
CA THR F 210 -3.05 12.75 43.94
C THR F 210 -3.26 11.75 45.05
N ALA F 211 -4.44 11.15 45.17
CA ALA F 211 -4.72 10.13 46.18
C ALA F 211 -5.01 8.81 45.49
N PHE F 212 -4.42 7.75 46.02
CA PHE F 212 -4.49 6.44 45.37
C PHE F 212 -4.79 5.38 46.42
N THR F 213 -5.37 4.27 45.96
CA THR F 213 -5.76 3.21 46.89
C THR F 213 -5.67 1.87 46.17
N LEU F 214 -5.08 0.88 46.84
CA LEU F 214 -5.06 -0.49 46.37
C LEU F 214 -5.74 -1.37 47.40
N THR F 215 -6.59 -2.27 46.93
CA THR F 215 -7.44 -3.10 47.80
C THR F 215 -7.13 -4.57 47.57
N ILE F 216 -6.98 -5.31 48.66
CA ILE F 216 -6.83 -6.77 48.62
C ILE F 216 -8.09 -7.36 49.23
N SER F 217 -8.69 -8.33 48.54
CA SER F 217 -9.86 -9.03 49.03
C SER F 217 -9.52 -10.48 49.28
N ARG F 218 -10.01 -11.01 50.41
CA ARG F 218 -9.79 -12.41 50.79
C ARG F 218 -8.29 -12.72 50.89
N LEU F 219 -7.63 -12.01 51.80
CA LEU F 219 -6.20 -12.14 51.96
C LEU F 219 -5.82 -13.56 52.40
N GLU F 220 -4.72 -14.05 51.87
CA GLU F 220 -4.14 -15.32 52.27
C GLU F 220 -2.68 -15.12 52.67
N ALA F 221 -2.07 -16.20 53.15
CA ALA F 221 -0.67 -16.15 53.57
C ALA F 221 0.28 -15.81 52.42
N GLU F 222 -0.14 -16.00 51.17
CA GLU F 222 0.74 -15.74 50.03
C GLU F 222 0.90 -14.26 49.75
N ASP F 223 0.06 -13.40 50.32
CA ASP F 223 0.09 -11.95 50.08
C ASP F 223 0.85 -11.20 51.16
N VAL F 224 1.90 -11.79 51.70
CA VAL F 224 2.66 -11.17 52.79
C VAL F 224 3.96 -10.64 52.21
N GLY F 225 4.20 -9.35 52.41
CA GLY F 225 5.39 -8.72 51.86
C GLY F 225 5.32 -7.22 52.01
N VAL F 226 6.01 -6.52 51.11
CA VAL F 226 6.07 -5.07 51.10
C VAL F 226 5.50 -4.59 49.77
N TYR F 227 4.71 -3.51 49.82
CA TYR F 227 4.06 -2.96 48.64
C TYR F 227 4.60 -1.56 48.37
N TYR F 228 4.98 -1.31 47.12
CA TYR F 228 5.53 -0.02 46.71
C TYR F 228 4.65 0.60 45.64
N CYS F 229 4.58 1.92 45.64
CA CYS F 229 3.92 2.68 44.58
C CYS F 229 4.97 3.47 43.82
N MET F 230 4.85 3.47 42.49
CA MET F 230 5.79 4.17 41.63
C MET F 230 5.02 5.06 40.69
N GLN F 231 5.60 6.22 40.37
CA GLN F 231 5.08 7.10 39.33
C GLN F 231 5.96 7.01 38.10
N HIS F 232 5.33 7.09 36.93
CA HIS F 232 6.06 7.05 35.67
C HIS F 232 5.79 8.29 34.82
N LEU F 233 5.36 9.39 35.45
CA LEU F 233 5.00 10.57 34.68
C LEU F 233 6.23 11.27 34.11
N GLU F 234 7.27 11.44 34.92
CA GLU F 234 8.46 12.18 34.50
C GLU F 234 9.70 11.47 34.98
N TYR F 235 10.80 11.66 34.25
CA TYR F 235 12.03 11.17 34.84
C TYR F 235 12.59 12.22 35.79
N PRO F 236 13.25 11.82 36.89
CA PRO F 236 13.50 10.44 37.31
C PRO F 236 12.27 9.77 37.91
N LEU F 237 12.20 8.45 37.80
CA LEU F 237 11.12 7.68 38.40
C LEU F 237 11.41 7.50 39.88
N THR F 238 10.41 7.74 40.72
CA THR F 238 10.57 7.69 42.16
C THR F 238 9.60 6.70 42.77
N PHE F 239 10.07 5.96 43.77
CA PHE F 239 9.26 4.98 44.47
C PHE F 239 8.76 5.56 45.77
N GLY F 240 8.01 4.76 46.53
CA GLY F 240 7.55 5.12 47.84
C GLY F 240 8.39 4.44 48.91
N ALA F 241 8.07 4.76 50.17
CA ALA F 241 8.77 4.15 51.28
C ALA F 241 8.46 2.66 51.38
N GLY F 242 7.24 2.27 51.03
CA GLY F 242 6.87 0.87 51.09
C GLY F 242 6.06 0.58 52.36
N THR F 243 5.01 -0.21 52.19
CA THR F 243 4.15 -0.60 53.29
C THR F 243 4.21 -2.10 53.49
N LYS F 244 4.43 -2.52 54.73
CA LYS F 244 4.59 -3.93 55.06
C LYS F 244 3.32 -4.49 55.67
N LEU F 245 3.00 -5.74 55.33
CA LEU F 245 1.88 -6.47 55.92
C LEU F 245 2.46 -7.58 56.79
N GLU F 246 2.07 -7.58 58.07
CA GLU F 246 2.45 -8.65 58.99
C GLU F 246 1.27 -9.58 59.21
N LEU F 247 1.56 -10.88 59.26
CA LEU F 247 0.53 -11.90 59.40
C LEU F 247 0.22 -12.08 60.89
N LYS F 248 -0.76 -11.32 61.36
CA LYS F 248 -1.20 -11.33 62.77
C LYS F 248 -0.02 -11.24 63.74
N GLN G 1 -32.78 -11.98 -11.69
CA GLN G 1 -32.16 -13.29 -11.87
C GLN G 1 -31.69 -13.48 -13.30
N VAL G 2 -30.38 -13.62 -13.47
CA VAL G 2 -29.81 -13.85 -14.80
C VAL G 2 -30.30 -15.20 -15.30
N GLN G 3 -31.02 -15.21 -16.42
CA GLN G 3 -31.62 -16.42 -16.94
C GLN G 3 -31.63 -16.37 -18.45
N LEU G 4 -30.93 -17.32 -19.09
CA LEU G 4 -30.85 -17.40 -20.53
C LEU G 4 -31.56 -18.66 -21.00
N GLN G 5 -32.50 -18.50 -21.92
CA GLN G 5 -33.31 -19.59 -22.45
C GLN G 5 -33.02 -19.76 -23.92
N GLU G 6 -32.70 -20.99 -24.33
CA GLU G 6 -32.25 -21.27 -25.69
C GLU G 6 -33.28 -22.14 -26.41
N SER G 7 -33.50 -21.83 -27.68
CA SER G 7 -34.48 -22.54 -28.49
C SER G 7 -33.87 -22.87 -29.85
N GLY G 8 -34.59 -23.70 -30.60
CA GLY G 8 -34.13 -24.14 -31.90
C GLY G 8 -33.17 -25.30 -31.83
N GLY G 9 -32.80 -25.79 -32.99
CA GLY G 9 -31.88 -26.91 -33.07
C GLY G 9 -32.59 -28.23 -33.10
N GLY G 10 -31.88 -29.25 -33.57
CA GLY G 10 -32.47 -30.58 -33.70
C GLY G 10 -31.62 -31.47 -34.57
N LEU G 11 -32.29 -32.33 -35.33
CA LEU G 11 -31.64 -33.25 -36.26
C LEU G 11 -31.82 -32.74 -37.67
N VAL G 12 -30.71 -32.60 -38.40
CA VAL G 12 -30.74 -32.12 -39.77
C VAL G 12 -29.74 -32.92 -40.59
N GLN G 13 -30.09 -33.17 -41.85
CA GLN G 13 -29.21 -33.90 -42.75
C GLN G 13 -27.99 -33.04 -43.10
N PRO G 14 -26.85 -33.67 -43.38
CA PRO G 14 -25.65 -32.90 -43.70
C PRO G 14 -25.88 -31.99 -44.91
N GLY G 15 -25.31 -30.78 -44.84
CA GLY G 15 -25.53 -29.78 -45.84
C GLY G 15 -26.75 -28.91 -45.60
N GLY G 16 -27.49 -29.14 -44.51
CA GLY G 16 -28.70 -28.42 -44.23
C GLY G 16 -28.45 -27.06 -43.63
N SER G 17 -29.48 -26.54 -42.97
CA SER G 17 -29.42 -25.21 -42.35
C SER G 17 -30.20 -25.24 -41.04
N LEU G 18 -29.82 -24.34 -40.14
CA LEU G 18 -30.48 -24.23 -38.85
C LEU G 18 -30.36 -22.79 -38.36
N ARG G 19 -31.24 -22.44 -37.43
CA ARG G 19 -31.23 -21.12 -36.81
C ARG G 19 -31.46 -21.28 -35.31
N LEU G 20 -30.61 -20.61 -34.53
CA LEU G 20 -30.65 -20.74 -33.08
C LEU G 20 -31.04 -19.40 -32.46
N SER G 21 -31.82 -19.48 -31.38
CA SER G 21 -32.29 -18.30 -30.66
C SER G 21 -32.01 -18.46 -29.18
N CYS G 22 -31.68 -17.34 -28.54
CA CYS G 22 -31.33 -17.33 -27.12
C CYS G 22 -31.99 -16.10 -26.50
N ALA G 23 -33.12 -16.30 -25.83
CA ALA G 23 -33.83 -15.20 -25.18
C ALA G 23 -33.24 -14.92 -23.81
N ALA G 24 -32.90 -13.66 -23.56
CA ALA G 24 -32.26 -13.23 -22.33
C ALA G 24 -33.26 -12.49 -21.45
N SER G 25 -33.03 -12.54 -20.15
CA SER G 25 -33.90 -11.86 -19.20
C SER G 25 -33.11 -11.55 -17.94
N GLY G 26 -33.58 -10.56 -17.19
CA GLY G 26 -33.02 -10.22 -15.90
C GLY G 26 -31.83 -9.30 -15.91
N PHE G 27 -31.46 -8.74 -17.07
CA PHE G 27 -30.37 -7.79 -17.13
C PHE G 27 -30.54 -6.91 -18.35
N THR G 28 -29.85 -5.77 -18.33
CA THR G 28 -29.87 -4.85 -19.46
C THR G 28 -29.07 -5.45 -20.61
N PHE G 29 -29.76 -5.89 -21.65
CA PHE G 29 -29.12 -6.65 -22.72
C PHE G 29 -28.06 -5.82 -23.43
N SER G 30 -28.35 -4.53 -23.69
CA SER G 30 -27.52 -3.74 -24.57
C SER G 30 -26.16 -3.37 -23.99
N ASN G 31 -25.94 -3.59 -22.69
CA ASN G 31 -24.66 -3.23 -22.09
C ASN G 31 -23.63 -4.34 -22.13
N TYR G 32 -24.00 -5.54 -22.56
CA TYR G 32 -23.13 -6.70 -22.44
C TYR G 32 -22.76 -7.24 -23.81
N LYS G 33 -21.66 -7.99 -23.83
CA LYS G 33 -21.12 -8.63 -25.01
C LYS G 33 -21.47 -10.11 -24.93
N MET G 34 -22.11 -10.63 -25.98
CA MET G 34 -22.65 -11.98 -25.97
C MET G 34 -21.79 -12.90 -26.84
N ASN G 35 -21.75 -14.17 -26.46
CA ASN G 35 -20.95 -15.18 -27.14
C ASN G 35 -21.80 -16.38 -27.49
N TRP G 36 -21.21 -17.28 -28.27
CA TRP G 36 -21.78 -18.61 -28.54
C TRP G 36 -20.70 -19.64 -28.26
N VAL G 37 -21.08 -20.71 -27.57
CA VAL G 37 -20.15 -21.74 -27.14
C VAL G 37 -20.79 -23.10 -27.36
N ARG G 38 -20.00 -24.06 -27.84
CA ARG G 38 -20.49 -25.41 -28.06
C ARG G 38 -19.58 -26.41 -27.36
N GLN G 39 -20.05 -27.64 -27.25
CA GLN G 39 -19.34 -28.68 -26.52
C GLN G 39 -19.64 -30.02 -27.16
N ALA G 40 -18.72 -30.52 -27.99
CA ALA G 40 -18.91 -31.78 -28.67
C ALA G 40 -18.82 -32.94 -27.67
N PRO G 41 -19.45 -34.08 -27.99
CA PRO G 41 -19.36 -35.23 -27.08
C PRO G 41 -17.92 -35.69 -26.90
N GLY G 42 -17.58 -36.04 -25.66
CA GLY G 42 -16.24 -36.47 -25.36
C GLY G 42 -15.18 -35.39 -25.54
N LYS G 43 -15.57 -34.12 -25.47
CA LYS G 43 -14.64 -33.03 -25.73
C LYS G 43 -14.98 -31.88 -24.79
N GLY G 44 -14.04 -30.95 -24.66
CA GLY G 44 -14.24 -29.80 -23.79
C GLY G 44 -14.98 -28.66 -24.46
N LEU G 45 -15.30 -27.66 -23.66
CA LEU G 45 -15.97 -26.47 -24.17
C LEU G 45 -15.07 -25.72 -25.13
N GLU G 46 -15.64 -25.23 -26.23
CA GLU G 46 -14.88 -24.45 -27.19
C GLU G 46 -15.68 -23.22 -27.61
N TRP G 47 -14.96 -22.16 -27.97
CA TRP G 47 -15.57 -20.89 -28.32
C TRP G 47 -15.85 -20.82 -29.81
N VAL G 48 -16.98 -20.21 -30.17
CA VAL G 48 -17.45 -20.17 -31.55
C VAL G 48 -17.43 -18.75 -32.11
N SER G 49 -18.14 -17.83 -31.47
CA SER G 49 -18.24 -16.47 -31.99
C SER G 49 -18.67 -15.54 -30.88
N ASP G 50 -18.66 -14.24 -31.19
CA ASP G 50 -19.08 -13.21 -30.25
C ASP G 50 -19.54 -11.99 -31.03
N ILE G 51 -20.07 -11.01 -30.30
CA ILE G 51 -20.62 -9.81 -30.92
C ILE G 51 -20.64 -8.71 -29.86
N SER G 52 -20.37 -7.48 -30.29
CA SER G 52 -20.26 -6.37 -29.36
C SER G 52 -21.64 -5.90 -28.91
N GLN G 53 -21.66 -4.80 -28.15
CA GLN G 53 -22.92 -4.28 -27.63
C GLN G 53 -23.84 -3.84 -28.76
N SER G 54 -23.30 -3.14 -29.75
CA SER G 54 -24.09 -2.64 -30.87
C SER G 54 -24.14 -3.64 -32.01
N GLY G 55 -23.01 -4.26 -32.33
CA GLY G 55 -22.94 -5.20 -33.43
C GLY G 55 -21.85 -4.84 -34.41
N ALA G 56 -21.05 -3.84 -34.06
CA ALA G 56 -19.98 -3.39 -34.94
C ALA G 56 -18.89 -4.44 -35.09
N SER G 57 -18.43 -5.00 -33.98
CA SER G 57 -17.32 -5.94 -33.98
C SER G 57 -17.85 -7.37 -33.90
N ILE G 58 -17.41 -8.21 -34.83
CA ILE G 58 -17.83 -9.61 -34.89
C ILE G 58 -16.59 -10.47 -35.13
N SER G 59 -16.48 -11.56 -34.38
CA SER G 59 -15.36 -12.48 -34.52
C SER G 59 -15.88 -13.89 -34.67
N TYR G 60 -15.07 -14.73 -35.32
CA TYR G 60 -15.45 -16.10 -35.63
C TYR G 60 -14.26 -17.01 -35.41
N THR G 61 -14.53 -18.24 -34.99
CA THR G 61 -13.47 -19.23 -34.98
C THR G 61 -13.23 -19.72 -36.41
N GLY G 62 -12.03 -20.28 -36.63
CA GLY G 62 -11.61 -20.59 -37.98
C GLY G 62 -12.48 -21.63 -38.65
N SER G 63 -12.85 -22.68 -37.93
CA SER G 63 -13.47 -23.84 -38.56
C SER G 63 -14.88 -23.58 -39.07
N VAL G 64 -15.53 -22.48 -38.68
CA VAL G 64 -16.88 -22.19 -39.13
C VAL G 64 -16.98 -20.87 -39.86
N LYS G 65 -15.84 -20.21 -40.11
CA LYS G 65 -15.88 -18.90 -40.75
C LYS G 65 -16.36 -19.03 -42.18
N GLY G 66 -17.33 -18.20 -42.55
CA GLY G 66 -17.92 -18.23 -43.87
C GLY G 66 -19.26 -18.94 -43.95
N ARG G 67 -19.64 -19.68 -42.91
CA ARG G 67 -20.90 -20.40 -42.90
C ARG G 67 -21.82 -20.01 -41.76
N PHE G 68 -21.32 -19.34 -40.72
CA PHE G 68 -22.11 -18.98 -39.56
C PHE G 68 -22.21 -17.46 -39.47
N THR G 69 -23.42 -16.97 -39.21
CA THR G 69 -23.65 -15.54 -39.03
C THR G 69 -24.29 -15.31 -37.67
N ILE G 70 -23.70 -14.41 -36.89
CA ILE G 70 -24.17 -14.08 -35.55
C ILE G 70 -24.78 -12.69 -35.59
N SER G 71 -25.95 -12.55 -34.94
CA SER G 71 -26.64 -11.27 -34.91
C SER G 71 -27.40 -11.14 -33.60
N ARG G 72 -27.66 -9.90 -33.21
CA ARG G 72 -28.42 -9.61 -32.00
C ARG G 72 -29.46 -8.56 -32.31
N ASP G 73 -30.52 -8.55 -31.51
CA ASP G 73 -31.61 -7.59 -31.64
C ASP G 73 -31.90 -7.00 -30.27
N ASN G 74 -31.28 -5.84 -29.98
CA ASN G 74 -31.42 -5.22 -28.68
C ASN G 74 -32.85 -4.82 -28.35
N ALA G 75 -33.71 -4.71 -29.37
CA ALA G 75 -35.09 -4.27 -29.12
C ALA G 75 -35.85 -5.28 -28.27
N LYS G 76 -35.68 -6.57 -28.55
CA LYS G 76 -36.43 -7.60 -27.84
C LYS G 76 -35.53 -8.61 -27.13
N ASN G 77 -34.26 -8.28 -26.91
CA ASN G 77 -33.37 -9.06 -26.06
C ASN G 77 -33.21 -10.49 -26.57
N THR G 78 -32.69 -10.61 -27.79
CA THR G 78 -32.54 -11.91 -28.42
C THR G 78 -31.21 -11.99 -29.15
N LEU G 79 -30.57 -13.14 -29.07
CA LEU G 79 -29.32 -13.43 -29.76
C LEU G 79 -29.56 -14.55 -30.75
N TYR G 80 -28.96 -14.44 -31.94
CA TYR G 80 -29.22 -15.35 -33.04
C TYR G 80 -27.94 -15.99 -33.54
N LEU G 81 -28.10 -17.13 -34.20
CA LEU G 81 -26.99 -17.82 -34.86
C LEU G 81 -27.56 -18.57 -36.06
N GLN G 82 -27.22 -18.12 -37.25
CA GLN G 82 -27.70 -18.72 -38.50
C GLN G 82 -26.64 -19.68 -39.01
N MET G 83 -26.86 -20.97 -38.80
CA MET G 83 -25.95 -22.01 -39.24
C MET G 83 -26.51 -22.64 -40.51
N ASN G 84 -25.75 -22.55 -41.60
CA ASN G 84 -26.14 -23.17 -42.86
C ASN G 84 -24.93 -23.86 -43.47
N SER G 85 -25.20 -24.81 -44.36
CA SER G 85 -24.18 -25.68 -44.95
C SER G 85 -23.41 -26.42 -43.85
N LEU G 86 -24.15 -27.23 -43.10
CA LEU G 86 -23.61 -27.91 -41.94
C LEU G 86 -22.67 -29.03 -42.36
N LYS G 87 -21.98 -29.61 -41.37
CA LYS G 87 -21.04 -30.69 -41.57
C LYS G 87 -21.20 -31.67 -40.41
N PRO G 88 -20.85 -32.94 -40.60
CA PRO G 88 -21.06 -33.92 -39.53
C PRO G 88 -20.36 -33.59 -38.23
N GLU G 89 -19.20 -32.95 -38.26
CA GLU G 89 -18.46 -32.63 -37.05
C GLU G 89 -18.99 -31.39 -36.34
N ASP G 90 -20.15 -30.87 -36.74
CA ASP G 90 -20.77 -29.74 -36.07
C ASP G 90 -21.78 -30.16 -35.01
N THR G 91 -21.97 -31.47 -34.80
CA THR G 91 -22.92 -31.93 -33.81
C THR G 91 -22.36 -31.74 -32.41
N ALA G 92 -23.10 -31.04 -31.57
CA ALA G 92 -22.67 -30.70 -30.21
C ALA G 92 -23.86 -30.07 -29.49
N VAL G 93 -23.63 -29.61 -28.27
CA VAL G 93 -24.60 -28.84 -27.50
C VAL G 93 -24.13 -27.40 -27.48
N TYR G 94 -25.04 -26.47 -27.81
CA TYR G 94 -24.67 -25.07 -28.00
C TYR G 94 -25.22 -24.23 -26.86
N TYR G 95 -24.41 -23.31 -26.36
CA TYR G 95 -24.77 -22.41 -25.27
C TYR G 95 -24.55 -20.96 -25.70
N CYS G 96 -25.37 -20.07 -25.16
CA CYS G 96 -25.13 -18.63 -25.29
C CYS G 96 -24.62 -18.12 -23.96
N ALA G 97 -23.47 -17.45 -23.97
CA ALA G 97 -22.79 -17.04 -22.76
C ALA G 97 -22.63 -15.53 -22.75
N ARG G 98 -22.96 -14.91 -21.62
CA ARG G 98 -22.76 -13.49 -21.43
C ARG G 98 -21.42 -13.23 -20.76
N CYS G 99 -20.72 -12.21 -21.24
CA CYS G 99 -19.46 -11.83 -20.62
C CYS G 99 -19.74 -11.24 -19.23
N PRO G 100 -18.84 -11.47 -18.27
CA PRO G 100 -19.18 -11.23 -16.86
C PRO G 100 -19.52 -9.78 -16.52
N ALA G 101 -18.92 -8.80 -17.18
CA ALA G 101 -19.09 -7.43 -16.73
C ALA G 101 -19.57 -6.53 -17.85
N PRO G 102 -20.34 -5.48 -17.52
CA PRO G 102 -20.82 -4.56 -18.55
C PRO G 102 -19.77 -3.51 -18.89
N PHE G 103 -20.00 -2.85 -20.02
CA PHE G 103 -19.16 -1.74 -20.48
C PHE G 103 -17.70 -2.14 -20.57
N THR G 104 -17.46 -3.40 -20.90
CA THR G 104 -16.11 -3.94 -20.97
C THR G 104 -15.96 -4.73 -22.26
N ARG G 105 -14.86 -4.48 -22.96
CA ARG G 105 -14.69 -5.00 -24.31
C ARG G 105 -13.75 -6.20 -24.33
N ASP G 106 -13.60 -6.87 -23.19
CA ASP G 106 -13.05 -8.21 -23.10
C ASP G 106 -13.78 -8.98 -22.02
N CYS G 107 -13.68 -10.30 -22.04
CA CYS G 107 -14.33 -11.13 -21.03
C CYS G 107 -13.63 -12.49 -20.96
N PHE G 108 -13.51 -13.01 -19.74
CA PHE G 108 -12.51 -14.03 -19.42
C PHE G 108 -13.04 -15.46 -19.51
N ASP G 109 -14.02 -15.79 -18.68
CA ASP G 109 -14.27 -17.16 -18.27
C ASP G 109 -15.49 -17.78 -18.94
N VAL G 110 -15.80 -17.36 -20.17
CA VAL G 110 -17.02 -17.84 -20.81
C VAL G 110 -16.94 -19.33 -21.09
N THR G 111 -15.78 -19.81 -21.52
CA THR G 111 -15.60 -21.22 -21.87
C THR G 111 -15.04 -22.01 -20.69
N SER G 112 -15.70 -21.88 -19.55
CA SER G 112 -15.27 -22.54 -18.33
C SER G 112 -16.22 -23.68 -17.99
N THR G 113 -15.73 -24.60 -17.15
CA THR G 113 -16.51 -25.78 -16.83
C THR G 113 -17.81 -25.43 -16.11
N THR G 114 -17.75 -24.53 -15.14
CA THR G 114 -18.93 -24.11 -14.37
C THR G 114 -18.97 -22.58 -14.40
N TYR G 115 -19.60 -22.03 -15.43
CA TYR G 115 -19.76 -20.60 -15.59
C TYR G 115 -21.18 -20.22 -15.22
N ALA G 116 -21.33 -19.13 -14.47
CA ALA G 116 -22.62 -18.79 -13.90
C ALA G 116 -23.59 -18.21 -14.92
N TYR G 117 -23.09 -17.47 -15.91
CA TYR G 117 -23.95 -16.68 -16.79
C TYR G 117 -24.03 -17.23 -18.20
N ARG G 118 -24.12 -18.54 -18.36
CA ARG G 118 -24.43 -19.12 -19.65
C ARG G 118 -25.63 -20.05 -19.52
N GLY G 119 -26.29 -20.29 -20.65
CA GLY G 119 -27.56 -20.98 -20.66
C GLY G 119 -27.47 -22.47 -20.42
N GLN G 120 -28.55 -23.18 -20.71
CA GLN G 120 -28.65 -24.60 -20.43
C GLN G 120 -28.19 -25.48 -21.59
N GLY G 121 -28.30 -25.00 -22.81
CA GLY G 121 -27.82 -25.74 -23.96
C GLY G 121 -28.93 -26.35 -24.78
N THR G 122 -28.73 -26.35 -26.10
CA THR G 122 -29.57 -27.07 -27.03
C THR G 122 -28.72 -28.04 -27.82
N GLN G 123 -29.30 -29.19 -28.15
CA GLN G 123 -28.59 -30.26 -28.82
C GLN G 123 -28.82 -30.18 -30.32
N VAL G 124 -27.73 -30.23 -31.09
CA VAL G 124 -27.78 -30.21 -32.55
C VAL G 124 -27.12 -31.48 -33.05
N THR G 125 -27.84 -32.23 -33.87
CA THR G 125 -27.37 -33.51 -34.38
C THR G 125 -27.39 -33.49 -35.90
N VAL G 126 -26.33 -33.99 -36.52
CA VAL G 126 -26.23 -34.02 -37.97
C VAL G 126 -25.49 -35.27 -38.43
#